data_8R49
#
_entry.id   8R49
#
_cell.length_a   218.630
_cell.length_b   136.728
_cell.length_c   123.155
_cell.angle_alpha   90.000
_cell.angle_beta   91.470
_cell.angle_gamma   90.000
#
_symmetry.space_group_name_H-M   'C 1 2 1'
#
loop_
_entity.id
_entity.type
_entity.pdbx_description
1 polymer 'Alpha-1,4 glucan phosphorylase L-1 isozyme, chloroplastic/amyloplastic'
2 branched Cycloheptakis-(1-4)-(alpha-D-glucopyranose)
3 non-polymer 'DIMETHYL SULFOXIDE'
4 water water
#
_entity_poly.entity_id   1
_entity_poly.type   'polypeptide(L)'
_entity_poly.pdbx_seq_one_letter_code
;TLSEKIHHPITEQGGESDLSSFAPDAASITSSIKYHAEFTPVFSPERFELPKAFFATAQSVRDSLLINWNATYDIYEKLN
MKQAYYLSMEFLQGRALLNAIGNLELTGAFAEALKNLGHNLENVASQEPDAALGNGGLGRLASCFLDSLATLNYPAWGYG
LRYKYGLFKQRITKDGQEEVAEDWLEIGSPWEVVRNDVSYPIKFYGKVSTGSDGKRYWIGGEDIKAVAYDVPIPGYKTRT
TISLRLWSTQVPSADFDLSAFNAGEHTKACEAQANAEKICYILYPGDESEEGKILRLKQQYTLCSASLQDIISRFERRSG
DRIKWEEFPEKVAVQMNDTHPTLCIPELMRILIDLKGLNWNEAWNITQRTVAYTNHTVLPEALEKWSYELMQKLLPRHVE
IIEAIDEELVHEIVLKYGSMDLNKLEEKLTTMRILENFDLPSSVAELFIKPEISVDDDTETVEVHDKVEASDKVVTNDED
DTGKKTSVKIEAAAEKDIDKKTPVSPEPAVIPPKKVRMANLCVVGGHAVNGVAEIHSEIVKEEVFNDFYELWPEKFQNKT
NGVTPRRWIRFCNPPLSAIITKWTGTEDWVLKTEKLAELQKFADNEDLQNEWREAKRSNKIKVVSFLKEKTGYSVVPDAM
FDIQVKRIHEYKRQLLNIFGIVYRYKKMKEMTAAERKTNFVPRVCIFGGKAFATYVQAKRIVKFITDVGATINHDPEIGD
LLKVVFVPDYNVSVAELLIPASDLSEHISTAGMEASGTSNM(LLP)FAMNGCIQIGTLDGANVEIREEVGEENFFLFGAQ
AHEIAGLRKERADGKFVPDERFEEVKEFVRSGAFGSYNYDDLIGSLEGNEGFGRADYFLVGKDFPSYIECQEKVDEAYRD
QKRWTTMSILNTAGSYKFSSDRTIHEYAKDIWNIEAVEIA
;
_entity_poly.pdbx_strand_id   A,B,C
#
# COMPACT_ATOMS: atom_id res chain seq x y z
N ALA A 23 36.92 7.34 -59.37
CA ALA A 23 37.68 6.35 -58.55
C ALA A 23 37.55 6.68 -57.07
N PRO A 24 36.36 6.50 -56.44
CA PRO A 24 36.13 6.94 -55.07
C PRO A 24 36.95 6.13 -54.07
N ASP A 25 37.66 6.82 -53.17
CA ASP A 25 38.43 6.20 -52.11
C ASP A 25 37.82 6.57 -50.77
N ALA A 26 38.40 6.04 -49.68
CA ALA A 26 37.92 6.32 -48.34
C ALA A 26 37.85 7.82 -48.08
N ALA A 27 38.82 8.58 -48.61
CA ALA A 27 38.88 10.02 -48.38
C ALA A 27 37.71 10.73 -49.04
N SER A 28 37.49 10.45 -50.34
CA SER A 28 36.44 11.11 -51.09
C SER A 28 35.07 10.75 -50.52
N ILE A 29 34.89 9.47 -50.15
CA ILE A 29 33.63 8.99 -49.60
C ILE A 29 33.37 9.68 -48.27
N THR A 30 34.41 9.88 -47.46
CA THR A 30 34.26 10.54 -46.18
C THR A 30 33.75 11.97 -46.40
N SER A 31 34.40 12.70 -47.31
CA SER A 31 33.98 14.06 -47.67
C SER A 31 32.56 14.05 -48.23
N SER A 32 32.23 13.01 -48.99
CA SER A 32 30.92 12.87 -49.61
C SER A 32 29.83 12.74 -48.54
N ILE A 33 30.09 11.91 -47.52
CA ILE A 33 29.12 11.65 -46.46
C ILE A 33 28.92 12.91 -45.63
N LYS A 34 30.04 13.58 -45.29
CA LYS A 34 29.99 14.84 -44.56
C LYS A 34 29.21 15.87 -45.36
N TYR A 35 29.50 15.97 -46.66
CA TYR A 35 28.84 16.92 -47.54
C TYR A 35 27.32 16.74 -47.45
N HIS A 36 26.85 15.49 -47.60
CA HIS A 36 25.44 15.22 -47.64
C HIS A 36 24.78 15.49 -46.28
N ALA A 37 25.51 15.19 -45.21
CA ALA A 37 24.99 15.39 -43.86
C ALA A 37 24.67 16.86 -43.60
N GLU A 38 25.44 17.76 -44.23
CA GLU A 38 25.31 19.19 -44.02
C GLU A 38 24.36 19.80 -45.06
N PHE A 39 24.52 19.45 -46.34
CA PHE A 39 23.93 20.23 -47.42
C PHE A 39 22.69 19.57 -48.02
N THR A 40 22.49 18.27 -47.78
CA THR A 40 21.22 17.63 -48.06
C THR A 40 20.70 17.01 -46.77
N PRO A 41 20.44 17.82 -45.73
CA PRO A 41 20.02 17.30 -44.44
C PRO A 41 18.55 16.92 -44.39
N VAL A 42 18.24 15.96 -43.52
CA VAL A 42 16.88 15.67 -43.14
C VAL A 42 16.79 15.59 -41.62
N PHE A 43 17.81 16.11 -40.93
CA PHE A 43 17.86 16.16 -39.48
C PHE A 43 18.47 17.48 -39.03
N SER A 44 18.37 17.75 -37.72
CA SER A 44 19.01 18.90 -37.10
C SER A 44 20.52 18.81 -37.25
N PRO A 45 21.27 19.94 -37.20
CA PRO A 45 22.72 19.92 -37.39
C PRO A 45 23.50 19.20 -36.29
N GLU A 46 22.95 19.18 -35.06
CA GLU A 46 23.67 18.67 -33.91
C GLU A 46 23.99 17.18 -34.08
N ARG A 47 25.28 16.83 -33.89
CA ARG A 47 25.73 15.47 -33.69
C ARG A 47 25.63 14.67 -34.99
N PHE A 48 26.09 13.41 -34.92
CA PHE A 48 26.09 12.51 -36.06
C PHE A 48 25.61 11.14 -35.60
N GLU A 49 24.33 11.06 -35.27
CA GLU A 49 23.71 9.81 -34.80
C GLU A 49 23.59 8.83 -35.96
N LEU A 50 23.12 7.61 -35.67
CA LEU A 50 23.01 6.56 -36.68
C LEU A 50 22.08 6.99 -37.81
N PRO A 51 20.82 7.40 -37.54
CA PRO A 51 19.87 7.70 -38.62
C PRO A 51 20.43 8.71 -39.60
N LYS A 52 21.07 9.76 -39.07
CA LYS A 52 21.69 10.78 -39.92
C LYS A 52 22.82 10.15 -40.74
N ALA A 53 23.64 9.31 -40.09
CA ALA A 53 24.78 8.69 -40.75
C ALA A 53 24.32 7.82 -41.91
N PHE A 54 23.20 7.09 -41.70
CA PHE A 54 22.67 6.22 -42.71
C PHE A 54 22.25 7.02 -43.95
N PHE A 55 21.45 8.07 -43.72
CA PHE A 55 20.94 8.90 -44.80
C PHE A 55 22.08 9.50 -45.60
N ALA A 56 23.11 9.97 -44.90
CA ALA A 56 24.25 10.61 -45.55
C ALA A 56 25.04 9.57 -46.35
N THR A 57 25.18 8.37 -45.78
CA THR A 57 25.88 7.28 -46.45
C THR A 57 25.11 6.91 -47.70
N ALA A 58 23.79 6.73 -47.57
CA ALA A 58 22.94 6.29 -48.67
C ALA A 58 22.98 7.29 -49.82
N GLN A 59 23.02 8.57 -49.48
CA GLN A 59 23.04 9.64 -50.49
C GLN A 59 24.39 9.63 -51.22
N SER A 60 25.48 9.35 -50.49
CA SER A 60 26.78 9.21 -51.10
C SER A 60 26.80 8.05 -52.09
N VAL A 61 26.18 6.93 -51.71
CA VAL A 61 26.09 5.78 -52.59
C VAL A 61 25.31 6.18 -53.82
N ARG A 62 24.20 6.89 -53.62
CA ARG A 62 23.25 7.21 -54.67
C ARG A 62 23.90 8.11 -55.74
N ASP A 63 24.83 8.96 -55.31
CA ASP A 63 25.60 9.78 -56.23
C ASP A 63 26.24 8.90 -57.30
N SER A 64 26.86 7.80 -56.87
CA SER A 64 27.51 6.88 -57.79
C SER A 64 26.47 6.20 -58.66
N LEU A 65 25.39 5.73 -58.03
CA LEU A 65 24.33 5.04 -58.74
C LEU A 65 23.81 5.92 -59.89
N LEU A 66 23.63 7.22 -59.63
CA LEU A 66 23.05 8.13 -60.60
C LEU A 66 23.98 8.34 -61.79
N ILE A 67 25.30 8.44 -61.57
CA ILE A 67 26.25 8.58 -62.65
C ILE A 67 26.01 7.45 -63.66
N ASN A 68 25.99 6.22 -63.14
CA ASN A 68 25.95 5.02 -63.97
C ASN A 68 24.55 4.81 -64.53
N TRP A 69 23.53 5.21 -63.76
CA TRP A 69 22.16 5.16 -64.22
C TRP A 69 22.01 6.03 -65.47
N ASN A 70 22.64 7.21 -65.45
CA ASN A 70 22.60 8.13 -66.57
C ASN A 70 23.41 7.59 -67.75
N ALA A 71 24.61 7.07 -67.46
CA ALA A 71 25.46 6.48 -68.49
C ALA A 71 24.71 5.38 -69.23
N THR A 72 24.05 4.50 -68.48
CA THR A 72 23.25 3.43 -69.04
C THR A 72 22.09 3.99 -69.84
N TYR A 73 21.38 4.97 -69.25
CA TYR A 73 20.19 5.56 -69.84
C TYR A 73 20.53 6.13 -71.22
N ASP A 74 21.67 6.82 -71.30
CA ASP A 74 22.10 7.52 -72.49
C ASP A 74 22.41 6.52 -73.61
N ILE A 75 23.24 5.52 -73.29
CA ILE A 75 23.63 4.49 -74.24
C ILE A 75 22.38 3.79 -74.78
N TYR A 76 21.46 3.42 -73.89
CA TYR A 76 20.25 2.71 -74.28
C TYR A 76 19.41 3.57 -75.23
N GLU A 77 19.44 4.89 -75.00
CA GLU A 77 18.64 5.82 -75.78
C GLU A 77 19.21 5.96 -77.18
N LYS A 78 20.53 6.17 -77.28
CA LYS A 78 21.20 6.38 -78.56
C LYS A 78 21.16 5.11 -79.40
N LEU A 79 21.49 3.98 -78.79
CA LEU A 79 21.63 2.72 -79.50
C LEU A 79 20.28 2.18 -79.97
N ASN A 80 19.24 2.32 -79.14
CA ASN A 80 17.88 1.93 -79.49
C ASN A 80 17.75 0.42 -79.74
N MET A 81 18.42 -0.38 -78.91
CA MET A 81 18.28 -1.83 -78.95
C MET A 81 16.88 -2.20 -78.49
N LYS A 82 16.59 -3.51 -78.47
CA LYS A 82 15.37 -4.01 -77.85
C LYS A 82 15.52 -3.95 -76.34
N GLN A 83 14.44 -3.55 -75.66
CA GLN A 83 14.45 -3.41 -74.21
C GLN A 83 13.33 -4.27 -73.62
N ALA A 84 13.62 -4.92 -72.50
CA ALA A 84 12.66 -5.79 -71.84
C ALA A 84 12.10 -5.10 -70.60
N TYR A 85 10.82 -5.34 -70.32
CA TYR A 85 10.15 -4.72 -69.19
C TYR A 85 9.47 -5.80 -68.34
N TYR A 86 9.96 -5.97 -67.11
CA TYR A 86 9.42 -6.96 -66.19
C TYR A 86 8.35 -6.30 -65.32
N LEU A 87 7.09 -6.69 -65.49
CA LEU A 87 5.99 -6.08 -64.74
C LEU A 87 5.56 -7.03 -63.63
N SER A 88 5.45 -6.48 -62.41
CA SER A 88 5.15 -7.27 -61.22
C SER A 88 4.42 -6.41 -60.19
N MET A 89 3.43 -7.03 -59.54
CA MET A 89 2.68 -6.36 -58.49
C MET A 89 3.48 -6.35 -57.19
N GLU A 90 4.62 -7.06 -57.16
CA GLU A 90 5.48 -6.98 -56.01
C GLU A 90 6.95 -7.10 -56.41
N PHE A 91 7.80 -6.33 -55.71
CA PHE A 91 9.24 -6.50 -55.71
C PHE A 91 9.71 -6.52 -54.27
N LEU A 92 10.44 -7.57 -53.89
CA LEU A 92 10.90 -7.72 -52.51
C LEU A 92 12.37 -7.31 -52.47
N GLN A 93 12.59 -5.99 -52.45
CA GLN A 93 13.90 -5.41 -52.70
C GLN A 93 14.80 -5.51 -51.47
N GLY A 94 14.21 -5.54 -50.28
CA GLY A 94 14.99 -5.54 -49.06
C GLY A 94 15.79 -4.24 -48.91
N ARG A 95 16.91 -4.32 -48.17
CA ARG A 95 17.83 -3.21 -48.00
C ARG A 95 18.75 -3.13 -49.22
N ALA A 96 19.10 -1.90 -49.61
CA ALA A 96 19.86 -1.64 -50.82
C ALA A 96 21.34 -1.39 -50.52
N LEU A 97 21.65 -0.93 -49.30
CA LEU A 97 22.93 -0.32 -49.00
C LEU A 97 24.10 -1.26 -49.33
N LEU A 98 24.18 -2.41 -48.63
CA LEU A 98 25.35 -3.27 -48.71
C LEU A 98 25.51 -3.85 -50.12
N ASN A 99 24.39 -4.11 -50.80
CA ASN A 99 24.43 -4.66 -52.15
C ASN A 99 24.88 -3.61 -53.16
N ALA A 100 24.49 -2.35 -52.92
CA ALA A 100 24.85 -1.25 -53.80
C ALA A 100 26.36 -1.02 -53.75
N ILE A 101 26.91 -0.89 -52.54
CA ILE A 101 28.34 -0.71 -52.35
C ILE A 101 29.07 -1.98 -52.77
N GLY A 102 28.44 -3.14 -52.52
CA GLY A 102 29.01 -4.42 -52.93
C GLY A 102 29.24 -4.48 -54.44
N ASN A 103 28.17 -4.26 -55.22
CA ASN A 103 28.24 -4.31 -56.66
C ASN A 103 29.16 -3.20 -57.22
N LEU A 104 29.22 -2.07 -56.52
CA LEU A 104 30.09 -0.97 -56.92
C LEU A 104 31.54 -1.27 -56.54
N GLU A 105 31.76 -2.26 -55.67
CA GLU A 105 33.07 -2.62 -55.17
C GLU A 105 33.64 -1.46 -54.34
N LEU A 106 32.89 -1.01 -53.33
CA LEU A 106 33.32 0.09 -52.48
C LEU A 106 33.06 -0.24 -51.01
N THR A 107 32.82 -1.52 -50.70
CA THR A 107 32.51 -1.94 -49.34
C THR A 107 33.65 -1.51 -48.40
N GLY A 108 34.90 -1.65 -48.88
CA GLY A 108 36.07 -1.33 -48.08
C GLY A 108 36.16 0.17 -47.81
N ALA A 109 36.00 0.97 -48.86
CA ALA A 109 36.15 2.43 -48.76
C ALA A 109 35.07 3.01 -47.85
N PHE A 110 33.83 2.52 -48.00
CA PHE A 110 32.69 3.01 -47.22
C PHE A 110 32.84 2.59 -45.75
N ALA A 111 33.37 1.39 -45.53
CA ALA A 111 33.62 0.89 -44.17
C ALA A 111 34.67 1.76 -43.48
N GLU A 112 35.72 2.13 -44.22
CA GLU A 112 36.80 2.95 -43.71
C GLU A 112 36.32 4.38 -43.46
N ALA A 113 35.56 4.93 -44.41
CA ALA A 113 35.00 6.28 -44.29
C ALA A 113 34.12 6.39 -43.05
N LEU A 114 33.26 5.38 -42.83
CA LEU A 114 32.38 5.38 -41.67
C LEU A 114 33.20 5.22 -40.38
N LYS A 115 34.29 4.47 -40.45
CA LYS A 115 35.21 4.35 -39.33
C LYS A 115 35.69 5.74 -38.92
N ASN A 116 36.15 6.51 -39.92
CA ASN A 116 36.64 7.86 -39.71
C ASN A 116 35.58 8.75 -39.07
N LEU A 117 34.30 8.49 -39.35
CA LEU A 117 33.22 9.35 -38.85
C LEU A 117 32.66 8.78 -37.54
N GLY A 118 33.29 7.73 -36.99
CA GLY A 118 32.96 7.23 -35.66
C GLY A 118 31.79 6.25 -35.68
N HIS A 119 31.62 5.54 -36.81
CA HIS A 119 30.60 4.53 -36.97
C HIS A 119 31.21 3.30 -37.63
N ASN A 120 30.46 2.20 -37.65
CA ASN A 120 30.84 1.02 -38.41
C ASN A 120 29.71 0.65 -39.36
N LEU A 121 30.10 -0.05 -40.43
CA LEU A 121 29.22 -0.28 -41.57
C LEU A 121 27.96 -1.04 -41.16
N GLU A 122 28.11 -2.08 -40.34
CA GLU A 122 27.02 -2.99 -40.03
C GLU A 122 25.95 -2.26 -39.23
N ASN A 123 26.39 -1.35 -38.35
CA ASN A 123 25.48 -0.56 -37.54
C ASN A 123 24.69 0.43 -38.40
N VAL A 124 25.34 1.01 -39.41
CA VAL A 124 24.69 1.97 -40.29
C VAL A 124 23.67 1.23 -41.16
N ALA A 125 24.08 0.08 -41.70
CA ALA A 125 23.24 -0.69 -42.61
C ALA A 125 21.97 -1.15 -41.91
N SER A 126 22.04 -1.35 -40.60
CA SER A 126 20.91 -1.87 -39.84
C SER A 126 19.85 -0.80 -39.62
N GLN A 127 20.21 0.47 -39.87
CA GLN A 127 19.24 1.56 -39.77
C GLN A 127 18.25 1.49 -40.93
N GLU A 128 18.72 1.05 -42.11
CA GLU A 128 17.90 1.03 -43.30
C GLU A 128 16.72 0.09 -43.12
N PRO A 129 15.48 0.55 -43.34
CA PRO A 129 14.33 -0.35 -43.39
C PRO A 129 14.30 -1.10 -44.72
N ASP A 130 13.83 -2.34 -44.70
CA ASP A 130 13.51 -3.05 -45.93
C ASP A 130 12.47 -2.23 -46.68
N ALA A 131 12.68 -2.07 -48.00
CA ALA A 131 11.68 -1.45 -48.85
C ALA A 131 10.46 -2.38 -48.91
N ALA A 132 9.32 -1.93 -48.39
CA ALA A 132 8.12 -2.75 -48.31
C ALA A 132 7.34 -2.66 -49.62
N LEU A 133 7.90 -3.27 -50.67
CA LEU A 133 7.36 -3.18 -52.02
C LEU A 133 6.85 -4.53 -52.52
N GLY A 134 6.94 -5.57 -51.68
CA GLY A 134 6.52 -6.91 -52.05
C GLY A 134 6.17 -7.76 -50.82
N ASN A 135 5.96 -9.07 -51.04
CA ASN A 135 5.51 -9.96 -49.98
C ASN A 135 6.39 -11.21 -49.93
N GLY A 136 6.45 -11.98 -51.02
CA GLY A 136 7.04 -13.31 -50.99
C GLY A 136 7.90 -13.61 -52.20
N GLY A 137 7.99 -14.92 -52.53
CA GLY A 137 8.88 -15.41 -53.56
C GLY A 137 8.63 -14.73 -54.89
N LEU A 138 7.35 -14.47 -55.20
CA LEU A 138 6.97 -13.80 -56.44
C LEU A 138 7.74 -12.50 -56.57
N GLY A 139 7.68 -11.68 -55.51
CA GLY A 139 8.35 -10.40 -55.47
C GLY A 139 9.87 -10.56 -55.44
N ARG A 140 10.35 -11.55 -54.68
CA ARG A 140 11.77 -11.75 -54.51
C ARG A 140 12.39 -12.24 -55.81
N LEU A 141 11.64 -13.06 -56.56
CA LEU A 141 12.09 -13.53 -57.86
C LEU A 141 12.36 -12.31 -58.75
N ALA A 142 11.41 -11.37 -58.76
CA ALA A 142 11.51 -10.17 -59.58
C ALA A 142 12.78 -9.40 -59.22
N SER A 143 13.02 -9.29 -57.90
CA SER A 143 14.15 -8.54 -57.39
C SER A 143 15.47 -9.18 -57.80
N CYS A 144 15.59 -10.51 -57.58
CA CYS A 144 16.77 -11.26 -57.99
C CYS A 144 17.01 -11.05 -59.49
N PHE A 145 15.93 -11.07 -60.27
CA PHE A 145 15.99 -10.89 -61.72
C PHE A 145 16.60 -9.53 -62.05
N LEU A 146 16.21 -8.48 -61.32
CA LEU A 146 16.72 -7.15 -61.59
C LEU A 146 18.23 -7.10 -61.37
N ASP A 147 18.71 -7.80 -60.32
CA ASP A 147 20.13 -7.88 -60.05
C ASP A 147 20.84 -8.58 -61.21
N SER A 148 20.31 -9.72 -61.63
CA SER A 148 20.90 -10.47 -62.72
C SER A 148 20.90 -9.63 -64.01
N LEU A 149 19.73 -9.07 -64.36
CA LEU A 149 19.59 -8.28 -65.58
C LEU A 149 20.66 -7.19 -65.66
N ALA A 150 20.87 -6.46 -64.56
CA ALA A 150 21.87 -5.40 -64.52
C ALA A 150 23.28 -5.98 -64.60
N THR A 151 23.55 -7.04 -63.81
CA THR A 151 24.87 -7.62 -63.73
C THR A 151 25.30 -8.12 -65.12
N LEU A 152 24.35 -8.67 -65.88
CA LEU A 152 24.63 -9.32 -67.15
C LEU A 152 24.54 -8.33 -68.31
N ASN A 153 24.27 -7.05 -68.01
CA ASN A 153 24.31 -5.96 -68.98
C ASN A 153 23.15 -6.06 -69.97
N TYR A 154 22.04 -6.68 -69.53
CA TYR A 154 20.85 -6.81 -70.35
C TYR A 154 19.99 -5.54 -70.25
N PRO A 155 19.59 -4.92 -71.38
CA PRO A 155 18.73 -3.74 -71.34
C PRO A 155 17.29 -4.11 -70.97
N ALA A 156 16.98 -3.93 -69.68
CA ALA A 156 15.67 -4.26 -69.15
C ALA A 156 15.40 -3.41 -67.90
N TRP A 157 14.12 -3.11 -67.67
CA TRP A 157 13.66 -2.39 -66.50
C TRP A 157 12.61 -3.23 -65.78
N GLY A 158 12.40 -2.92 -64.50
CA GLY A 158 11.24 -3.38 -63.76
C GLY A 158 10.21 -2.26 -63.67
N TYR A 159 8.92 -2.63 -63.54
CA TYR A 159 7.83 -1.70 -63.31
C TYR A 159 6.97 -2.24 -62.18
N GLY A 160 6.67 -1.39 -61.20
CA GLY A 160 5.87 -1.79 -60.06
C GLY A 160 5.16 -0.59 -59.43
N LEU A 161 4.42 -0.87 -58.35
CA LEU A 161 3.75 0.17 -57.59
C LEU A 161 4.60 0.52 -56.38
N ARG A 162 4.63 1.81 -56.04
CA ARG A 162 5.30 2.31 -54.86
C ARG A 162 4.33 2.27 -53.68
N TYR A 163 4.29 1.12 -52.99
CA TYR A 163 3.40 0.91 -51.87
C TYR A 163 3.91 1.65 -50.64
N LYS A 164 3.01 2.37 -49.97
CA LYS A 164 3.37 3.24 -48.86
C LYS A 164 3.59 2.42 -47.59
N TYR A 165 2.67 1.48 -47.32
CA TYR A 165 2.66 0.74 -46.07
C TYR A 165 2.88 -0.76 -46.29
N GLY A 166 3.43 -1.13 -47.46
CA GLY A 166 3.72 -2.52 -47.79
C GLY A 166 2.50 -3.40 -47.62
N LEU A 167 2.71 -4.60 -47.06
CA LEU A 167 1.63 -5.51 -46.71
C LEU A 167 1.25 -5.24 -45.27
N PHE A 168 2.13 -5.63 -44.34
CA PHE A 168 2.04 -5.24 -42.94
C PHE A 168 3.31 -5.69 -42.22
N LYS A 169 3.68 -4.93 -41.19
CA LYS A 169 4.74 -5.33 -40.27
C LYS A 169 4.14 -6.28 -39.24
N GLN A 170 4.77 -7.43 -39.06
CA GLN A 170 4.33 -8.42 -38.09
C GLN A 170 4.95 -8.11 -36.73
N ARG A 171 4.13 -8.12 -35.69
CA ARG A 171 4.63 -8.18 -34.32
C ARG A 171 4.11 -9.45 -33.68
N ILE A 172 4.94 -10.05 -32.80
CA ILE A 172 4.55 -11.23 -32.05
C ILE A 172 4.36 -10.83 -30.59
N THR A 173 3.12 -10.92 -30.11
CA THR A 173 2.75 -10.59 -28.74
C THR A 173 2.53 -11.87 -27.95
N LYS A 174 2.20 -11.71 -26.67
CA LYS A 174 1.66 -12.78 -25.84
C LYS A 174 0.52 -13.48 -26.56
N ASP A 175 -0.26 -12.71 -27.36
CA ASP A 175 -1.44 -13.23 -28.03
C ASP A 175 -1.09 -13.75 -29.42
N GLY A 176 0.18 -13.61 -29.84
CA GLY A 176 0.61 -14.10 -31.14
C GLY A 176 0.81 -12.96 -32.14
N GLN A 177 0.40 -13.17 -33.40
CA GLN A 177 0.62 -12.18 -34.45
C GLN A 177 -0.32 -11.00 -34.29
N GLU A 178 0.24 -9.79 -34.40
CA GLU A 178 -0.52 -8.59 -34.67
C GLU A 178 0.08 -7.90 -35.89
N GLU A 179 -0.77 -7.17 -36.63
CA GLU A 179 -0.37 -6.49 -37.85
C GLU A 179 -0.42 -4.98 -37.65
N VAL A 180 0.61 -4.29 -38.17
CA VAL A 180 0.67 -2.84 -38.14
C VAL A 180 1.32 -2.37 -39.43
N ALA A 181 0.89 -1.20 -39.92
CA ALA A 181 1.32 -0.66 -41.19
C ALA A 181 2.81 -0.35 -41.17
N GLU A 182 3.45 -0.48 -42.34
CA GLU A 182 4.89 -0.33 -42.47
C GLU A 182 5.27 1.14 -42.39
N ASP A 183 6.45 1.41 -41.84
CA ASP A 183 6.89 2.75 -41.53
C ASP A 183 8.09 3.12 -42.40
N TRP A 184 8.28 2.41 -43.52
CA TRP A 184 9.53 2.51 -44.25
C TRP A 184 9.69 3.88 -44.94
N LEU A 185 8.56 4.55 -45.22
CA LEU A 185 8.58 5.84 -45.91
C LEU A 185 8.28 6.98 -44.93
N GLU A 186 8.31 6.70 -43.62
CA GLU A 186 7.90 7.67 -42.62
C GLU A 186 8.81 8.90 -42.68
N ILE A 187 10.11 8.67 -42.89
CA ILE A 187 11.06 9.74 -43.17
C ILE A 187 11.28 9.85 -44.68
N GLY A 188 11.24 8.72 -45.39
CA GLY A 188 11.38 8.69 -46.84
C GLY A 188 12.55 7.80 -47.27
N SER A 189 12.60 7.45 -48.55
CA SER A 189 13.66 6.62 -49.09
C SER A 189 14.79 7.50 -49.62
N PRO A 190 16.06 7.29 -49.18
CA PRO A 190 17.19 8.02 -49.74
C PRO A 190 17.58 7.58 -51.14
N TRP A 191 17.00 6.45 -51.58
CA TRP A 191 17.40 5.80 -52.82
C TRP A 191 16.61 6.35 -54.01
N GLU A 192 15.29 6.50 -53.83
CA GLU A 192 14.41 6.77 -54.96
C GLU A 192 14.70 8.14 -55.56
N VAL A 193 14.37 8.27 -56.86
CA VAL A 193 14.50 9.51 -57.62
C VAL A 193 13.14 9.83 -58.24
N VAL A 194 12.46 10.84 -57.72
CA VAL A 194 11.17 11.23 -58.24
C VAL A 194 11.36 11.92 -59.58
N ARG A 195 10.52 11.55 -60.56
CA ARG A 195 10.52 12.17 -61.87
C ARG A 195 9.20 12.95 -62.02
N ASN A 196 9.25 14.22 -61.65
CA ASN A 196 8.06 15.05 -61.59
C ASN A 196 7.49 15.29 -62.98
N ASP A 197 8.36 15.23 -64.00
CA ASP A 197 7.94 15.41 -65.38
C ASP A 197 7.44 14.09 -65.98
N VAL A 198 7.52 12.98 -65.25
CA VAL A 198 7.07 11.69 -65.75
C VAL A 198 5.75 11.35 -65.05
N SER A 199 4.66 11.87 -65.63
CA SER A 199 3.33 11.68 -65.10
C SER A 199 2.43 11.20 -66.24
N TYR A 200 1.57 10.22 -65.96
CA TYR A 200 0.70 9.69 -66.99
C TYR A 200 -0.73 9.64 -66.47
N PRO A 201 -1.71 10.02 -67.31
CA PRO A 201 -3.11 9.97 -66.91
C PRO A 201 -3.63 8.54 -66.91
N ILE A 202 -4.36 8.18 -65.84
CA ILE A 202 -5.10 6.93 -65.76
C ILE A 202 -6.58 7.26 -65.63
N LYS A 203 -7.42 6.53 -66.38
CA LYS A 203 -8.86 6.74 -66.36
C LYS A 203 -9.54 5.51 -65.77
N PHE A 204 -10.63 5.75 -65.03
CA PHE A 204 -11.50 4.69 -64.56
C PHE A 204 -12.95 5.06 -64.87
N TYR A 205 -13.84 4.06 -64.88
CA TYR A 205 -15.25 4.24 -65.13
C TYR A 205 -15.45 4.92 -66.49
N GLY A 206 -16.48 5.77 -66.60
CA GLY A 206 -16.74 6.51 -67.82
C GLY A 206 -17.49 5.64 -68.83
N LYS A 207 -17.60 6.17 -70.07
CA LYS A 207 -18.35 5.53 -71.13
C LYS A 207 -17.55 5.58 -72.43
N VAL A 208 -17.91 4.69 -73.36
CA VAL A 208 -17.33 4.66 -74.69
C VAL A 208 -18.37 5.15 -75.69
N SER A 209 -17.89 5.77 -76.78
CA SER A 209 -18.76 6.28 -77.82
C SER A 209 -17.97 6.40 -79.12
N THR A 210 -18.68 6.23 -80.24
CA THR A 210 -18.04 6.25 -81.55
C THR A 210 -18.10 7.67 -82.11
N GLY A 211 -16.99 8.12 -82.69
CA GLY A 211 -16.93 9.42 -83.34
C GLY A 211 -17.38 9.33 -84.79
N SER A 212 -17.54 10.49 -85.43
CA SER A 212 -17.89 10.56 -86.84
C SER A 212 -16.75 10.06 -87.71
N ASP A 213 -15.56 9.86 -87.12
CA ASP A 213 -14.41 9.31 -87.82
C ASP A 213 -14.39 7.79 -87.71
N GLY A 214 -15.30 7.24 -86.88
CA GLY A 214 -15.48 5.80 -86.77
C GLY A 214 -14.63 5.19 -85.67
N LYS A 215 -13.88 6.03 -84.94
CA LYS A 215 -13.00 5.57 -83.87
C LYS A 215 -13.77 5.57 -82.55
N ARG A 216 -13.28 4.77 -81.60
CA ARG A 216 -13.88 4.71 -80.27
C ARG A 216 -13.22 5.75 -79.37
N TYR A 217 -14.06 6.38 -78.53
CA TYR A 217 -13.63 7.42 -77.60
C TYR A 217 -14.12 7.05 -76.20
N TRP A 218 -13.17 6.87 -75.28
CA TRP A 218 -13.47 6.55 -73.89
C TRP A 218 -13.44 7.83 -73.07
N ILE A 219 -14.63 8.41 -72.82
CA ILE A 219 -14.73 9.70 -72.15
C ILE A 219 -15.21 9.49 -70.72
N GLY A 220 -15.03 10.52 -69.90
CA GLY A 220 -15.64 10.61 -68.59
C GLY A 220 -14.96 9.72 -67.56
N GLY A 221 -15.67 9.48 -66.44
CA GLY A 221 -15.21 8.63 -65.38
C GLY A 221 -14.40 9.41 -64.35
N GLU A 222 -13.39 8.74 -63.77
CA GLU A 222 -12.44 9.35 -62.87
C GLU A 222 -11.12 9.49 -63.62
N ASP A 223 -10.41 10.60 -63.38
CA ASP A 223 -9.09 10.82 -63.96
C ASP A 223 -8.09 11.05 -62.83
N ILE A 224 -6.97 10.30 -62.86
CA ILE A 224 -5.91 10.45 -61.88
C ILE A 224 -4.56 10.47 -62.62
N LYS A 225 -3.48 10.71 -61.87
CA LYS A 225 -2.14 10.72 -62.43
C LYS A 225 -1.29 9.62 -61.80
N ALA A 226 -0.28 9.16 -62.55
CA ALA A 226 0.69 8.20 -62.07
C ALA A 226 2.08 8.76 -62.28
N VAL A 227 2.84 8.90 -61.18
CA VAL A 227 4.12 9.57 -61.23
C VAL A 227 5.25 8.57 -60.97
N ALA A 228 6.33 8.71 -61.73
CA ALA A 228 7.42 7.77 -61.71
C ALA A 228 8.39 8.09 -60.58
N TYR A 229 8.78 7.03 -59.85
CA TYR A 229 9.91 7.06 -58.94
C TYR A 229 10.89 5.98 -59.37
N ASP A 230 12.13 6.37 -59.69
CA ASP A 230 13.15 5.41 -60.10
C ASP A 230 13.91 4.93 -58.88
N VAL A 231 14.06 3.60 -58.78
CA VAL A 231 15.02 2.99 -57.88
C VAL A 231 16.14 2.41 -58.75
N PRO A 232 17.35 3.01 -58.74
CA PRO A 232 18.48 2.46 -59.48
C PRO A 232 18.86 1.06 -58.99
N ILE A 233 19.15 0.16 -59.93
CA ILE A 233 19.59 -1.19 -59.62
C ILE A 233 20.95 -1.39 -60.28
N PRO A 234 22.05 -1.36 -59.51
CA PRO A 234 23.39 -1.52 -60.07
C PRO A 234 23.78 -2.98 -60.27
N GLY A 235 24.50 -3.26 -61.36
CA GLY A 235 25.01 -4.59 -61.64
C GLY A 235 26.34 -4.82 -60.92
N TYR A 236 26.68 -6.10 -60.75
CA TYR A 236 27.90 -6.51 -60.08
C TYR A 236 29.06 -6.40 -61.06
N LYS A 237 30.07 -5.59 -60.68
CA LYS A 237 31.29 -5.40 -61.45
C LYS A 237 30.96 -4.92 -62.86
N THR A 238 29.98 -4.03 -62.96
CA THR A 238 29.64 -3.39 -64.23
C THR A 238 29.13 -1.99 -63.93
N ARG A 239 29.07 -1.16 -64.98
CA ARG A 239 28.48 0.16 -64.91
C ARG A 239 26.98 0.10 -65.21
N THR A 240 26.53 -1.00 -65.83
CA THR A 240 25.11 -1.14 -66.14
C THR A 240 24.31 -0.93 -64.86
N THR A 241 23.55 0.16 -64.83
CA THR A 241 22.60 0.42 -63.77
C THR A 241 21.24 0.65 -64.41
N ILE A 242 20.29 -0.24 -64.12
CA ILE A 242 18.96 -0.19 -64.70
C ILE A 242 18.02 0.43 -63.69
N SER A 243 16.71 0.43 -64.02
CA SER A 243 15.71 1.09 -63.22
C SER A 243 14.65 0.08 -62.77
N LEU A 244 14.25 0.20 -61.51
CA LEU A 244 12.95 -0.28 -61.06
C LEU A 244 12.07 0.96 -60.93
N ARG A 245 11.22 1.18 -61.93
CA ARG A 245 10.40 2.37 -62.00
C ARG A 245 9.05 2.08 -61.33
N LEU A 246 8.79 2.80 -60.24
CA LEU A 246 7.60 2.59 -59.43
C LEU A 246 6.60 3.72 -59.68
N TRP A 247 5.31 3.37 -59.62
CA TRP A 247 4.24 4.33 -59.85
C TRP A 247 3.60 4.74 -58.53
N SER A 248 3.39 6.05 -58.36
CA SER A 248 2.62 6.57 -57.25
C SER A 248 1.45 7.40 -57.82
N THR A 249 0.25 7.09 -57.33
CA THR A 249 -0.98 7.65 -57.87
C THR A 249 -1.35 8.89 -57.08
N GLN A 250 -1.78 9.94 -57.77
CA GLN A 250 -2.18 11.20 -57.14
C GLN A 250 -3.10 11.99 -58.07
N VAL A 251 -3.59 13.13 -57.57
CA VAL A 251 -4.41 14.04 -58.36
C VAL A 251 -3.85 15.45 -58.18
N PRO A 252 -4.11 16.40 -59.12
CA PRO A 252 -3.63 17.77 -58.97
C PRO A 252 -4.25 18.43 -57.74
N SER A 253 -3.58 19.48 -57.25
CA SER A 253 -4.01 20.24 -56.10
C SER A 253 -5.42 20.79 -56.32
N ALA A 254 -5.73 21.13 -57.57
CA ALA A 254 -6.97 21.79 -57.95
C ALA A 254 -8.18 20.91 -57.64
N ASP A 255 -7.98 19.60 -57.51
CA ASP A 255 -9.07 18.68 -57.24
C ASP A 255 -9.48 18.74 -55.77
N PHE A 256 -8.72 19.49 -54.95
CA PHE A 256 -9.08 19.70 -53.56
C PHE A 256 -10.29 20.65 -53.54
N ASP A 257 -11.36 20.25 -52.83
CA ASP A 257 -12.61 20.98 -52.87
C ASP A 257 -12.65 21.97 -51.71
N LEU A 258 -12.28 23.22 -52.00
CA LEU A 258 -12.27 24.29 -51.01
C LEU A 258 -13.68 24.56 -50.50
N SER A 259 -14.67 24.50 -51.41
CA SER A 259 -16.05 24.79 -51.07
C SER A 259 -16.52 23.85 -49.96
N ALA A 260 -16.26 22.55 -50.15
CA ALA A 260 -16.59 21.53 -49.16
C ALA A 260 -15.82 21.79 -47.87
N PHE A 261 -14.51 22.06 -47.98
CA PHE A 261 -13.64 22.12 -46.82
C PHE A 261 -14.05 23.29 -45.94
N ASN A 262 -14.20 24.47 -46.54
CA ASN A 262 -14.62 25.67 -45.81
C ASN A 262 -16.03 25.54 -45.22
N ALA A 263 -16.87 24.66 -45.79
CA ALA A 263 -18.22 24.42 -45.28
C ALA A 263 -18.21 23.50 -44.05
N GLY A 264 -17.07 22.88 -43.78
CA GLY A 264 -16.89 21.99 -42.63
C GLY A 264 -16.82 20.52 -43.03
N GLU A 265 -17.11 20.23 -44.32
CA GLU A 265 -17.09 18.86 -44.83
C GLU A 265 -15.67 18.50 -45.24
N HIS A 266 -14.77 18.37 -44.24
CA HIS A 266 -13.35 18.23 -44.45
C HIS A 266 -13.01 16.91 -45.13
N THR A 267 -13.80 15.86 -44.86
CA THR A 267 -13.56 14.56 -45.45
C THR A 267 -13.94 14.59 -46.92
N LYS A 268 -15.13 15.13 -47.20
CA LYS A 268 -15.66 15.21 -48.55
C LYS A 268 -14.72 16.00 -49.46
N ALA A 269 -14.00 16.97 -48.89
CA ALA A 269 -13.08 17.82 -49.64
C ALA A 269 -11.87 17.01 -50.13
N CYS A 270 -11.43 16.06 -49.29
CA CYS A 270 -10.19 15.30 -49.46
C CYS A 270 -10.45 14.07 -50.35
N GLU A 271 -11.71 13.88 -50.73
CA GLU A 271 -12.25 12.64 -51.25
C GLU A 271 -11.57 12.18 -52.54
N ALA A 272 -11.35 13.11 -53.47
CA ALA A 272 -10.79 12.79 -54.78
C ALA A 272 -9.37 12.27 -54.65
N GLN A 273 -8.57 12.94 -53.81
CA GLN A 273 -7.17 12.58 -53.65
C GLN A 273 -7.08 11.30 -52.82
N ALA A 274 -8.01 11.09 -51.90
CA ALA A 274 -8.03 9.88 -51.09
C ALA A 274 -8.26 8.65 -51.97
N ASN A 275 -9.23 8.77 -52.89
CA ASN A 275 -9.61 7.69 -53.78
C ASN A 275 -8.45 7.40 -54.74
N ALA A 276 -7.67 8.43 -55.09
CA ALA A 276 -6.58 8.29 -56.04
C ALA A 276 -5.36 7.65 -55.39
N GLU A 277 -5.05 8.06 -54.15
CA GLU A 277 -3.81 7.71 -53.50
C GLU A 277 -3.86 6.32 -52.88
N LYS A 278 -5.06 5.88 -52.45
CA LYS A 278 -5.21 4.61 -51.74
C LYS A 278 -4.78 3.44 -52.62
N ILE A 279 -4.74 3.67 -53.94
CA ILE A 279 -4.26 2.68 -54.89
C ILE A 279 -2.88 2.20 -54.48
N CYS A 280 -2.04 3.10 -53.94
CA CYS A 280 -0.67 2.76 -53.61
C CYS A 280 -0.45 2.67 -52.11
N TYR A 281 -1.49 2.40 -51.34
CA TYR A 281 -1.36 2.34 -49.88
C TYR A 281 -0.78 1.00 -49.47
N ILE A 282 -1.52 -0.10 -49.69
CA ILE A 282 -1.04 -1.41 -49.25
C ILE A 282 -1.15 -2.43 -50.39
N LEU A 283 -0.37 -3.50 -50.23
CA LEU A 283 -0.21 -4.56 -51.21
C LEU A 283 -1.21 -5.67 -50.92
N TYR A 284 -1.93 -6.11 -51.95
CA TYR A 284 -2.97 -7.14 -51.82
C TYR A 284 -3.99 -6.70 -50.76
N PRO A 285 -4.71 -5.57 -50.98
CA PRO A 285 -5.77 -5.16 -50.06
C PRO A 285 -6.92 -6.15 -50.01
N GLY A 286 -7.51 -6.33 -48.83
CA GLY A 286 -8.63 -7.24 -48.64
C GLY A 286 -9.71 -7.00 -49.70
N ASP A 287 -10.18 -8.09 -50.32
CA ASP A 287 -11.05 -8.01 -51.47
C ASP A 287 -12.32 -8.85 -51.28
N GLU A 288 -12.70 -9.10 -50.02
CA GLU A 288 -14.02 -9.64 -49.72
C GLU A 288 -15.09 -8.63 -50.12
N SER A 289 -14.78 -7.34 -49.89
CA SER A 289 -15.68 -6.24 -50.19
C SER A 289 -15.64 -5.90 -51.68
N GLU A 290 -16.72 -5.27 -52.16
CA GLU A 290 -16.81 -4.75 -53.52
C GLU A 290 -15.72 -3.68 -53.71
N GLU A 291 -15.61 -2.81 -52.69
CA GLU A 291 -14.61 -1.74 -52.69
C GLU A 291 -13.20 -2.31 -52.80
N GLY A 292 -12.94 -3.43 -52.10
CA GLY A 292 -11.66 -4.09 -52.14
C GLY A 292 -11.31 -4.61 -53.54
N LYS A 293 -12.31 -5.19 -54.21
CA LYS A 293 -12.12 -5.74 -55.55
C LYS A 293 -11.85 -4.61 -56.54
N ILE A 294 -12.65 -3.54 -56.45
CA ILE A 294 -12.48 -2.39 -57.31
C ILE A 294 -11.05 -1.88 -57.16
N LEU A 295 -10.63 -1.73 -55.89
CA LEU A 295 -9.30 -1.22 -55.58
C LEU A 295 -8.24 -2.10 -56.25
N ARG A 296 -8.38 -3.42 -56.12
CA ARG A 296 -7.43 -4.36 -56.70
C ARG A 296 -7.35 -4.12 -58.20
N LEU A 297 -8.50 -3.99 -58.86
CA LEU A 297 -8.53 -3.86 -60.31
C LEU A 297 -7.86 -2.55 -60.72
N LYS A 298 -8.07 -1.50 -59.92
CA LYS A 298 -7.44 -0.21 -60.17
C LYS A 298 -5.92 -0.34 -60.08
N GLN A 299 -5.43 -1.06 -59.06
CA GLN A 299 -4.01 -1.28 -58.88
C GLN A 299 -3.41 -1.91 -60.14
N GLN A 300 -4.04 -2.99 -60.60
CA GLN A 300 -3.58 -3.71 -61.79
C GLN A 300 -3.57 -2.78 -63.00
N TYR A 301 -4.69 -2.07 -63.21
CA TYR A 301 -4.84 -1.24 -64.39
C TYR A 301 -3.78 -0.14 -64.35
N THR A 302 -3.61 0.46 -63.17
CA THR A 302 -2.65 1.55 -62.98
C THR A 302 -1.26 1.07 -63.40
N LEU A 303 -0.86 -0.09 -62.89
CA LEU A 303 0.45 -0.67 -63.21
C LEU A 303 0.58 -0.81 -64.72
N CYS A 304 -0.39 -1.50 -65.33
CA CYS A 304 -0.34 -1.82 -66.76
C CYS A 304 -0.30 -0.55 -67.60
N SER A 305 -1.23 0.38 -67.33
CA SER A 305 -1.43 1.53 -68.18
C SER A 305 -0.25 2.49 -68.10
N ALA A 306 0.13 2.85 -66.86
CA ALA A 306 1.26 3.75 -66.63
C ALA A 306 2.53 3.20 -67.26
N SER A 307 2.79 1.90 -66.99
CA SER A 307 3.97 1.24 -67.52
C SER A 307 3.99 1.32 -69.05
N LEU A 308 2.88 0.90 -69.68
CA LEU A 308 2.80 0.79 -71.13
C LEU A 308 2.97 2.16 -71.76
N GLN A 309 2.27 3.16 -71.22
CA GLN A 309 2.36 4.52 -71.73
C GLN A 309 3.81 4.98 -71.74
N ASP A 310 4.52 4.72 -70.64
CA ASP A 310 5.92 5.10 -70.50
C ASP A 310 6.78 4.34 -71.50
N ILE A 311 6.47 3.05 -71.72
CA ILE A 311 7.20 2.22 -72.65
C ILE A 311 7.00 2.75 -74.06
N ILE A 312 5.73 3.02 -74.40
CA ILE A 312 5.36 3.45 -75.74
C ILE A 312 5.97 4.83 -76.02
N SER A 313 5.91 5.72 -75.02
CA SER A 313 6.56 7.01 -75.12
C SER A 313 8.03 6.83 -75.50
N ARG A 314 8.72 5.91 -74.82
CA ARG A 314 10.14 5.69 -75.04
C ARG A 314 10.35 5.12 -76.44
N PHE A 315 9.43 4.26 -76.89
CA PHE A 315 9.50 3.70 -78.23
C PHE A 315 9.36 4.81 -79.26
N GLU A 316 8.43 5.74 -79.02
CA GLU A 316 8.17 6.83 -79.95
C GLU A 316 9.42 7.70 -80.04
N ARG A 317 9.91 8.15 -78.89
CA ARG A 317 11.26 8.70 -78.80
C ARG A 317 12.17 7.57 -79.28
N ARG A 318 13.44 7.86 -79.56
CA ARG A 318 14.35 6.85 -80.08
C ARG A 318 14.02 6.54 -81.53
N SER A 319 12.72 6.55 -81.92
CA SER A 319 12.32 6.31 -83.30
C SER A 319 12.63 7.52 -84.18
N GLY A 320 12.66 8.72 -83.58
CA GLY A 320 12.87 9.94 -84.33
C GLY A 320 11.70 10.22 -85.27
N ASP A 321 12.02 10.53 -86.53
CA ASP A 321 11.04 10.94 -87.53
C ASP A 321 10.21 9.74 -87.97
N ARG A 322 10.88 8.72 -88.53
CA ARG A 322 10.23 7.49 -88.95
C ARG A 322 9.74 6.72 -87.73
N ILE A 323 8.47 6.32 -87.73
CA ILE A 323 7.88 5.66 -86.58
C ILE A 323 7.11 4.43 -87.06
N LYS A 324 7.82 3.30 -87.13
CA LYS A 324 7.29 2.09 -87.74
C LYS A 324 6.76 1.16 -86.66
N TRP A 325 5.44 1.12 -86.48
CA TRP A 325 4.82 0.40 -85.38
C TRP A 325 5.03 -1.11 -85.49
N GLU A 326 5.35 -1.61 -86.68
CA GLU A 326 5.55 -3.04 -86.85
C GLU A 326 6.88 -3.45 -86.22
N GLU A 327 7.74 -2.48 -85.91
CA GLU A 327 8.99 -2.75 -85.21
C GLU A 327 8.82 -2.74 -83.69
N PHE A 328 7.59 -2.52 -83.20
CA PHE A 328 7.38 -2.39 -81.77
C PHE A 328 7.87 -3.64 -81.06
N PRO A 329 7.45 -4.86 -81.45
CA PRO A 329 7.89 -6.08 -80.76
C PRO A 329 9.37 -6.39 -80.94
N GLU A 330 9.99 -5.83 -81.98
CA GLU A 330 11.42 -5.96 -82.20
C GLU A 330 12.19 -5.00 -81.29
N LYS A 331 11.48 -4.10 -80.60
CA LYS A 331 12.10 -3.12 -79.73
C LYS A 331 11.63 -3.26 -78.28
N VAL A 332 10.52 -3.97 -78.05
CA VAL A 332 9.89 -4.00 -76.74
C VAL A 332 9.46 -5.43 -76.41
N ALA A 333 9.82 -5.87 -75.19
CA ALA A 333 9.26 -7.08 -74.60
C ALA A 333 8.62 -6.72 -73.27
N VAL A 334 7.46 -7.32 -73.00
CA VAL A 334 6.76 -7.11 -71.75
C VAL A 334 6.48 -8.46 -71.12
N GLN A 335 7.09 -8.71 -69.96
CA GLN A 335 6.87 -9.94 -69.23
C GLN A 335 5.84 -9.69 -68.13
N MET A 336 4.83 -10.57 -68.07
CA MET A 336 3.78 -10.45 -67.07
C MET A 336 4.08 -11.47 -65.97
N ASN A 337 4.52 -10.96 -64.80
CA ASN A 337 4.78 -11.80 -63.66
C ASN A 337 3.44 -12.16 -63.00
N ASP A 338 2.91 -13.32 -63.38
CA ASP A 338 1.62 -13.82 -62.92
C ASP A 338 0.52 -13.09 -63.69
N THR A 339 -0.74 -13.28 -63.27
CA THR A 339 -1.90 -12.80 -64.00
C THR A 339 -2.23 -11.35 -63.64
N HIS A 340 -1.44 -10.74 -62.74
CA HIS A 340 -1.74 -9.41 -62.24
C HIS A 340 -1.63 -8.40 -63.38
N PRO A 341 -0.56 -8.41 -64.22
CA PRO A 341 -0.44 -7.50 -65.35
C PRO A 341 -1.19 -7.91 -66.62
N THR A 342 -2.26 -8.69 -66.47
CA THR A 342 -3.02 -9.22 -67.60
C THR A 342 -3.57 -8.08 -68.46
N LEU A 343 -3.98 -6.98 -67.83
CA LEU A 343 -4.62 -5.88 -68.53
C LEU A 343 -3.67 -5.23 -69.54
N CYS A 344 -2.39 -5.61 -69.52
CA CYS A 344 -1.44 -5.13 -70.52
C CYS A 344 -1.92 -5.44 -71.94
N ILE A 345 -2.53 -6.63 -72.10
CA ILE A 345 -2.99 -7.08 -73.42
C ILE A 345 -4.09 -6.15 -73.92
N PRO A 346 -5.27 -6.07 -73.24
CA PRO A 346 -6.33 -5.13 -73.66
C PRO A 346 -5.85 -3.69 -73.82
N GLU A 347 -5.01 -3.24 -72.88
CA GLU A 347 -4.58 -1.84 -72.84
C GLU A 347 -3.71 -1.53 -74.05
N LEU A 348 -2.76 -2.42 -74.37
CA LEU A 348 -1.86 -2.19 -75.49
C LEU A 348 -2.67 -2.18 -76.80
N MET A 349 -3.71 -3.02 -76.86
CA MET A 349 -4.62 -2.99 -77.99
C MET A 349 -5.30 -1.63 -78.04
N ARG A 350 -5.91 -1.23 -76.91
CA ARG A 350 -6.62 0.02 -76.81
C ARG A 350 -5.76 1.18 -77.32
N ILE A 351 -4.47 1.20 -76.94
CA ILE A 351 -3.58 2.30 -77.28
C ILE A 351 -3.29 2.27 -78.78
N LEU A 352 -2.99 1.09 -79.31
CA LEU A 352 -2.58 0.96 -80.71
C LEU A 352 -3.75 1.26 -81.64
N ILE A 353 -4.97 0.85 -81.26
CA ILE A 353 -6.15 1.10 -82.05
C ILE A 353 -6.60 2.54 -81.88
N ASP A 354 -7.02 2.89 -80.66
CA ASP A 354 -7.76 4.13 -80.41
C ASP A 354 -6.82 5.34 -80.54
N LEU A 355 -5.56 5.19 -80.11
CA LEU A 355 -4.66 6.32 -80.00
C LEU A 355 -3.72 6.39 -81.21
N LYS A 356 -3.23 5.24 -81.67
CA LYS A 356 -2.22 5.20 -82.73
C LYS A 356 -2.87 4.94 -84.09
N GLY A 357 -4.13 4.49 -84.09
CA GLY A 357 -4.95 4.42 -85.29
C GLY A 357 -4.73 3.15 -86.10
N LEU A 358 -4.02 2.17 -85.52
CA LEU A 358 -3.74 0.92 -86.22
C LEU A 358 -5.03 0.10 -86.32
N ASN A 359 -5.01 -0.89 -87.21
CA ASN A 359 -6.16 -1.76 -87.42
C ASN A 359 -6.01 -3.00 -86.54
N TRP A 360 -7.13 -3.68 -86.29
CA TRP A 360 -7.19 -4.76 -85.32
C TRP A 360 -6.03 -5.74 -85.47
N ASN A 361 -5.79 -6.21 -86.70
CA ASN A 361 -4.84 -7.28 -86.94
C ASN A 361 -3.42 -6.80 -86.64
N GLU A 362 -3.07 -5.60 -87.10
CA GLU A 362 -1.76 -5.03 -86.83
C GLU A 362 -1.51 -4.96 -85.32
N ALA A 363 -2.50 -4.45 -84.60
CA ALA A 363 -2.40 -4.24 -83.16
C ALA A 363 -2.26 -5.58 -82.45
N TRP A 364 -3.07 -6.56 -82.86
CA TRP A 364 -3.10 -7.88 -82.26
C TRP A 364 -1.78 -8.61 -82.50
N ASN A 365 -1.24 -8.45 -83.71
CA ASN A 365 0.08 -8.99 -84.05
C ASN A 365 1.11 -8.43 -83.08
N ILE A 366 1.20 -7.09 -83.03
CA ILE A 366 2.18 -6.40 -82.22
C ILE A 366 2.04 -6.82 -80.76
N THR A 367 0.79 -6.84 -80.26
CA THR A 367 0.51 -7.20 -78.88
C THR A 367 1.11 -8.56 -78.53
N GLN A 368 0.73 -9.58 -79.31
CA GLN A 368 1.13 -10.95 -79.03
C GLN A 368 2.65 -11.08 -79.05
N ARG A 369 3.30 -10.40 -80.00
CA ARG A 369 4.73 -10.50 -80.17
C ARG A 369 5.47 -9.72 -79.09
N THR A 370 4.74 -8.89 -78.32
CA THR A 370 5.34 -8.09 -77.26
C THR A 370 5.18 -8.81 -75.91
N VAL A 371 3.97 -9.32 -75.64
CA VAL A 371 3.61 -9.81 -74.31
C VAL A 371 4.02 -11.27 -74.14
N ALA A 372 4.37 -11.63 -72.90
CA ALA A 372 4.56 -13.03 -72.50
C ALA A 372 4.10 -13.20 -71.05
N TYR A 373 3.85 -14.45 -70.67
CA TYR A 373 3.23 -14.77 -69.38
C TYR A 373 4.14 -15.75 -68.63
N THR A 374 4.15 -15.62 -67.30
CA THR A 374 4.79 -16.55 -66.39
C THR A 374 3.74 -17.05 -65.40
N ASN A 375 3.60 -18.38 -65.28
CA ASN A 375 2.66 -18.98 -64.36
C ASN A 375 3.41 -19.51 -63.13
N HIS A 376 2.80 -19.34 -61.94
CA HIS A 376 3.43 -19.77 -60.69
C HIS A 376 2.52 -20.73 -59.91
N THR A 377 1.44 -21.22 -60.52
CA THR A 377 0.39 -21.92 -59.80
C THR A 377 0.31 -23.36 -60.29
N VAL A 378 -0.03 -24.27 -59.36
CA VAL A 378 -0.20 -25.68 -59.69
C VAL A 378 -1.65 -25.94 -60.06
N LEU A 379 -2.59 -25.49 -59.22
CA LEU A 379 -4.01 -25.80 -59.39
C LEU A 379 -4.64 -24.84 -60.39
N PRO A 380 -5.64 -25.29 -61.19
CA PRO A 380 -6.41 -24.39 -62.07
C PRO A 380 -7.25 -23.36 -61.31
N GLU A 381 -7.92 -23.79 -60.23
CA GLU A 381 -8.50 -22.84 -59.29
C GLU A 381 -7.33 -22.15 -58.61
N ALA A 382 -7.45 -20.84 -58.40
CA ALA A 382 -6.33 -20.01 -57.98
C ALA A 382 -5.79 -19.22 -59.17
N LEU A 383 -6.28 -19.49 -60.39
CA LEU A 383 -6.05 -18.58 -61.50
C LEU A 383 -7.13 -17.48 -61.46
N GLU A 384 -6.74 -16.25 -61.78
CA GLU A 384 -7.54 -15.08 -61.49
C GLU A 384 -8.79 -15.04 -62.36
N LYS A 385 -9.93 -14.72 -61.73
CA LYS A 385 -11.16 -14.42 -62.46
C LYS A 385 -11.77 -13.13 -61.90
N TRP A 386 -12.47 -12.38 -62.75
CA TRP A 386 -13.14 -11.16 -62.36
C TRP A 386 -14.61 -11.22 -62.72
N SER A 387 -15.44 -10.51 -61.92
CA SER A 387 -16.82 -10.24 -62.29
C SER A 387 -16.85 -9.45 -63.59
N TYR A 388 -17.69 -9.89 -64.53
CA TYR A 388 -17.83 -9.23 -65.82
C TYR A 388 -18.41 -7.82 -65.62
N GLU A 389 -19.49 -7.75 -64.83
CA GLU A 389 -20.20 -6.51 -64.60
C GLU A 389 -19.23 -5.49 -63.99
N LEU A 390 -18.42 -5.96 -63.03
CA LEU A 390 -17.50 -5.09 -62.31
C LEU A 390 -16.43 -4.54 -63.25
N MET A 391 -15.77 -5.43 -64.01
CA MET A 391 -14.72 -5.00 -64.92
C MET A 391 -15.28 -4.09 -66.00
N GLN A 392 -16.50 -4.41 -66.47
CA GLN A 392 -17.12 -3.70 -67.57
C GLN A 392 -17.53 -2.31 -67.12
N LYS A 393 -17.89 -2.16 -65.84
CA LYS A 393 -18.20 -0.86 -65.26
C LYS A 393 -16.93 -0.01 -65.14
N LEU A 394 -15.79 -0.64 -64.78
CA LEU A 394 -14.57 0.08 -64.46
C LEU A 394 -13.75 0.34 -65.73
N LEU A 395 -13.67 -0.65 -66.61
CA LEU A 395 -12.83 -0.56 -67.80
C LEU A 395 -13.65 -0.92 -69.04
N PRO A 396 -14.69 -0.13 -69.39
CA PRO A 396 -15.66 -0.51 -70.42
C PRO A 396 -15.00 -0.81 -71.77
N ARG A 397 -14.04 0.05 -72.15
CA ARG A 397 -13.35 -0.08 -73.42
C ARG A 397 -12.51 -1.35 -73.44
N HIS A 398 -11.97 -1.72 -72.28
CA HIS A 398 -11.16 -2.93 -72.16
C HIS A 398 -12.03 -4.16 -72.36
N VAL A 399 -13.19 -4.20 -71.69
CA VAL A 399 -14.09 -5.34 -71.77
C VAL A 399 -14.54 -5.56 -73.22
N GLU A 400 -14.76 -4.47 -73.96
CA GLU A 400 -15.05 -4.55 -75.38
C GLU A 400 -13.95 -5.34 -76.10
N ILE A 401 -12.69 -4.95 -75.87
CA ILE A 401 -11.55 -5.55 -76.56
C ILE A 401 -11.38 -7.02 -76.13
N ILE A 402 -11.73 -7.33 -74.88
CA ILE A 402 -11.64 -8.70 -74.38
C ILE A 402 -12.68 -9.57 -75.10
N GLU A 403 -13.91 -9.05 -75.22
CA GLU A 403 -15.00 -9.75 -75.90
C GLU A 403 -14.61 -10.05 -77.35
N ALA A 404 -14.01 -9.06 -78.02
CA ALA A 404 -13.55 -9.23 -79.39
C ALA A 404 -12.53 -10.37 -79.49
N ILE A 405 -11.50 -10.31 -78.62
CA ILE A 405 -10.42 -11.30 -78.58
C ILE A 405 -11.01 -12.69 -78.36
N ASP A 406 -12.06 -12.77 -77.53
CA ASP A 406 -12.68 -14.03 -77.19
C ASP A 406 -13.42 -14.61 -78.39
N GLU A 407 -14.11 -13.74 -79.15
CA GLU A 407 -14.88 -14.20 -80.29
C GLU A 407 -13.93 -14.73 -81.36
N GLU A 408 -12.82 -14.01 -81.60
CA GLU A 408 -11.78 -14.44 -82.51
C GLU A 408 -11.28 -15.84 -82.14
N LEU A 409 -11.16 -16.12 -80.84
CA LEU A 409 -10.75 -17.41 -80.34
C LEU A 409 -11.83 -18.45 -80.65
N VAL A 410 -13.11 -18.09 -80.44
CA VAL A 410 -14.22 -19.00 -80.67
C VAL A 410 -14.27 -19.42 -82.14
N HIS A 411 -13.89 -18.52 -83.05
CA HIS A 411 -13.91 -18.81 -84.48
C HIS A 411 -12.69 -19.65 -84.88
N GLU A 412 -11.57 -19.46 -84.18
CA GLU A 412 -10.35 -20.20 -84.45
C GLU A 412 -10.49 -21.65 -83.97
N ILE A 413 -11.18 -21.85 -82.84
CA ILE A 413 -11.48 -23.18 -82.31
C ILE A 413 -12.37 -23.93 -83.31
N VAL A 414 -13.45 -23.28 -83.75
CA VAL A 414 -14.42 -23.91 -84.62
C VAL A 414 -13.74 -24.28 -85.94
N LEU A 415 -12.90 -23.39 -86.48
CA LEU A 415 -12.13 -23.66 -87.69
C LEU A 415 -11.30 -24.93 -87.50
N LYS A 416 -10.41 -24.92 -86.50
CA LYS A 416 -9.43 -25.98 -86.31
C LYS A 416 -10.08 -27.33 -86.02
N TYR A 417 -10.89 -27.45 -84.97
CA TYR A 417 -11.49 -28.72 -84.60
C TYR A 417 -12.65 -29.09 -85.54
N GLY A 418 -13.22 -28.09 -86.22
CA GLY A 418 -14.37 -28.31 -87.08
C GLY A 418 -15.64 -28.52 -86.26
N SER A 419 -16.74 -28.84 -86.94
CA SER A 419 -18.03 -29.05 -86.29
C SER A 419 -18.61 -30.41 -86.68
N MET A 420 -17.79 -31.46 -86.56
CA MET A 420 -18.20 -32.82 -86.89
C MET A 420 -18.52 -33.58 -85.62
N ASP A 421 -17.73 -33.37 -84.55
CA ASP A 421 -17.78 -34.16 -83.33
C ASP A 421 -18.81 -33.60 -82.33
N LEU A 422 -18.76 -32.28 -82.10
CA LEU A 422 -19.73 -31.59 -81.26
C LEU A 422 -19.71 -32.21 -79.87
N ASN A 423 -20.32 -31.54 -78.88
CA ASN A 423 -20.46 -32.11 -77.55
C ASN A 423 -19.10 -32.13 -76.87
N LYS A 424 -18.06 -32.48 -77.63
CA LYS A 424 -16.67 -32.28 -77.25
C LYS A 424 -16.25 -30.86 -77.64
N LEU A 425 -16.59 -30.38 -78.85
CA LEU A 425 -16.25 -29.03 -79.28
C LEU A 425 -16.79 -28.00 -78.27
N GLU A 426 -18.00 -28.28 -77.79
CA GLU A 426 -18.66 -27.51 -76.74
C GLU A 426 -17.83 -27.52 -75.46
N GLU A 427 -17.17 -28.66 -75.18
CA GLU A 427 -16.31 -28.80 -74.01
C GLU A 427 -15.02 -28.02 -74.21
N LYS A 428 -14.50 -27.97 -75.45
CA LYS A 428 -13.28 -27.27 -75.78
C LYS A 428 -13.49 -25.75 -75.76
N LEU A 429 -14.72 -25.31 -75.99
CA LEU A 429 -15.07 -23.90 -75.87
C LEU A 429 -15.20 -23.54 -74.39
N THR A 430 -15.87 -24.41 -73.62
CA THR A 430 -16.18 -24.14 -72.23
C THR A 430 -14.88 -23.94 -71.43
N THR A 431 -13.81 -24.65 -71.80
CA THR A 431 -12.57 -24.62 -71.03
C THR A 431 -11.63 -23.53 -71.51
N MET A 432 -11.69 -23.17 -72.80
CA MET A 432 -10.71 -22.29 -73.41
C MET A 432 -11.20 -20.85 -73.52
N ARG A 433 -12.52 -20.62 -73.46
CA ARG A 433 -13.07 -19.29 -73.65
C ARG A 433 -12.63 -18.39 -72.50
N ILE A 434 -12.44 -17.10 -72.81
CA ILE A 434 -11.97 -16.10 -71.87
C ILE A 434 -13.16 -15.62 -71.03
N LEU A 435 -14.37 -15.62 -71.62
CA LEU A 435 -15.58 -15.28 -70.87
C LEU A 435 -16.22 -16.59 -70.40
N GLU A 436 -16.71 -16.56 -69.16
CA GLU A 436 -17.33 -17.71 -68.53
C GLU A 436 -18.80 -17.40 -68.31
N ASN A 437 -19.66 -18.33 -68.77
CA ASN A 437 -21.11 -18.20 -68.73
C ASN A 437 -21.55 -17.13 -69.74
N PHE A 438 -21.10 -17.29 -70.99
CA PHE A 438 -21.41 -16.38 -72.07
C PHE A 438 -21.96 -17.16 -73.27
N ASP A 439 -22.67 -16.45 -74.17
CA ASP A 439 -23.69 -17.05 -75.01
C ASP A 439 -23.10 -17.72 -76.25
N LEU A 440 -22.03 -17.17 -76.82
CA LEU A 440 -21.44 -17.63 -78.08
C LEU A 440 -22.09 -16.85 -79.22
N PRO A 441 -21.32 -16.50 -80.29
CA PRO A 441 -21.87 -15.72 -81.41
C PRO A 441 -22.96 -16.44 -82.23
N SER A 442 -22.57 -17.49 -82.95
CA SER A 442 -23.53 -18.33 -83.66
C SER A 442 -23.19 -19.79 -83.42
N SER A 443 -23.72 -20.32 -82.30
CA SER A 443 -23.59 -21.74 -81.96
C SER A 443 -24.51 -22.56 -82.85
N VAL A 444 -23.98 -23.68 -83.36
CA VAL A 444 -24.77 -24.63 -84.13
C VAL A 444 -25.74 -25.33 -83.18
N ALA A 445 -25.24 -25.66 -81.98
CA ALA A 445 -26.02 -26.21 -80.88
C ALA A 445 -27.20 -27.07 -81.38
N GLU A 446 -28.28 -26.41 -81.80
CA GLU A 446 -29.55 -27.05 -82.15
C GLU A 446 -29.99 -26.63 -83.56
N ILE A 511 -29.33 -18.34 -62.07
CA ILE A 511 -28.53 -17.60 -63.11
C ILE A 511 -27.04 -17.66 -62.71
N PRO A 512 -26.18 -18.39 -63.46
CA PRO A 512 -24.75 -18.47 -63.11
C PRO A 512 -23.98 -17.20 -63.47
N PRO A 513 -23.12 -16.68 -62.56
CA PRO A 513 -22.49 -15.38 -62.73
C PRO A 513 -21.43 -15.32 -63.83
N LYS A 514 -21.35 -14.16 -64.49
CA LYS A 514 -20.50 -13.97 -65.66
C LYS A 514 -19.13 -13.48 -65.23
N LYS A 515 -18.07 -14.12 -65.76
CA LYS A 515 -16.71 -13.89 -65.28
C LYS A 515 -15.72 -13.78 -66.43
N VAL A 516 -14.58 -13.12 -66.15
CA VAL A 516 -13.48 -12.99 -67.09
C VAL A 516 -12.28 -13.76 -66.54
N ARG A 517 -11.76 -14.69 -67.34
CA ARG A 517 -10.66 -15.54 -66.94
C ARG A 517 -9.34 -14.94 -67.44
N MET A 518 -8.53 -14.44 -66.49
CA MET A 518 -7.38 -13.63 -66.83
C MET A 518 -6.23 -14.49 -67.34
N ALA A 519 -6.13 -15.72 -66.80
CA ALA A 519 -5.08 -16.63 -67.21
C ALA A 519 -5.26 -17.03 -68.66
N ASN A 520 -6.52 -17.31 -69.04
CA ASN A 520 -6.88 -17.63 -70.42
C ASN A 520 -6.48 -16.48 -71.35
N LEU A 521 -6.83 -15.26 -70.93
CA LEU A 521 -6.48 -14.06 -71.68
C LEU A 521 -4.97 -14.02 -71.92
N CYS A 522 -4.18 -14.39 -70.89
CA CYS A 522 -2.73 -14.33 -70.97
C CYS A 522 -2.17 -15.34 -71.98
N VAL A 523 -2.77 -16.52 -72.05
CA VAL A 523 -2.28 -17.59 -72.92
C VAL A 523 -2.67 -17.27 -74.36
N VAL A 524 -3.64 -16.37 -74.56
CA VAL A 524 -4.10 -15.99 -75.89
C VAL A 524 -3.31 -14.79 -76.39
N GLY A 525 -3.12 -13.78 -75.54
CA GLY A 525 -2.56 -12.51 -75.95
C GLY A 525 -1.04 -12.50 -76.00
N GLY A 526 -0.39 -13.55 -75.47
CA GLY A 526 1.05 -13.61 -75.37
C GLY A 526 1.65 -14.61 -76.36
N HIS A 527 2.92 -14.39 -76.72
CA HIS A 527 3.63 -15.30 -77.61
C HIS A 527 4.35 -16.39 -76.82
N ALA A 528 4.31 -16.33 -75.48
CA ALA A 528 5.04 -17.29 -74.65
C ALA A 528 4.35 -17.48 -73.30
N VAL A 529 4.39 -18.72 -72.81
CA VAL A 529 3.86 -19.09 -71.50
C VAL A 529 4.89 -20.02 -70.85
N ASN A 530 5.34 -19.68 -69.63
CA ASN A 530 6.37 -20.47 -68.99
C ASN A 530 6.00 -20.76 -67.53
N GLY A 531 6.37 -21.97 -67.09
CA GLY A 531 6.39 -22.31 -65.68
C GLY A 531 7.78 -22.05 -65.08
N VAL A 532 7.91 -22.35 -63.79
CA VAL A 532 9.05 -21.91 -63.01
C VAL A 532 9.89 -23.10 -62.52
N ALA A 533 9.51 -24.31 -62.93
CA ALA A 533 10.25 -25.53 -62.64
C ALA A 533 9.81 -26.62 -63.61
N GLU A 534 10.70 -27.60 -63.87
CA GLU A 534 10.50 -28.54 -64.96
C GLU A 534 9.18 -29.30 -64.79
N ILE A 535 8.94 -29.83 -63.59
CA ILE A 535 7.71 -30.56 -63.33
C ILE A 535 6.53 -29.61 -63.48
N HIS A 536 6.65 -28.41 -62.91
CA HIS A 536 5.59 -27.41 -62.93
C HIS A 536 5.23 -27.03 -64.37
N SER A 537 6.25 -26.77 -65.20
CA SER A 537 6.04 -26.38 -66.58
C SER A 537 5.29 -27.48 -67.35
N GLU A 538 5.60 -28.74 -67.02
CA GLU A 538 4.89 -29.87 -67.62
C GLU A 538 3.43 -29.87 -67.17
N ILE A 539 3.19 -29.56 -65.88
CA ILE A 539 1.85 -29.50 -65.35
C ILE A 539 1.04 -28.39 -66.06
N VAL A 540 1.70 -27.34 -66.55
CA VAL A 540 0.98 -26.28 -67.25
C VAL A 540 0.44 -26.85 -68.56
N LYS A 541 1.29 -27.58 -69.29
CA LYS A 541 0.97 -28.06 -70.62
C LYS A 541 -0.04 -29.21 -70.56
N GLU A 542 -0.04 -29.97 -69.46
CA GLU A 542 -0.75 -31.24 -69.39
C GLU A 542 -2.08 -31.08 -68.66
N GLU A 543 -2.11 -30.29 -67.57
CA GLU A 543 -3.25 -30.31 -66.67
C GLU A 543 -4.05 -29.00 -66.75
N VAL A 544 -3.38 -27.85 -66.73
CA VAL A 544 -4.07 -26.58 -66.56
C VAL A 544 -4.45 -26.00 -67.92
N PHE A 545 -3.52 -25.99 -68.88
CA PHE A 545 -3.73 -25.38 -70.19
C PHE A 545 -3.55 -26.43 -71.28
N ASN A 546 -4.20 -27.58 -71.08
CA ASN A 546 -4.00 -28.73 -71.95
C ASN A 546 -4.41 -28.37 -73.38
N ASP A 547 -5.63 -27.82 -73.52
CA ASP A 547 -6.21 -27.55 -74.82
C ASP A 547 -5.40 -26.51 -75.58
N PHE A 548 -5.00 -25.44 -74.88
CA PHE A 548 -4.18 -24.40 -75.49
C PHE A 548 -2.85 -24.98 -75.95
N TYR A 549 -2.31 -25.92 -75.17
CA TYR A 549 -1.06 -26.57 -75.51
C TYR A 549 -1.22 -27.32 -76.83
N GLU A 550 -2.40 -27.95 -77.01
CA GLU A 550 -2.74 -28.65 -78.24
C GLU A 550 -2.71 -27.67 -79.41
N LEU A 551 -3.36 -26.51 -79.25
CA LEU A 551 -3.45 -25.49 -80.29
C LEU A 551 -2.07 -24.93 -80.62
N TRP A 552 -1.36 -24.47 -79.60
CA TRP A 552 -0.15 -23.68 -79.76
C TRP A 552 0.99 -24.27 -78.91
N PRO A 553 1.51 -25.47 -79.25
CA PRO A 553 2.59 -26.06 -78.46
C PRO A 553 3.79 -25.13 -78.32
N GLU A 554 4.10 -24.41 -79.41
CA GLU A 554 5.29 -23.57 -79.53
C GLU A 554 5.36 -22.51 -78.43
N LYS A 555 4.21 -22.13 -77.86
CA LYS A 555 4.16 -21.10 -76.83
C LYS A 555 4.86 -21.55 -75.55
N PHE A 556 4.64 -22.81 -75.16
CA PHE A 556 4.92 -23.26 -73.80
C PHE A 556 6.42 -23.50 -73.61
N GLN A 557 6.92 -23.05 -72.44
CA GLN A 557 8.32 -23.15 -72.08
C GLN A 557 8.43 -23.47 -70.59
N ASN A 558 9.68 -23.63 -70.14
CA ASN A 558 10.03 -23.64 -68.74
C ASN A 558 11.13 -22.60 -68.53
N LYS A 559 11.12 -21.97 -67.35
CA LYS A 559 12.27 -21.20 -66.89
C LYS A 559 12.42 -21.45 -65.39
N THR A 560 13.24 -22.44 -65.03
CA THR A 560 13.42 -22.80 -63.64
C THR A 560 13.97 -21.59 -62.88
N ASN A 561 13.44 -21.36 -61.68
CA ASN A 561 13.69 -20.14 -60.93
C ASN A 561 15.14 -20.10 -60.46
N GLY A 562 15.56 -18.90 -60.02
CA GLY A 562 16.90 -18.69 -59.51
C GLY A 562 16.91 -17.57 -58.46
N VAL A 563 18.03 -17.50 -57.73
CA VAL A 563 18.28 -16.46 -56.75
C VAL A 563 19.69 -15.93 -57.00
N THR A 564 19.89 -14.63 -56.76
CA THR A 564 21.14 -13.99 -57.14
C THR A 564 22.23 -14.39 -56.14
N PRO A 565 23.43 -14.83 -56.62
CA PRO A 565 24.53 -15.18 -55.73
C PRO A 565 25.23 -13.97 -55.10
N ARG A 566 24.96 -12.77 -55.64
CA ARG A 566 25.44 -11.53 -55.05
C ARG A 566 24.81 -11.37 -53.68
N ARG A 567 23.49 -11.19 -53.65
CA ARG A 567 22.79 -10.93 -52.41
C ARG A 567 22.88 -12.15 -51.48
N TRP A 568 22.74 -13.35 -52.05
CA TRP A 568 22.42 -14.53 -51.26
C TRP A 568 23.64 -15.40 -50.97
N ILE A 569 24.82 -15.02 -51.46
CA ILE A 569 26.06 -15.61 -50.98
C ILE A 569 27.04 -14.49 -50.64
N ARG A 570 27.43 -13.75 -51.69
CA ARG A 570 28.57 -12.85 -51.61
C ARG A 570 28.44 -11.86 -50.47
N PHE A 571 27.23 -11.30 -50.28
CA PHE A 571 27.05 -10.20 -49.34
C PHE A 571 26.46 -10.69 -48.03
N CYS A 572 25.49 -11.61 -48.08
CA CYS A 572 24.83 -12.07 -46.87
C CYS A 572 25.72 -13.02 -46.07
N ASN A 573 26.77 -13.57 -46.71
CA ASN A 573 27.65 -14.54 -46.08
C ASN A 573 29.10 -14.26 -46.46
N PRO A 574 29.75 -13.24 -45.86
CA PRO A 574 31.18 -13.00 -46.06
C PRO A 574 32.11 -14.14 -45.63
N PRO A 575 31.90 -14.80 -44.46
CA PRO A 575 32.72 -15.92 -44.02
C PRO A 575 32.85 -17.02 -45.07
N LEU A 576 31.72 -17.39 -45.65
CA LEU A 576 31.68 -18.46 -46.64
C LEU A 576 32.32 -17.95 -47.94
N SER A 577 32.01 -16.72 -48.33
CA SER A 577 32.52 -16.15 -49.57
C SER A 577 34.04 -16.26 -49.60
N ALA A 578 34.67 -15.97 -48.45
CA ALA A 578 36.12 -16.03 -48.32
C ALA A 578 36.62 -17.45 -48.58
N ILE A 579 35.89 -18.45 -48.04
CA ILE A 579 36.24 -19.84 -48.25
C ILE A 579 36.17 -20.17 -49.74
N ILE A 580 35.03 -19.83 -50.39
CA ILE A 580 34.84 -20.17 -51.80
C ILE A 580 35.98 -19.56 -52.64
N THR A 581 36.33 -18.30 -52.35
CA THR A 581 37.35 -17.61 -53.13
C THR A 581 38.68 -18.34 -52.98
N LYS A 582 38.98 -18.77 -51.74
CA LYS A 582 40.20 -19.49 -51.44
C LYS A 582 40.27 -20.76 -52.30
N TRP A 583 39.27 -21.63 -52.15
CA TRP A 583 39.35 -22.99 -52.62
C TRP A 583 39.02 -23.11 -54.11
N THR A 584 38.37 -22.10 -54.71
CA THR A 584 38.21 -22.08 -56.16
C THR A 584 39.32 -21.25 -56.79
N GLY A 585 40.17 -20.63 -55.95
CA GLY A 585 41.38 -19.97 -56.40
C GLY A 585 41.14 -18.61 -57.05
N THR A 586 39.88 -18.17 -57.06
CA THR A 586 39.51 -16.89 -57.67
C THR A 586 38.20 -16.41 -57.03
N GLU A 587 37.86 -15.14 -57.30
CA GLU A 587 36.60 -14.57 -56.85
C GLU A 587 35.59 -14.57 -58.00
N ASP A 588 36.01 -15.04 -59.18
CA ASP A 588 35.18 -15.03 -60.39
C ASP A 588 33.83 -15.71 -60.18
N TRP A 589 33.71 -16.54 -59.15
CA TRP A 589 32.54 -17.37 -58.93
C TRP A 589 31.27 -16.55 -58.72
N VAL A 590 31.40 -15.32 -58.21
CA VAL A 590 30.25 -14.45 -58.01
C VAL A 590 29.54 -14.27 -59.35
N LEU A 591 30.32 -14.23 -60.44
CA LEU A 591 29.79 -14.19 -61.79
C LEU A 591 29.66 -15.60 -62.34
N LYS A 592 30.79 -16.33 -62.38
CA LYS A 592 30.86 -17.65 -62.98
C LYS A 592 30.57 -18.70 -61.92
N THR A 593 29.30 -18.80 -61.52
CA THR A 593 28.90 -19.49 -60.30
C THR A 593 29.01 -21.00 -60.45
N GLU A 594 29.19 -21.51 -61.68
CA GLU A 594 29.40 -22.93 -61.90
C GLU A 594 30.67 -23.39 -61.18
N LYS A 595 31.61 -22.46 -60.95
CA LYS A 595 32.87 -22.78 -60.28
C LYS A 595 32.65 -23.25 -58.83
N LEU A 596 31.42 -23.17 -58.31
CA LEU A 596 31.11 -23.72 -57.00
C LEU A 596 31.24 -25.25 -57.03
N ALA A 597 31.01 -25.85 -58.20
CA ALA A 597 31.09 -27.29 -58.37
C ALA A 597 32.50 -27.81 -58.04
N GLU A 598 33.51 -26.94 -58.14
CA GLU A 598 34.88 -27.30 -57.87
C GLU A 598 35.10 -27.65 -56.40
N LEU A 599 34.15 -27.28 -55.52
CA LEU A 599 34.21 -27.64 -54.11
C LEU A 599 33.96 -29.13 -53.88
N GLN A 600 33.32 -29.81 -54.85
CA GLN A 600 32.97 -31.21 -54.71
C GLN A 600 34.20 -32.04 -54.28
N LYS A 601 35.31 -31.83 -55.00
CA LYS A 601 36.49 -32.67 -54.87
C LYS A 601 37.15 -32.48 -53.50
N PHE A 602 36.85 -31.38 -52.81
CA PHE A 602 37.43 -31.12 -51.50
C PHE A 602 36.45 -31.37 -50.35
N ALA A 603 35.29 -31.97 -50.64
CA ALA A 603 34.21 -32.05 -49.67
C ALA A 603 34.59 -32.83 -48.42
N ASP A 604 35.59 -33.72 -48.53
CA ASP A 604 36.01 -34.57 -47.41
C ASP A 604 37.31 -34.06 -46.81
N ASN A 605 37.88 -32.98 -47.37
CA ASN A 605 39.10 -32.37 -46.86
C ASN A 605 38.86 -31.81 -45.46
N GLU A 606 39.75 -32.12 -44.52
CA GLU A 606 39.56 -31.81 -43.11
C GLU A 606 39.83 -30.32 -42.84
N ASP A 607 40.72 -29.73 -43.63
CA ASP A 607 41.02 -28.30 -43.50
C ASP A 607 39.80 -27.48 -43.91
N LEU A 608 39.27 -27.76 -45.11
CA LEU A 608 38.08 -27.11 -45.62
C LEU A 608 36.91 -27.31 -44.65
N GLN A 609 36.77 -28.54 -44.15
CA GLN A 609 35.70 -28.85 -43.22
C GLN A 609 35.77 -27.94 -41.98
N ASN A 610 36.98 -27.73 -41.46
CA ASN A 610 37.16 -26.92 -40.26
C ASN A 610 36.79 -25.47 -40.55
N GLU A 611 37.33 -24.93 -41.65
CA GLU A 611 37.02 -23.58 -42.09
C GLU A 611 35.50 -23.42 -42.24
N TRP A 612 34.88 -24.42 -42.85
CA TRP A 612 33.46 -24.43 -43.17
C TRP A 612 32.64 -24.40 -41.88
N ARG A 613 32.98 -25.27 -40.93
CA ARG A 613 32.30 -25.35 -39.66
C ARG A 613 32.48 -24.04 -38.90
N GLU A 614 33.64 -23.40 -39.05
CA GLU A 614 33.94 -22.17 -38.33
C GLU A 614 33.08 -21.02 -38.88
N ALA A 615 32.95 -20.97 -40.21
CA ALA A 615 32.16 -19.96 -40.89
C ALA A 615 30.70 -20.05 -40.48
N LYS A 616 30.18 -21.28 -40.44
CA LYS A 616 28.80 -21.52 -40.06
C LYS A 616 28.56 -21.10 -38.61
N ARG A 617 29.51 -21.44 -37.73
CA ARG A 617 29.41 -21.07 -36.33
C ARG A 617 29.42 -19.56 -36.18
N SER A 618 30.30 -18.91 -36.95
CA SER A 618 30.44 -17.47 -36.94
C SER A 618 29.10 -16.80 -37.27
N ASN A 619 28.42 -17.33 -38.28
CA ASN A 619 27.16 -16.77 -38.76
C ASN A 619 26.09 -16.92 -37.67
N LYS A 620 26.17 -17.99 -36.87
CA LYS A 620 25.16 -18.28 -35.86
C LYS A 620 25.28 -17.32 -34.67
N ILE A 621 26.46 -16.76 -34.43
CA ILE A 621 26.67 -15.82 -33.34
C ILE A 621 25.79 -14.59 -33.57
N LYS A 622 25.85 -14.05 -34.78
CA LYS A 622 25.08 -12.87 -35.15
C LYS A 622 23.59 -13.11 -34.85
N VAL A 623 23.16 -14.36 -35.10
CA VAL A 623 21.75 -14.73 -34.93
C VAL A 623 21.38 -14.80 -33.45
N VAL A 624 22.30 -15.26 -32.58
CA VAL A 624 22.00 -15.45 -31.16
C VAL A 624 21.60 -14.12 -30.52
N SER A 625 22.32 -13.04 -30.86
CA SER A 625 22.02 -11.71 -30.36
C SER A 625 20.71 -11.20 -30.94
N PHE A 626 20.48 -11.52 -32.22
CA PHE A 626 19.26 -11.12 -32.90
C PHE A 626 18.05 -11.72 -32.19
N LEU A 627 18.12 -13.03 -31.89
CA LEU A 627 17.03 -13.73 -31.23
C LEU A 627 16.82 -13.17 -29.83
N LYS A 628 17.92 -12.80 -29.17
CA LYS A 628 17.84 -12.22 -27.84
C LYS A 628 16.97 -10.97 -27.90
N GLU A 629 17.26 -10.07 -28.84
CA GLU A 629 16.64 -8.75 -28.83
C GLU A 629 15.23 -8.81 -29.43
N LYS A 630 14.93 -9.81 -30.26
CA LYS A 630 13.68 -9.83 -31.01
C LYS A 630 12.65 -10.79 -30.41
N THR A 631 13.12 -11.91 -29.84
CA THR A 631 12.23 -12.92 -29.27
C THR A 631 12.32 -12.91 -27.75
N GLY A 632 13.48 -12.50 -27.21
CA GLY A 632 13.69 -12.41 -25.78
C GLY A 632 14.39 -13.64 -25.22
N TYR A 633 14.62 -14.63 -26.08
CA TYR A 633 15.15 -15.93 -25.68
C TYR A 633 16.64 -15.98 -25.98
N SER A 634 17.41 -16.41 -24.97
CA SER A 634 18.82 -16.69 -25.12
C SER A 634 19.00 -18.13 -25.58
N VAL A 635 19.72 -18.32 -26.70
CA VAL A 635 19.99 -19.64 -27.23
C VAL A 635 21.49 -19.77 -27.49
N VAL A 636 21.97 -21.01 -27.57
CA VAL A 636 23.40 -21.28 -27.72
C VAL A 636 23.68 -21.54 -29.19
N PRO A 637 24.93 -21.29 -29.66
CA PRO A 637 25.36 -21.71 -31.00
C PRO A 637 25.36 -23.23 -31.10
N ASP A 638 26.51 -23.89 -30.92
CA ASP A 638 26.65 -25.32 -30.64
C ASP A 638 25.30 -26.00 -30.44
N ALA A 639 24.54 -26.06 -31.53
CA ALA A 639 23.24 -26.72 -31.63
C ALA A 639 22.78 -26.58 -33.07
N MET A 640 21.95 -27.52 -33.52
CA MET A 640 21.46 -27.49 -34.88
C MET A 640 20.44 -26.36 -35.01
N PHE A 641 20.68 -25.46 -35.97
CA PHE A 641 19.71 -24.43 -36.33
C PHE A 641 18.76 -25.02 -37.37
N ASP A 642 17.52 -25.27 -36.91
CA ASP A 642 16.50 -25.96 -37.69
C ASP A 642 15.39 -24.97 -38.01
N ILE A 643 15.41 -24.46 -39.25
CA ILE A 643 14.66 -23.27 -39.62
C ILE A 643 13.54 -23.61 -40.58
N GLN A 644 12.33 -23.08 -40.29
CA GLN A 644 11.23 -23.07 -41.24
C GLN A 644 10.68 -21.65 -41.35
N VAL A 645 11.08 -20.95 -42.41
CA VAL A 645 10.70 -19.56 -42.63
C VAL A 645 9.92 -19.45 -43.94
N LYS A 646 8.60 -19.26 -43.80
CA LYS A 646 7.73 -19.06 -44.96
C LYS A 646 6.30 -18.78 -44.52
N ARG A 647 5.49 -18.32 -45.48
CA ARG A 647 4.11 -17.95 -45.26
C ARG A 647 3.42 -19.00 -44.39
N ILE A 648 2.81 -18.55 -43.29
CA ILE A 648 2.07 -19.44 -42.41
C ILE A 648 0.78 -19.84 -43.13
N HIS A 649 0.69 -21.13 -43.51
CA HIS A 649 -0.50 -21.68 -44.12
C HIS A 649 -0.53 -23.18 -43.82
N GLU A 650 -1.75 -23.71 -43.64
CA GLU A 650 -1.94 -25.13 -43.36
C GLU A 650 -1.20 -26.00 -44.37
N TYR A 651 -1.13 -25.57 -45.64
CA TYR A 651 -0.60 -26.40 -46.71
C TYR A 651 0.93 -26.37 -46.68
N LYS A 652 1.52 -25.38 -46.00
CA LYS A 652 2.96 -25.31 -45.80
C LYS A 652 3.36 -26.23 -44.66
N ARG A 653 2.41 -26.48 -43.75
CA ARG A 653 2.55 -27.47 -42.70
C ARG A 653 3.68 -27.08 -41.75
N GLN A 654 3.62 -25.84 -41.25
CA GLN A 654 4.33 -25.49 -40.04
C GLN A 654 3.87 -26.45 -38.94
N LEU A 655 2.58 -26.82 -38.97
CA LEU A 655 1.95 -27.64 -37.96
C LEU A 655 2.65 -28.98 -37.84
N LEU A 656 3.10 -29.53 -38.97
CA LEU A 656 3.82 -30.79 -38.99
C LEU A 656 5.12 -30.65 -38.18
N ASN A 657 5.93 -29.64 -38.53
CA ASN A 657 7.22 -29.39 -37.91
C ASN A 657 7.06 -29.31 -36.39
N ILE A 658 6.13 -28.45 -35.95
CA ILE A 658 5.94 -28.18 -34.53
C ILE A 658 5.42 -29.43 -33.82
N PHE A 659 4.61 -30.24 -34.51
CA PHE A 659 4.13 -31.50 -33.97
C PHE A 659 5.33 -32.43 -33.74
N GLY A 660 6.26 -32.46 -34.70
CA GLY A 660 7.50 -33.20 -34.53
C GLY A 660 8.29 -32.73 -33.31
N ILE A 661 8.32 -31.40 -33.11
CA ILE A 661 9.05 -30.81 -32.01
C ILE A 661 8.40 -31.23 -30.69
N VAL A 662 7.06 -31.26 -30.65
CA VAL A 662 6.34 -31.55 -29.42
C VAL A 662 6.48 -33.04 -29.10
N TYR A 663 6.52 -33.90 -30.12
CA TYR A 663 6.76 -35.33 -29.90
C TYR A 663 8.12 -35.49 -29.24
N ARG A 664 9.17 -34.94 -29.87
CA ARG A 664 10.52 -35.02 -29.35
C ARG A 664 10.56 -34.52 -27.90
N TYR A 665 9.85 -33.42 -27.63
CA TYR A 665 9.79 -32.83 -26.30
C TYR A 665 9.21 -33.82 -25.31
N LYS A 666 8.08 -34.45 -25.66
CA LYS A 666 7.40 -35.38 -24.78
C LYS A 666 8.35 -36.54 -24.44
N LYS A 667 8.95 -37.13 -25.49
CA LYS A 667 9.89 -38.23 -25.34
C LYS A 667 11.04 -37.81 -24.42
N MET A 668 11.57 -36.59 -24.60
CA MET A 668 12.49 -36.04 -23.61
C MET A 668 11.74 -36.26 -22.30
N LYS A 669 11.60 -35.29 -21.41
CA LYS A 669 10.64 -35.38 -20.31
C LYS A 669 10.40 -36.81 -19.79
N GLU A 670 9.93 -37.76 -20.61
CA GLU A 670 9.73 -39.15 -20.16
C GLU A 670 11.06 -39.92 -20.21
N MET A 671 12.11 -39.35 -19.63
CA MET A 671 13.47 -39.83 -19.80
C MET A 671 14.35 -39.21 -18.72
N THR A 672 15.50 -39.84 -18.46
CA THR A 672 16.49 -39.27 -17.56
C THR A 672 17.38 -38.30 -18.33
N ALA A 673 18.07 -37.44 -17.59
CA ALA A 673 18.97 -36.45 -18.17
C ALA A 673 19.97 -37.12 -19.12
N ALA A 674 20.65 -38.16 -18.63
CA ALA A 674 21.68 -38.85 -19.39
C ALA A 674 21.13 -39.37 -20.72
N GLU A 675 19.89 -39.87 -20.71
CA GLU A 675 19.26 -40.45 -21.87
C GLU A 675 18.97 -39.37 -22.91
N ARG A 676 18.55 -38.18 -22.44
CA ARG A 676 18.20 -37.07 -23.32
C ARG A 676 19.37 -36.72 -24.23
N LYS A 677 20.57 -36.61 -23.63
CA LYS A 677 21.77 -36.20 -24.35
C LYS A 677 22.19 -37.26 -25.36
N THR A 678 21.91 -38.54 -25.04
CA THR A 678 22.28 -39.64 -25.92
C THR A 678 21.30 -39.76 -27.09
N ASN A 679 20.04 -39.32 -26.88
CA ASN A 679 18.97 -39.57 -27.83
C ASN A 679 18.76 -38.41 -28.80
N PHE A 680 18.91 -37.18 -28.31
CA PHE A 680 18.63 -36.00 -29.11
C PHE A 680 19.86 -35.08 -29.11
N VAL A 681 20.16 -34.52 -30.29
CA VAL A 681 21.18 -33.50 -30.39
C VAL A 681 20.55 -32.15 -30.02
N PRO A 682 21.35 -31.20 -29.50
CA PRO A 682 20.86 -29.85 -29.20
C PRO A 682 20.34 -29.16 -30.47
N ARG A 683 19.20 -28.48 -30.34
CA ARG A 683 18.56 -27.83 -31.47
C ARG A 683 18.00 -26.48 -31.04
N VAL A 684 18.14 -25.50 -31.94
CA VAL A 684 17.34 -24.29 -31.92
C VAL A 684 16.41 -24.37 -33.13
N CYS A 685 15.12 -24.55 -32.87
CA CYS A 685 14.12 -24.63 -33.93
C CYS A 685 13.50 -23.26 -34.15
N ILE A 686 13.76 -22.68 -35.34
CA ILE A 686 13.40 -21.30 -35.64
C ILE A 686 12.26 -21.29 -36.66
N PHE A 687 11.13 -20.68 -36.28
CA PHE A 687 10.03 -20.44 -37.19
C PHE A 687 9.99 -18.98 -37.59
N GLY A 688 9.51 -18.72 -38.81
CA GLY A 688 9.26 -17.36 -39.28
C GLY A 688 8.23 -17.34 -40.40
N GLY A 689 7.58 -16.18 -40.56
CA GLY A 689 6.59 -15.99 -41.62
C GLY A 689 5.35 -15.28 -41.10
N LYS A 690 4.51 -14.85 -42.05
CA LYS A 690 3.35 -14.03 -41.74
C LYS A 690 2.07 -14.80 -42.08
N ALA A 691 1.06 -14.62 -41.22
CA ALA A 691 -0.27 -15.18 -41.41
C ALA A 691 -1.22 -14.11 -41.93
N PHE A 692 -2.01 -14.45 -42.96
CA PHE A 692 -3.12 -13.62 -43.38
C PHE A 692 -3.93 -13.27 -42.13
N ALA A 693 -4.30 -12.00 -41.99
CA ALA A 693 -4.87 -11.51 -40.74
C ALA A 693 -6.20 -12.19 -40.42
N THR A 694 -6.97 -12.54 -41.45
CA THR A 694 -8.31 -13.08 -41.26
C THR A 694 -8.31 -14.61 -41.35
N TYR A 695 -7.13 -15.22 -41.51
CA TYR A 695 -6.99 -16.67 -41.55
C TYR A 695 -6.90 -17.20 -40.11
N VAL A 696 -8.03 -17.66 -39.58
CA VAL A 696 -8.19 -17.91 -38.15
C VAL A 696 -7.18 -18.97 -37.72
N GLN A 697 -7.00 -20.00 -38.56
CA GLN A 697 -6.19 -21.15 -38.21
C GLN A 697 -4.71 -20.76 -38.23
N ALA A 698 -4.29 -20.13 -39.34
CA ALA A 698 -2.92 -19.66 -39.50
C ALA A 698 -2.45 -18.92 -38.25
N LYS A 699 -3.28 -17.99 -37.76
CA LYS A 699 -2.93 -17.20 -36.58
C LYS A 699 -2.87 -18.10 -35.36
N ARG A 700 -3.80 -19.06 -35.26
CA ARG A 700 -3.83 -19.99 -34.14
C ARG A 700 -2.51 -20.76 -34.09
N ILE A 701 -2.00 -21.13 -35.28
CA ILE A 701 -0.76 -21.87 -35.40
C ILE A 701 0.42 -21.05 -34.86
N VAL A 702 0.51 -19.78 -35.27
CA VAL A 702 1.57 -18.90 -34.80
C VAL A 702 1.52 -18.86 -33.28
N LYS A 703 0.31 -18.74 -32.72
CA LYS A 703 0.09 -18.68 -31.28
C LYS A 703 0.59 -19.96 -30.63
N PHE A 704 0.28 -21.11 -31.26
CA PHE A 704 0.69 -22.40 -30.77
C PHE A 704 2.21 -22.43 -30.65
N ILE A 705 2.90 -22.10 -31.74
CA ILE A 705 4.34 -22.18 -31.82
C ILE A 705 4.95 -21.35 -30.68
N THR A 706 4.45 -20.12 -30.49
CA THR A 706 4.99 -19.22 -29.48
C THR A 706 4.78 -19.83 -28.09
N ASP A 707 3.64 -20.50 -27.89
CA ASP A 707 3.31 -21.12 -26.61
C ASP A 707 4.22 -22.31 -26.35
N VAL A 708 4.42 -23.16 -27.37
CA VAL A 708 5.32 -24.30 -27.25
C VAL A 708 6.68 -23.78 -26.78
N GLY A 709 7.22 -22.78 -27.50
CA GLY A 709 8.48 -22.16 -27.14
C GLY A 709 8.48 -21.66 -25.69
N ALA A 710 7.36 -21.06 -25.27
CA ALA A 710 7.25 -20.46 -23.94
C ALA A 710 7.56 -21.49 -22.85
N THR A 711 6.98 -22.71 -23.00
CA THR A 711 7.16 -23.77 -22.02
C THR A 711 8.57 -24.35 -22.16
N ILE A 712 8.90 -24.82 -23.37
CA ILE A 712 10.15 -25.53 -23.63
C ILE A 712 11.34 -24.68 -23.16
N ASN A 713 11.35 -23.41 -23.57
CA ASN A 713 12.51 -22.55 -23.38
C ASN A 713 12.72 -22.23 -21.90
N HIS A 714 11.68 -22.40 -21.07
CA HIS A 714 11.77 -22.12 -19.65
C HIS A 714 11.73 -23.40 -18.82
N ASP A 715 11.65 -24.57 -19.47
CA ASP A 715 11.64 -25.84 -18.76
C ASP A 715 13.07 -26.22 -18.38
N PRO A 716 13.41 -26.26 -17.07
CA PRO A 716 14.80 -26.45 -16.65
C PRO A 716 15.39 -27.83 -16.93
N GLU A 717 14.52 -28.81 -17.18
CA GLU A 717 14.93 -30.16 -17.52
C GLU A 717 15.35 -30.24 -18.98
N ILE A 718 15.04 -29.21 -19.77
CA ILE A 718 15.39 -29.19 -21.19
C ILE A 718 16.67 -28.40 -21.40
N GLY A 719 16.84 -27.28 -20.69
CA GLY A 719 18.02 -26.45 -20.80
C GLY A 719 18.29 -26.08 -22.26
N ASP A 720 19.56 -26.18 -22.67
CA ASP A 720 19.97 -25.85 -24.03
C ASP A 720 20.03 -27.11 -24.89
N LEU A 721 19.06 -28.01 -24.70
CA LEU A 721 18.92 -29.18 -25.56
C LEU A 721 17.94 -28.85 -26.67
N LEU A 722 16.94 -28.02 -26.33
CA LEU A 722 15.91 -27.64 -27.28
C LEU A 722 15.45 -26.22 -26.97
N LYS A 723 15.41 -25.39 -28.02
CA LYS A 723 14.77 -24.09 -27.97
C LYS A 723 13.85 -23.94 -29.19
N VAL A 724 12.68 -23.32 -28.99
CA VAL A 724 11.74 -23.04 -30.07
C VAL A 724 11.43 -21.54 -30.06
N VAL A 725 11.79 -20.84 -31.13
CA VAL A 725 11.56 -19.41 -31.24
C VAL A 725 10.78 -19.12 -32.54
N PHE A 726 9.93 -18.09 -32.47
CA PHE A 726 9.26 -17.56 -33.65
C PHE A 726 9.77 -16.15 -33.90
N VAL A 727 10.63 -16.01 -34.92
CA VAL A 727 11.20 -14.71 -35.27
C VAL A 727 10.11 -13.83 -35.87
N PRO A 728 9.87 -12.63 -35.31
CA PRO A 728 8.84 -11.74 -35.83
C PRO A 728 9.31 -10.99 -37.08
N ASP A 729 8.37 -10.77 -38.02
CA ASP A 729 8.54 -9.85 -39.13
C ASP A 729 9.59 -10.39 -40.10
N TYR A 730 9.42 -11.66 -40.49
CA TYR A 730 10.30 -12.28 -41.46
C TYR A 730 10.26 -11.46 -42.74
N ASN A 731 11.46 -11.08 -43.21
CA ASN A 731 11.63 -10.31 -44.43
C ASN A 731 13.02 -10.60 -44.99
N VAL A 732 13.40 -9.90 -46.07
CA VAL A 732 14.64 -10.17 -46.77
C VAL A 732 15.82 -10.05 -45.81
N SER A 733 15.81 -9.01 -44.97
CA SER A 733 16.90 -8.79 -44.03
C SER A 733 17.03 -9.96 -43.05
N VAL A 734 15.90 -10.40 -42.48
CA VAL A 734 15.87 -11.54 -41.58
C VAL A 734 16.46 -12.75 -42.29
N ALA A 735 16.04 -12.99 -43.55
CA ALA A 735 16.53 -14.10 -44.33
C ALA A 735 18.05 -14.01 -44.51
N GLU A 736 18.56 -12.80 -44.78
CA GLU A 736 19.98 -12.59 -45.00
C GLU A 736 20.77 -12.94 -43.73
N LEU A 737 20.09 -12.92 -42.57
CA LEU A 737 20.71 -13.20 -41.30
C LEU A 737 20.62 -14.68 -40.96
N LEU A 738 19.45 -15.28 -41.15
CA LEU A 738 19.18 -16.64 -40.71
C LEU A 738 19.79 -17.68 -41.66
N ILE A 739 19.72 -17.42 -42.97
CA ILE A 739 20.10 -18.41 -43.96
C ILE A 739 21.57 -18.77 -43.81
N PRO A 740 22.52 -17.80 -43.76
CA PRO A 740 23.93 -18.13 -43.54
C PRO A 740 24.22 -18.97 -42.29
N ALA A 741 23.32 -18.88 -41.28
CA ALA A 741 23.52 -19.53 -40.00
C ALA A 741 22.74 -20.84 -39.90
N SER A 742 22.08 -21.24 -40.99
CA SER A 742 21.16 -22.37 -40.95
C SER A 742 21.93 -23.68 -41.13
N ASP A 743 21.55 -24.70 -40.35
CA ASP A 743 22.11 -26.04 -40.46
C ASP A 743 21.14 -26.92 -41.25
N LEU A 744 19.87 -26.90 -40.83
CA LEU A 744 18.81 -27.62 -41.52
C LEU A 744 17.67 -26.64 -41.82
N SER A 745 17.05 -26.79 -43.00
CA SER A 745 15.92 -25.97 -43.39
C SER A 745 14.76 -26.85 -43.85
N GLU A 746 13.54 -26.50 -43.44
CA GLU A 746 12.39 -27.34 -43.65
C GLU A 746 11.51 -26.79 -44.77
N HIS A 747 11.21 -27.65 -45.75
CA HIS A 747 10.39 -27.32 -46.90
C HIS A 747 9.37 -28.44 -47.11
N ILE A 748 8.36 -28.48 -46.23
CA ILE A 748 7.62 -29.69 -45.96
C ILE A 748 6.15 -29.53 -46.33
N SER A 749 5.87 -28.80 -47.42
CA SER A 749 4.52 -28.65 -47.90
C SER A 749 3.99 -29.99 -48.40
N THR A 750 2.66 -30.19 -48.33
CA THR A 750 2.02 -31.37 -48.88
C THR A 750 2.49 -31.54 -50.33
N ALA A 751 2.95 -32.75 -50.68
CA ALA A 751 3.61 -33.00 -51.95
C ALA A 751 2.68 -32.64 -53.10
N GLY A 752 3.28 -32.14 -54.19
CA GLY A 752 2.56 -31.31 -55.15
C GLY A 752 2.41 -29.93 -54.53
N MET A 753 1.33 -29.21 -54.82
CA MET A 753 1.06 -27.93 -54.20
C MET A 753 2.08 -26.88 -54.66
N GLU A 754 3.36 -27.03 -54.32
CA GLU A 754 4.36 -26.01 -54.62
C GLU A 754 4.82 -26.12 -56.07
N ALA A 755 4.96 -24.96 -56.72
CA ALA A 755 5.47 -24.88 -58.08
C ALA A 755 6.99 -24.98 -58.07
N SER A 756 7.64 -24.14 -57.24
CA SER A 756 9.08 -24.06 -57.16
C SER A 756 9.53 -23.84 -55.71
N GLY A 757 9.51 -22.58 -55.27
CA GLY A 757 10.17 -22.17 -54.04
C GLY A 757 11.58 -21.67 -54.33
N THR A 758 12.03 -20.64 -53.60
CA THR A 758 13.33 -20.05 -53.86
C THR A 758 14.19 -20.05 -52.60
N SER A 759 13.56 -19.97 -51.41
CA SER A 759 14.33 -19.92 -50.17
C SER A 759 15.19 -21.17 -50.07
N ASN A 760 14.65 -22.32 -50.48
CA ASN A 760 15.40 -23.57 -50.50
C ASN A 760 16.69 -23.43 -51.30
N MET A 761 16.65 -22.69 -52.42
CA MET A 761 17.82 -22.51 -53.26
C MET A 761 18.87 -21.66 -52.53
N PHE A 763 19.07 -21.45 -49.10
CA PHE A 763 19.60 -22.37 -48.05
C PHE A 763 20.74 -23.22 -48.63
N ALA A 764 20.48 -23.89 -49.76
CA ALA A 764 21.44 -24.79 -50.37
C ALA A 764 22.76 -24.05 -50.64
N MET A 765 22.65 -22.83 -51.18
CA MET A 765 23.81 -22.03 -51.53
C MET A 765 24.69 -21.76 -50.30
N ASN A 766 24.07 -21.63 -49.12
CA ASN A 766 24.78 -21.32 -47.88
C ASN A 766 25.18 -22.59 -47.13
N GLY A 767 25.04 -23.77 -47.76
CA GLY A 767 25.48 -25.02 -47.17
C GLY A 767 24.49 -25.56 -46.15
N CYS A 768 23.25 -25.08 -46.21
CA CYS A 768 22.20 -25.66 -45.40
C CYS A 768 21.79 -27.00 -46.02
N ILE A 769 21.43 -27.95 -45.15
CA ILE A 769 20.88 -29.23 -45.58
C ILE A 769 19.37 -29.12 -45.46
N GLN A 770 18.65 -29.63 -46.48
CA GLN A 770 17.21 -29.47 -46.55
C GLN A 770 16.51 -30.77 -46.16
N ILE A 771 15.51 -30.66 -45.28
CA ILE A 771 14.52 -31.71 -45.08
C ILE A 771 13.22 -31.23 -45.73
N GLY A 772 12.66 -32.03 -46.63
CA GLY A 772 11.45 -31.64 -47.33
C GLY A 772 10.81 -32.79 -48.09
N THR A 773 9.61 -32.52 -48.62
CA THR A 773 8.88 -33.49 -49.43
C THR A 773 9.39 -33.40 -50.87
N LEU A 774 9.08 -34.43 -51.66
CA LEU A 774 9.39 -34.43 -53.07
C LEU A 774 8.39 -33.49 -53.76
N ASP A 775 8.70 -32.19 -53.78
CA ASP A 775 7.76 -31.21 -54.28
C ASP A 775 8.48 -29.92 -54.68
N GLY A 776 8.02 -29.30 -55.77
CA GLY A 776 8.57 -28.04 -56.24
C GLY A 776 10.05 -28.18 -56.55
N ALA A 777 10.83 -27.19 -56.11
CA ALA A 777 12.26 -27.11 -56.43
C ALA A 777 13.05 -28.15 -55.63
N ASN A 778 12.48 -28.64 -54.52
CA ASN A 778 13.10 -29.69 -53.74
C ASN A 778 13.63 -30.79 -54.66
N VAL A 779 12.87 -31.11 -55.73
CA VAL A 779 13.22 -32.18 -56.65
C VAL A 779 14.54 -31.84 -57.33
N GLU A 780 14.59 -30.67 -58.01
CA GLU A 780 15.75 -30.29 -58.79
C GLU A 780 16.97 -30.07 -57.90
N ILE A 781 16.75 -29.53 -56.70
CA ILE A 781 17.82 -29.31 -55.73
C ILE A 781 18.39 -30.67 -55.34
N ARG A 782 17.52 -31.53 -54.80
CA ARG A 782 17.89 -32.87 -54.36
C ARG A 782 18.73 -33.57 -55.42
N GLU A 783 18.30 -33.47 -56.68
CA GLU A 783 19.03 -34.04 -57.80
C GLU A 783 20.45 -33.46 -57.85
N GLU A 784 20.56 -32.12 -57.86
CA GLU A 784 21.81 -31.45 -58.16
C GLU A 784 22.81 -31.59 -57.01
N VAL A 785 22.32 -31.58 -55.77
CA VAL A 785 23.19 -31.65 -54.60
C VAL A 785 23.56 -33.10 -54.32
N GLY A 786 22.64 -34.02 -54.67
CA GLY A 786 22.81 -35.43 -54.38
C GLY A 786 21.80 -35.91 -53.34
N GLU A 787 21.16 -37.05 -53.64
CA GLU A 787 20.10 -37.61 -52.82
C GLU A 787 20.60 -37.91 -51.41
N GLU A 788 21.90 -38.19 -51.27
CA GLU A 788 22.48 -38.51 -49.97
C GLU A 788 22.63 -37.26 -49.12
N ASN A 789 22.54 -36.06 -49.73
CA ASN A 789 22.70 -34.80 -49.02
C ASN A 789 21.38 -34.04 -48.99
N PHE A 790 20.28 -34.78 -48.86
CA PHE A 790 18.95 -34.21 -48.70
C PHE A 790 18.14 -35.22 -47.89
N PHE A 791 17.26 -34.71 -47.02
CA PHE A 791 16.38 -35.55 -46.23
C PHE A 791 14.98 -35.53 -46.82
N LEU A 792 14.62 -36.61 -47.55
CA LEU A 792 13.32 -36.77 -48.18
C LEU A 792 12.42 -37.55 -47.21
N PHE A 793 11.13 -37.23 -47.21
CA PHE A 793 10.14 -38.01 -46.47
C PHE A 793 8.75 -37.78 -47.06
N GLY A 794 7.79 -38.57 -46.57
CA GLY A 794 6.37 -38.33 -46.79
C GLY A 794 5.91 -38.78 -48.18
N ALA A 795 4.59 -38.74 -48.39
CA ALA A 795 3.94 -39.18 -49.62
C ALA A 795 4.39 -38.32 -50.80
N GLN A 796 3.91 -38.68 -52.00
CA GLN A 796 4.30 -37.97 -53.21
C GLN A 796 3.07 -37.53 -53.99
N ALA A 797 3.32 -36.78 -55.07
CA ALA A 797 2.29 -36.17 -55.89
C ALA A 797 1.29 -37.21 -56.42
N HIS A 798 1.80 -38.38 -56.85
CA HIS A 798 0.94 -39.42 -57.39
C HIS A 798 -0.01 -39.94 -56.31
N GLU A 799 0.49 -40.04 -55.07
CA GLU A 799 -0.21 -40.71 -54.00
C GLU A 799 -1.44 -39.92 -53.54
N ILE A 800 -1.30 -38.58 -53.45
CA ILE A 800 -2.19 -37.75 -52.64
C ILE A 800 -3.66 -38.11 -52.86
N ALA A 801 -4.12 -38.12 -54.12
CA ALA A 801 -5.53 -38.27 -54.43
C ALA A 801 -6.09 -39.54 -53.78
N GLY A 802 -5.32 -40.62 -53.89
CA GLY A 802 -5.65 -41.89 -53.26
C GLY A 802 -5.80 -41.78 -51.74
N LEU A 803 -4.91 -41.01 -51.10
CA LEU A 803 -4.87 -40.93 -49.65
C LEU A 803 -6.00 -40.04 -49.12
N ARG A 804 -6.50 -39.13 -49.96
CA ARG A 804 -7.68 -38.35 -49.63
C ARG A 804 -8.91 -39.24 -49.78
N LYS A 805 -8.88 -40.12 -50.80
CA LYS A 805 -9.93 -41.10 -51.03
C LYS A 805 -9.92 -42.16 -49.93
N GLU A 806 -8.75 -42.36 -49.28
CA GLU A 806 -8.68 -42.95 -47.96
C GLU A 806 -9.32 -41.85 -47.13
N ARG A 807 -9.25 -41.88 -45.80
CA ARG A 807 -9.85 -40.81 -45.02
C ARG A 807 -11.34 -40.69 -45.34
N ALA A 808 -11.72 -40.16 -46.52
CA ALA A 808 -13.05 -40.37 -47.05
C ALA A 808 -13.19 -41.87 -47.32
N ASP A 809 -14.42 -42.39 -47.22
CA ASP A 809 -14.65 -43.83 -47.19
C ASP A 809 -14.45 -44.33 -45.76
N GLY A 810 -13.44 -43.80 -45.07
CA GLY A 810 -13.31 -43.93 -43.63
C GLY A 810 -12.32 -45.02 -43.24
N LYS A 811 -11.19 -45.07 -43.97
CA LYS A 811 -10.26 -46.18 -43.87
C LYS A 811 -9.00 -45.79 -43.08
N PHE A 812 -8.59 -44.52 -43.20
CA PHE A 812 -7.32 -44.07 -42.63
C PHE A 812 -7.22 -44.47 -41.16
N VAL A 813 -6.05 -45.03 -40.80
CA VAL A 813 -5.72 -45.32 -39.41
C VAL A 813 -4.56 -44.41 -38.98
N PRO A 814 -4.72 -43.62 -37.89
CA PRO A 814 -3.64 -42.80 -37.37
C PRO A 814 -2.57 -43.60 -36.63
N ASP A 815 -1.33 -43.12 -36.70
CA ASP A 815 -0.23 -43.62 -35.91
C ASP A 815 -0.49 -43.24 -34.45
N GLU A 816 0.04 -44.04 -33.52
CA GLU A 816 -0.25 -43.87 -32.11
C GLU A 816 0.54 -42.69 -31.54
N ARG A 817 1.70 -42.40 -32.15
CA ARG A 817 2.53 -41.30 -31.70
C ARG A 817 1.86 -39.96 -32.03
N PHE A 818 1.16 -39.92 -33.17
CA PHE A 818 0.43 -38.73 -33.60
C PHE A 818 -0.70 -38.44 -32.60
N GLU A 819 -1.46 -39.48 -32.25
CA GLU A 819 -2.51 -39.39 -31.27
C GLU A 819 -1.94 -38.94 -29.92
N GLU A 820 -0.72 -39.39 -29.63
CA GLU A 820 -0.03 -39.08 -28.40
C GLU A 820 0.26 -37.58 -28.30
N VAL A 821 0.63 -36.96 -29.45
CA VAL A 821 0.92 -35.54 -29.49
C VAL A 821 -0.38 -34.78 -29.22
N LYS A 822 -1.45 -35.14 -29.96
CA LYS A 822 -2.73 -34.47 -29.87
C LYS A 822 -3.24 -34.49 -28.43
N GLU A 823 -3.13 -35.65 -27.78
CA GLU A 823 -3.61 -35.80 -26.41
C GLU A 823 -2.74 -35.01 -25.45
N PHE A 824 -1.44 -34.90 -25.76
CA PHE A 824 -0.51 -34.15 -24.92
C PHE A 824 -0.85 -32.66 -24.98
N VAL A 825 -1.29 -32.18 -26.15
CA VAL A 825 -1.75 -30.81 -26.33
C VAL A 825 -3.00 -30.59 -25.47
N ARG A 826 -4.01 -31.45 -25.68
CA ARG A 826 -5.30 -31.34 -25.00
C ARG A 826 -5.13 -31.35 -23.48
N SER A 827 -4.05 -31.99 -22.99
CA SER A 827 -3.77 -32.08 -21.56
C SER A 827 -3.64 -30.69 -20.94
N GLY A 828 -3.30 -29.69 -21.76
CA GLY A 828 -3.08 -28.33 -21.29
C GLY A 828 -1.59 -28.03 -21.13
N ALA A 829 -0.75 -28.97 -21.62
CA ALA A 829 0.69 -28.96 -21.39
C ALA A 829 1.31 -27.57 -21.63
N PHE A 830 0.90 -26.93 -22.73
CA PHE A 830 1.55 -25.72 -23.18
C PHE A 830 0.74 -24.47 -22.83
N GLY A 831 -0.56 -24.67 -22.55
CA GLY A 831 -1.49 -23.58 -22.76
C GLY A 831 -2.72 -23.64 -21.86
N SER A 832 -2.96 -22.53 -21.15
CA SER A 832 -4.31 -22.10 -20.81
C SER A 832 -5.13 -21.99 -22.10
N TYR A 833 -4.48 -21.49 -23.15
CA TYR A 833 -5.10 -21.32 -24.46
C TYR A 833 -5.63 -22.68 -24.93
N ASN A 834 -6.75 -22.65 -25.64
CA ASN A 834 -7.61 -23.79 -25.95
C ASN A 834 -6.96 -24.85 -26.87
N TYR A 835 -6.95 -24.58 -28.19
CA TYR A 835 -6.33 -25.41 -29.22
C TYR A 835 -7.25 -26.54 -29.68
N ASP A 836 -8.50 -26.57 -29.18
CA ASP A 836 -9.44 -27.62 -29.56
C ASP A 836 -9.81 -27.44 -31.03
N ASP A 837 -9.99 -26.18 -31.46
CA ASP A 837 -10.37 -25.86 -32.82
C ASP A 837 -9.20 -26.11 -33.76
N LEU A 838 -7.96 -26.12 -33.22
CA LEU A 838 -6.76 -26.41 -33.98
C LEU A 838 -6.71 -27.90 -34.28
N ILE A 839 -6.73 -28.73 -33.22
CA ILE A 839 -6.75 -30.17 -33.35
C ILE A 839 -7.97 -30.59 -34.18
N GLY A 840 -9.08 -29.85 -34.02
CA GLY A 840 -10.31 -30.10 -34.75
C GLY A 840 -10.09 -30.27 -36.26
N SER A 841 -9.21 -29.44 -36.83
CA SER A 841 -8.96 -29.44 -38.26
C SER A 841 -8.37 -30.78 -38.72
N LEU A 842 -7.75 -31.51 -37.79
CA LEU A 842 -7.05 -32.75 -38.08
C LEU A 842 -7.97 -33.96 -37.98
N GLU A 843 -9.17 -33.79 -37.39
CA GLU A 843 -10.04 -34.90 -37.09
C GLU A 843 -11.21 -34.95 -38.08
N GLY A 844 -11.97 -36.05 -38.03
CA GLY A 844 -13.10 -36.27 -38.93
C GLY A 844 -12.62 -36.85 -40.25
N ASN A 845 -13.57 -37.09 -41.15
CA ASN A 845 -13.28 -37.65 -42.47
C ASN A 845 -13.92 -36.83 -43.59
N GLU A 846 -14.69 -35.79 -43.22
CA GLU A 846 -15.33 -34.91 -44.19
C GLU A 846 -15.43 -33.50 -43.61
N GLY A 847 -15.72 -32.53 -44.49
CA GLY A 847 -16.05 -31.18 -44.07
C GLY A 847 -14.95 -30.18 -44.43
N PHE A 848 -15.38 -28.97 -44.81
CA PHE A 848 -14.46 -27.87 -45.07
C PHE A 848 -13.75 -27.51 -43.78
N GLY A 849 -12.41 -27.40 -43.84
CA GLY A 849 -11.61 -26.98 -42.70
C GLY A 849 -11.40 -28.11 -41.69
N ARG A 850 -11.58 -29.36 -42.14
CA ARG A 850 -11.51 -30.50 -41.25
C ARG A 850 -11.08 -31.73 -42.06
N ALA A 851 -10.76 -32.81 -41.32
CA ALA A 851 -10.32 -34.08 -41.88
C ALA A 851 -8.93 -33.96 -42.48
N ASP A 852 -8.03 -33.27 -41.75
CA ASP A 852 -6.61 -33.25 -42.02
C ASP A 852 -6.33 -33.30 -43.53
N TYR A 853 -6.83 -32.30 -44.26
CA TYR A 853 -6.76 -32.28 -45.70
C TYR A 853 -5.30 -32.37 -46.17
N PHE A 854 -4.38 -31.79 -45.39
CA PHE A 854 -3.00 -31.64 -45.83
C PHE A 854 -2.12 -32.78 -45.30
N LEU A 855 -2.74 -33.81 -44.72
CA LEU A 855 -2.09 -35.08 -44.46
C LEU A 855 -0.91 -34.90 -43.49
N VAL A 856 -1.11 -34.09 -42.44
CA VAL A 856 -0.11 -33.97 -41.39
C VAL A 856 -0.01 -35.30 -40.67
N GLY A 857 -1.16 -35.93 -40.40
CA GLY A 857 -1.21 -37.21 -39.71
C GLY A 857 -0.53 -38.30 -40.53
N LYS A 858 -0.87 -38.40 -41.81
CA LYS A 858 -0.33 -39.45 -42.66
C LYS A 858 1.20 -39.36 -42.75
N ASP A 859 1.73 -38.14 -42.94
CA ASP A 859 3.16 -37.97 -43.17
C ASP A 859 3.92 -37.89 -41.84
N PHE A 860 3.19 -37.75 -40.73
CA PHE A 860 3.81 -37.58 -39.42
C PHE A 860 4.83 -38.69 -39.16
N PRO A 861 4.50 -39.99 -39.37
CA PRO A 861 5.45 -41.07 -39.15
C PRO A 861 6.78 -40.88 -39.89
N SER A 862 6.73 -40.85 -41.24
CA SER A 862 7.94 -40.73 -42.03
C SER A 862 8.74 -39.50 -41.61
N TYR A 863 8.02 -38.44 -41.20
CA TYR A 863 8.66 -37.18 -40.81
C TYR A 863 9.52 -37.40 -39.57
N ILE A 864 8.94 -37.84 -38.45
CA ILE A 864 9.70 -37.90 -37.20
C ILE A 864 10.80 -38.94 -37.35
N GLU A 865 10.55 -39.97 -38.16
CA GLU A 865 11.55 -40.98 -38.47
C GLU A 865 12.72 -40.31 -39.18
N CYS A 866 12.39 -39.50 -40.19
CA CYS A 866 13.39 -38.78 -40.96
C CYS A 866 14.23 -37.86 -40.07
N GLN A 867 13.59 -37.25 -39.07
CA GLN A 867 14.27 -36.34 -38.15
C GLN A 867 15.25 -37.10 -37.26
N GLU A 868 14.92 -38.34 -36.91
CA GLU A 868 15.84 -39.20 -36.19
C GLU A 868 17.10 -39.41 -37.03
N LYS A 869 16.94 -39.54 -38.35
CA LYS A 869 18.07 -39.69 -39.24
C LYS A 869 18.91 -38.41 -39.23
N VAL A 870 18.24 -37.25 -39.21
CA VAL A 870 18.92 -35.97 -39.11
C VAL A 870 19.78 -35.97 -37.84
N ASP A 871 19.19 -36.36 -36.71
CA ASP A 871 19.90 -36.51 -35.45
C ASP A 871 21.20 -37.28 -35.67
N GLU A 872 21.09 -38.46 -36.31
CA GLU A 872 22.24 -39.33 -36.52
C GLU A 872 23.32 -38.60 -37.31
N ALA A 873 22.93 -38.00 -38.44
CA ALA A 873 23.85 -37.35 -39.35
C ALA A 873 24.59 -36.21 -38.65
N TYR A 874 23.87 -35.50 -37.78
CA TYR A 874 24.44 -34.34 -37.09
C TYR A 874 25.52 -34.78 -36.11
N ARG A 875 25.36 -35.98 -35.53
CA ARG A 875 26.31 -36.55 -34.59
C ARG A 875 27.63 -36.86 -35.29
N ASP A 876 27.57 -37.19 -36.59
CA ASP A 876 28.75 -37.48 -37.38
C ASP A 876 29.18 -36.22 -38.12
N GLN A 877 29.96 -35.37 -37.45
CA GLN A 877 30.27 -34.03 -37.95
C GLN A 877 31.05 -34.09 -39.27
N LYS A 878 31.82 -35.16 -39.50
CA LYS A 878 32.55 -35.32 -40.73
C LYS A 878 31.54 -35.53 -41.87
N ARG A 879 30.57 -36.41 -41.64
CA ARG A 879 29.52 -36.68 -42.61
C ARG A 879 28.70 -35.41 -42.86
N TRP A 880 28.23 -34.81 -41.77
CA TRP A 880 27.34 -33.64 -41.82
C TRP A 880 27.98 -32.52 -42.63
N THR A 881 29.25 -32.25 -42.37
CA THR A 881 29.94 -31.14 -43.03
C THR A 881 30.09 -31.45 -44.52
N THR A 882 30.35 -32.71 -44.87
CA THR A 882 30.47 -33.09 -46.27
C THR A 882 29.16 -32.76 -46.99
N MET A 883 28.04 -33.06 -46.33
CA MET A 883 26.72 -32.83 -46.91
C MET A 883 26.52 -31.34 -47.15
N SER A 884 26.81 -30.55 -46.12
CA SER A 884 26.78 -29.10 -46.20
C SER A 884 27.57 -28.60 -47.41
N ILE A 885 28.81 -29.09 -47.56
CA ILE A 885 29.69 -28.61 -48.62
C ILE A 885 29.11 -28.99 -49.99
N LEU A 886 28.48 -30.15 -50.06
CA LEU A 886 27.96 -30.64 -51.34
C LEU A 886 26.69 -29.87 -51.73
N ASN A 887 25.97 -29.33 -50.73
CA ASN A 887 24.79 -28.51 -51.00
C ASN A 887 25.21 -27.20 -51.69
N THR A 888 26.30 -26.58 -51.21
CA THR A 888 26.82 -25.37 -51.82
C THR A 888 27.40 -25.67 -53.20
N ALA A 889 28.03 -26.85 -53.32
CA ALA A 889 28.73 -27.23 -54.53
C ALA A 889 27.74 -27.54 -55.66
N GLY A 890 26.51 -27.92 -55.30
CA GLY A 890 25.50 -28.32 -56.28
C GLY A 890 24.40 -27.28 -56.45
N SER A 891 24.65 -26.04 -56.01
CA SER A 891 23.62 -25.02 -56.00
C SER A 891 23.69 -24.13 -57.24
N TYR A 892 24.80 -24.21 -57.98
CA TYR A 892 25.20 -23.18 -58.92
C TYR A 892 24.17 -22.96 -60.03
N LYS A 893 23.37 -23.97 -60.36
CA LYS A 893 22.40 -23.84 -61.45
C LYS A 893 21.20 -23.01 -61.02
N PHE A 894 21.06 -22.75 -59.72
CA PHE A 894 19.96 -21.95 -59.21
C PHE A 894 20.36 -20.48 -59.10
N SER A 895 21.47 -20.09 -59.76
CA SER A 895 21.79 -18.69 -59.97
C SER A 895 20.73 -18.08 -60.89
N SER A 896 20.21 -16.91 -60.50
CA SER A 896 19.24 -16.19 -61.31
C SER A 896 19.87 -15.70 -62.61
N ASP A 897 21.21 -15.69 -62.69
CA ASP A 897 21.90 -15.36 -63.93
C ASP A 897 21.57 -16.39 -65.01
N ARG A 898 21.51 -17.67 -64.60
CA ARG A 898 21.15 -18.75 -65.52
C ARG A 898 19.71 -18.53 -66.00
N THR A 899 18.80 -18.25 -65.06
CA THR A 899 17.39 -18.07 -65.37
C THR A 899 17.22 -16.94 -66.37
N ILE A 900 17.95 -15.84 -66.18
CA ILE A 900 17.76 -14.62 -66.96
C ILE A 900 18.41 -14.76 -68.33
N HIS A 901 19.56 -15.42 -68.41
CA HIS A 901 20.14 -15.76 -69.69
C HIS A 901 19.10 -16.48 -70.54
N GLU A 902 18.32 -17.36 -69.90
CA GLU A 902 17.31 -18.15 -70.57
C GLU A 902 16.18 -17.26 -71.06
N TYR A 903 15.59 -16.46 -70.15
CA TYR A 903 14.53 -15.53 -70.51
C TYR A 903 15.01 -14.62 -71.64
N ALA A 904 16.25 -14.13 -71.53
CA ALA A 904 16.80 -13.15 -72.45
C ALA A 904 16.85 -13.69 -73.88
N LYS A 905 17.23 -14.97 -74.01
CA LYS A 905 17.51 -15.56 -75.31
C LYS A 905 16.27 -16.23 -75.89
N ASP A 906 15.42 -16.82 -75.04
CA ASP A 906 14.38 -17.73 -75.48
C ASP A 906 12.99 -17.11 -75.43
N ILE A 907 12.83 -15.93 -74.80
CA ILE A 907 11.53 -15.27 -74.80
C ILE A 907 11.67 -13.83 -75.33
N TRP A 908 12.50 -13.02 -74.67
CA TRP A 908 12.52 -11.59 -74.93
C TRP A 908 13.35 -11.28 -76.17
N ASN A 909 14.40 -12.08 -76.40
CA ASN A 909 15.30 -11.86 -77.52
C ASN A 909 15.96 -10.50 -77.37
N ILE A 910 16.71 -10.33 -76.26
CA ILE A 910 17.52 -9.15 -76.05
C ILE A 910 18.98 -9.55 -75.90
N GLU A 911 19.88 -8.62 -76.23
CA GLU A 911 21.31 -8.88 -76.20
C GLU A 911 21.98 -7.92 -75.22
N ALA A 912 23.03 -8.39 -74.56
CA ALA A 912 23.82 -7.58 -73.64
C ALA A 912 24.25 -6.28 -74.31
N VAL A 913 24.44 -5.24 -73.49
CA VAL A 913 24.88 -3.93 -73.95
C VAL A 913 25.96 -3.44 -73.00
N GLU A 914 27.13 -3.09 -73.57
CA GLU A 914 28.26 -2.62 -72.79
C GLU A 914 28.07 -1.14 -72.48
N ILE A 915 28.35 -0.76 -71.21
CA ILE A 915 28.42 0.63 -70.78
C ILE A 915 29.87 0.90 -70.37
N ALA A 916 30.67 1.41 -71.31
CA ALA A 916 32.07 1.70 -71.07
C ALA A 916 32.24 2.69 -69.91
N ALA B 23 -20.97 11.69 -4.40
CA ALA B 23 -21.61 12.82 -3.67
C ALA B 23 -20.57 13.89 -3.32
N PRO B 24 -19.57 13.63 -2.45
CA PRO B 24 -18.76 14.71 -1.88
C PRO B 24 -17.85 15.38 -2.91
N ASP B 25 -17.89 16.72 -2.92
CA ASP B 25 -17.11 17.53 -3.85
C ASP B 25 -16.12 18.38 -3.08
N ALA B 26 -15.34 19.19 -3.80
CA ALA B 26 -14.36 20.08 -3.19
C ALA B 26 -15.01 20.95 -2.12
N ALA B 27 -16.24 21.41 -2.39
CA ALA B 27 -16.93 22.33 -1.51
C ALA B 27 -17.28 21.64 -0.19
N SER B 28 -17.91 20.47 -0.28
CA SER B 28 -18.35 19.74 0.90
C SER B 28 -17.15 19.31 1.73
N ILE B 29 -16.08 18.85 1.05
CA ILE B 29 -14.87 18.40 1.73
C ILE B 29 -14.24 19.58 2.46
N THR B 30 -14.25 20.78 1.85
CA THR B 30 -13.68 21.96 2.48
C THR B 30 -14.43 22.25 3.79
N SER B 31 -15.77 22.27 3.71
CA SER B 31 -16.61 22.49 4.88
C SER B 31 -16.37 21.39 5.92
N SER B 32 -16.16 20.16 5.45
CA SER B 32 -15.94 19.01 6.31
C SER B 32 -14.66 19.18 7.11
N ILE B 33 -13.58 19.62 6.44
CA ILE B 33 -12.28 19.78 7.08
C ILE B 33 -12.35 20.91 8.11
N LYS B 34 -12.98 22.03 7.74
CA LYS B 34 -13.19 23.14 8.64
C LYS B 34 -14.00 22.68 9.85
N TYR B 35 -15.09 21.94 9.60
CA TYR B 35 -15.95 21.44 10.65
C TYR B 35 -15.14 20.65 11.68
N HIS B 36 -14.32 19.72 11.21
CA HIS B 36 -13.57 18.83 12.10
C HIS B 36 -12.51 19.62 12.86
N ALA B 37 -11.91 20.62 12.22
CA ALA B 37 -10.87 21.42 12.85
C ALA B 37 -11.42 22.16 14.08
N GLU B 38 -12.71 22.51 14.02
CA GLU B 38 -13.35 23.29 15.07
C GLU B 38 -14.00 22.36 16.12
N PHE B 39 -14.75 21.35 15.65
CA PHE B 39 -15.69 20.64 16.51
C PHE B 39 -15.16 19.29 16.98
N THR B 40 -14.15 18.73 16.29
CA THR B 40 -13.41 17.60 16.81
C THR B 40 -11.94 17.98 16.89
N PRO B 41 -11.58 18.99 17.70
CA PRO B 41 -10.21 19.48 17.77
C PRO B 41 -9.30 18.60 18.61
N VAL B 42 -8.00 18.63 18.27
CA VAL B 42 -6.97 18.06 19.13
C VAL B 42 -5.84 19.07 19.29
N PHE B 43 -6.12 20.34 18.92
CA PHE B 43 -5.16 21.42 19.03
C PHE B 43 -5.87 22.69 19.48
N SER B 44 -5.08 23.71 19.83
CA SER B 44 -5.58 25.03 20.16
C SER B 44 -6.31 25.64 18.97
N PRO B 45 -7.22 26.60 19.18
CA PRO B 45 -7.95 27.22 18.06
C PRO B 45 -7.08 28.02 17.08
N GLU B 46 -5.97 28.58 17.58
CA GLU B 46 -5.14 29.48 16.79
C GLU B 46 -4.57 28.77 15.56
N ARG B 47 -4.75 29.41 14.40
CA ARG B 47 -4.03 29.08 13.17
C ARG B 47 -4.51 27.75 12.60
N PHE B 48 -3.99 27.42 11.41
CA PHE B 48 -4.28 26.17 10.74
C PHE B 48 -2.96 25.60 10.20
N GLU B 49 -2.08 25.17 11.13
CA GLU B 49 -0.80 24.58 10.78
C GLU B 49 -1.01 23.21 10.15
N LEU B 50 0.10 22.58 9.73
CA LEU B 50 0.04 21.30 9.05
C LEU B 50 -0.57 20.23 9.96
N PRO B 51 -0.07 20.00 11.19
CA PRO B 51 -0.57 18.91 12.03
C PRO B 51 -2.08 18.97 12.21
N LYS B 52 -2.60 20.18 12.44
CA LYS B 52 -4.04 20.39 12.59
C LYS B 52 -4.74 20.04 11.29
N ALA B 53 -4.17 20.50 10.17
CA ALA B 53 -4.77 20.29 8.85
C ALA B 53 -4.85 18.81 8.54
N PHE B 54 -3.81 18.06 8.91
CA PHE B 54 -3.76 16.63 8.66
C PHE B 54 -4.89 15.93 9.41
N PHE B 55 -4.98 16.20 10.71
CA PHE B 55 -5.98 15.56 11.56
C PHE B 55 -7.38 15.84 11.03
N ALA B 56 -7.64 17.10 10.63
CA ALA B 56 -8.94 17.49 10.14
C ALA B 56 -9.24 16.81 8.81
N THR B 57 -8.22 16.71 7.95
CA THR B 57 -8.34 16.06 6.66
C THR B 57 -8.66 14.58 6.89
N ALA B 58 -7.89 13.94 7.78
CA ALA B 58 -8.01 12.51 8.05
C ALA B 58 -9.41 12.19 8.59
N GLN B 59 -9.94 13.09 9.43
CA GLN B 59 -11.25 12.88 10.03
C GLN B 59 -12.34 13.01 8.96
N SER B 60 -12.14 13.95 8.02
CA SER B 60 -13.05 14.10 6.89
C SER B 60 -13.08 12.82 6.06
N VAL B 61 -11.89 12.24 5.81
CA VAL B 61 -11.78 11.00 5.06
C VAL B 61 -12.53 9.91 5.83
N ARG B 62 -12.32 9.87 7.15
CA ARG B 62 -12.83 8.80 8.00
C ARG B 62 -14.36 8.79 8.00
N ASP B 63 -14.97 9.97 7.88
CA ASP B 63 -16.41 10.09 7.78
C ASP B 63 -16.91 9.20 6.64
N SER B 64 -16.25 9.29 5.48
CA SER B 64 -16.62 8.50 4.33
C SER B 64 -16.37 7.02 4.60
N LEU B 65 -15.19 6.71 5.15
CA LEU B 65 -14.81 5.34 5.45
C LEU B 65 -15.89 4.68 6.33
N LEU B 66 -16.39 5.42 7.33
CA LEU B 66 -17.32 4.88 8.29
C LEU B 66 -18.67 4.56 7.64
N ILE B 67 -19.15 5.43 6.74
CA ILE B 67 -20.40 5.18 6.03
C ILE B 67 -20.33 3.79 5.39
N ASN B 68 -19.24 3.55 4.65
CA ASN B 68 -19.10 2.35 3.84
C ASN B 68 -18.76 1.16 4.71
N TRP B 69 -18.00 1.41 5.80
CA TRP B 69 -17.70 0.38 6.77
C TRP B 69 -19.00 -0.17 7.36
N ASN B 70 -19.94 0.72 7.67
CA ASN B 70 -21.23 0.34 8.21
C ASN B 70 -22.07 -0.38 7.16
N ALA B 71 -22.09 0.16 5.94
CA ALA B 71 -22.84 -0.44 4.84
C ALA B 71 -22.39 -1.88 4.63
N THR B 72 -21.07 -2.09 4.61
CA THR B 72 -20.48 -3.41 4.46
C THR B 72 -20.85 -4.29 5.65
N TYR B 73 -20.71 -3.74 6.86
CA TYR B 73 -20.93 -4.47 8.10
C TYR B 73 -22.37 -5.01 8.13
N ASP B 74 -23.32 -4.17 7.71
CA ASP B 74 -24.73 -4.48 7.75
C ASP B 74 -25.05 -5.61 6.79
N ILE B 75 -24.61 -5.46 5.54
CA ILE B 75 -24.85 -6.45 4.49
C ILE B 75 -24.28 -7.80 4.93
N TYR B 76 -23.06 -7.80 5.44
CA TYR B 76 -22.39 -9.02 5.86
C TYR B 76 -23.17 -9.68 6.99
N GLU B 77 -23.79 -8.86 7.85
CA GLU B 77 -24.51 -9.36 9.01
C GLU B 77 -25.81 -10.03 8.57
N LYS B 78 -26.58 -9.34 7.70
CA LYS B 78 -27.88 -9.83 7.26
C LYS B 78 -27.72 -11.07 6.40
N LEU B 79 -26.78 -11.02 5.45
CA LEU B 79 -26.60 -12.07 4.47
C LEU B 79 -26.03 -13.34 5.10
N ASN B 80 -25.06 -13.19 6.02
CA ASN B 80 -24.49 -14.31 6.75
C ASN B 80 -23.75 -15.29 5.84
N MET B 81 -23.01 -14.76 4.86
CA MET B 81 -22.13 -15.57 4.02
C MET B 81 -20.99 -16.12 4.87
N LYS B 82 -20.09 -16.88 4.23
CA LYS B 82 -18.86 -17.30 4.89
C LYS B 82 -17.90 -16.11 4.92
N GLN B 83 -17.20 -15.94 6.05
CA GLN B 83 -16.29 -14.83 6.24
C GLN B 83 -14.90 -15.38 6.58
N ALA B 84 -13.87 -14.73 6.02
CA ALA B 84 -12.49 -15.16 6.22
C ALA B 84 -11.80 -14.21 7.18
N TYR B 85 -10.89 -14.74 7.99
CA TYR B 85 -10.19 -13.96 9.00
C TYR B 85 -8.68 -14.20 8.86
N TYR B 86 -7.95 -13.16 8.46
CA TYR B 86 -6.50 -13.24 8.29
C TYR B 86 -5.82 -12.81 9.58
N LEU B 87 -5.15 -13.76 10.26
CA LEU B 87 -4.51 -13.47 11.54
C LEU B 87 -3.01 -13.34 11.34
N SER B 88 -2.44 -12.25 11.86
CA SER B 88 -1.03 -11.93 11.67
C SER B 88 -0.49 -11.14 12.86
N MET B 89 0.75 -11.46 13.26
CA MET B 89 1.41 -10.74 14.34
C MET B 89 1.94 -9.41 13.84
N GLU B 90 1.87 -9.17 12.52
CA GLU B 90 2.26 -7.86 12.00
C GLU B 90 1.42 -7.50 10.79
N PHE B 91 1.10 -6.20 10.70
CA PHE B 91 0.55 -5.57 9.51
C PHE B 91 1.36 -4.31 9.25
N LEU B 92 1.91 -4.19 8.03
CA LEU B 92 2.73 -3.04 7.68
C LEU B 92 1.90 -2.08 6.85
N GLN B 93 1.04 -1.32 7.55
CA GLN B 93 -0.04 -0.58 6.92
C GLN B 93 0.47 0.71 6.27
N GLY B 94 1.55 1.27 6.79
CA GLY B 94 2.07 2.54 6.31
C GLY B 94 1.06 3.67 6.54
N ARG B 95 1.12 4.70 5.69
CA ARG B 95 0.19 5.82 5.74
C ARG B 95 -1.11 5.43 5.02
N ALA B 96 -2.23 5.92 5.53
CA ALA B 96 -3.54 5.56 5.03
C ALA B 96 -4.12 6.62 4.10
N LEU B 97 -3.68 7.88 4.26
CA LEU B 97 -4.40 9.03 3.73
C LEU B 97 -4.59 8.92 2.22
N LEU B 98 -3.49 8.91 1.46
CA LEU B 98 -3.55 9.01 0.01
C LEU B 98 -4.25 7.79 -0.60
N ASN B 99 -4.09 6.61 0.03
CA ASN B 99 -4.72 5.39 -0.46
C ASN B 99 -6.21 5.40 -0.18
N ALA B 100 -6.61 6.00 0.94
CA ALA B 100 -8.00 6.08 1.33
C ALA B 100 -8.76 6.98 0.34
N ILE B 101 -8.24 8.18 0.09
CA ILE B 101 -8.85 9.11 -0.84
C ILE B 101 -8.71 8.54 -2.26
N GLY B 102 -7.60 7.84 -2.54
CA GLY B 102 -7.38 7.20 -3.81
C GLY B 102 -8.48 6.20 -4.14
N ASN B 103 -8.68 5.23 -3.24
CA ASN B 103 -9.68 4.18 -3.42
C ASN B 103 -11.10 4.78 -3.44
N LEU B 104 -11.30 5.88 -2.70
CA LEU B 104 -12.59 6.55 -2.68
C LEU B 104 -12.79 7.38 -3.94
N GLU B 105 -11.70 7.63 -4.69
CA GLU B 105 -11.72 8.47 -5.88
C GLU B 105 -12.09 9.91 -5.48
N LEU B 106 -11.33 10.49 -4.54
CA LEU B 106 -11.57 11.85 -4.09
C LEU B 106 -10.26 12.62 -4.00
N THR B 107 -9.20 12.11 -4.65
CA THR B 107 -7.89 12.74 -4.59
C THR B 107 -7.98 14.18 -5.09
N GLY B 108 -8.77 14.39 -6.16
CA GLY B 108 -8.93 15.69 -6.76
C GLY B 108 -9.66 16.66 -5.84
N ALA B 109 -10.78 16.22 -5.26
CA ALA B 109 -11.61 17.05 -4.41
C ALA B 109 -10.86 17.46 -3.14
N PHE B 110 -10.12 16.51 -2.56
CA PHE B 110 -9.37 16.75 -1.32
C PHE B 110 -8.18 17.67 -1.60
N ALA B 111 -7.56 17.52 -2.77
CA ALA B 111 -6.46 18.38 -3.17
C ALA B 111 -6.94 19.81 -3.35
N GLU B 112 -8.12 19.97 -3.96
CA GLU B 112 -8.72 21.28 -4.20
C GLU B 112 -9.16 21.92 -2.89
N ALA B 113 -9.80 21.13 -2.01
CA ALA B 113 -10.25 21.60 -0.72
C ALA B 113 -9.07 22.11 0.11
N LEU B 114 -7.97 21.36 0.12
CA LEU B 114 -6.77 21.75 0.86
C LEU B 114 -6.16 23.01 0.25
N LYS B 115 -6.24 23.14 -1.09
CA LYS B 115 -5.81 24.34 -1.78
C LYS B 115 -6.53 25.54 -1.19
N ASN B 116 -7.87 25.43 -1.11
CA ASN B 116 -8.72 26.48 -0.58
C ASN B 116 -8.35 26.85 0.86
N LEU B 117 -7.83 25.89 1.64
CA LEU B 117 -7.50 26.13 3.03
C LEU B 117 -6.04 26.53 3.19
N GLY B 118 -5.33 26.72 2.06
CA GLY B 118 -3.98 27.28 2.08
C GLY B 118 -2.90 26.22 2.32
N HIS B 119 -3.20 24.97 1.91
CA HIS B 119 -2.26 23.86 2.00
C HIS B 119 -2.29 23.10 0.69
N ASN B 120 -1.34 22.17 0.53
CA ASN B 120 -1.35 21.23 -0.58
C ASN B 120 -1.29 19.81 -0.04
N LEU B 121 -1.82 18.88 -0.86
CA LEU B 121 -2.09 17.52 -0.43
C LEU B 121 -0.81 16.82 0.05
N GLU B 122 0.29 16.98 -0.68
CA GLU B 122 1.50 16.20 -0.43
C GLU B 122 2.09 16.61 0.91
N ASN B 123 1.99 17.90 1.23
CA ASN B 123 2.49 18.44 2.48
C ASN B 123 1.68 17.92 3.67
N VAL B 124 0.37 17.80 3.48
CA VAL B 124 -0.52 17.31 4.54
C VAL B 124 -0.23 15.82 4.77
N ALA B 125 -0.13 15.07 3.67
CA ALA B 125 0.05 13.64 3.74
C ALA B 125 1.35 13.28 4.44
N SER B 126 2.35 14.17 4.34
CA SER B 126 3.67 13.90 4.90
C SER B 126 3.67 14.06 6.41
N GLN B 127 2.61 14.66 6.96
CA GLN B 127 2.46 14.78 8.41
C GLN B 127 2.15 13.42 9.03
N GLU B 128 1.38 12.60 8.30
CA GLU B 128 0.93 11.31 8.81
C GLU B 128 2.13 10.42 9.08
N PRO B 129 2.26 9.85 10.30
CA PRO B 129 3.25 8.82 10.57
C PRO B 129 2.78 7.48 10.00
N ASP B 130 3.72 6.66 9.56
CA ASP B 130 3.42 5.27 9.25
C ASP B 130 2.87 4.60 10.51
N ALA B 131 1.78 3.86 10.36
CA ALA B 131 1.28 3.03 11.45
C ALA B 131 2.30 1.94 11.75
N ALA B 132 2.90 1.98 12.95
CA ALA B 132 3.95 1.03 13.31
C ALA B 132 3.34 -0.25 13.87
N LEU B 133 2.71 -1.04 12.99
CA LEU B 133 1.99 -2.23 13.38
C LEU B 133 2.66 -3.51 12.83
N GLY B 134 3.81 -3.35 12.15
CA GLY B 134 4.50 -4.46 11.55
C GLY B 134 6.00 -4.17 11.35
N ASN B 135 6.70 -5.08 10.65
CA ASN B 135 8.14 -4.98 10.47
C ASN B 135 8.51 -5.13 9.00
N GLY B 136 8.17 -6.27 8.38
CA GLY B 136 8.72 -6.63 7.09
C GLY B 136 7.68 -7.24 6.15
N GLY B 137 8.17 -8.06 5.22
CA GLY B 137 7.37 -8.61 4.14
C GLY B 137 6.14 -9.33 4.66
N LEU B 138 6.32 -10.05 5.78
CA LEU B 138 5.24 -10.79 6.41
C LEU B 138 4.07 -9.85 6.66
N GLY B 139 4.36 -8.73 7.31
CA GLY B 139 3.35 -7.73 7.64
C GLY B 139 2.81 -7.05 6.40
N ARG B 140 3.70 -6.76 5.44
CA ARG B 140 3.32 -6.03 4.25
C ARG B 140 2.43 -6.90 3.37
N LEU B 141 2.72 -8.20 3.33
CA LEU B 141 1.88 -9.15 2.60
C LEU B 141 0.45 -9.05 3.13
N ALA B 142 0.31 -9.08 4.47
CA ALA B 142 -0.99 -9.03 5.11
C ALA B 142 -1.73 -7.77 4.69
N SER B 143 -1.01 -6.65 4.67
CA SER B 143 -1.57 -5.35 4.36
C SER B 143 -2.06 -5.30 2.91
N CYS B 144 -1.20 -5.73 1.98
CA CYS B 144 -1.57 -5.82 0.57
C CYS B 144 -2.84 -6.67 0.40
N PHE B 145 -2.89 -7.78 1.15
CA PHE B 145 -4.02 -8.70 1.12
C PHE B 145 -5.30 -7.99 1.52
N LEU B 146 -5.23 -7.14 2.55
CA LEU B 146 -6.41 -6.44 3.03
C LEU B 146 -6.94 -5.50 1.94
N ASP B 147 -6.03 -4.85 1.20
CA ASP B 147 -6.41 -3.99 0.10
C ASP B 147 -7.13 -4.81 -0.98
N SER B 148 -6.51 -5.93 -1.35
CA SER B 148 -7.09 -6.80 -2.37
C SER B 148 -8.47 -7.31 -1.92
N LEU B 149 -8.53 -7.87 -0.70
CA LEU B 149 -9.75 -8.43 -0.16
C LEU B 149 -10.91 -7.42 -0.26
N ALA B 150 -10.66 -6.18 0.14
CA ALA B 150 -11.67 -5.14 0.09
C ALA B 150 -12.02 -4.78 -1.36
N THR B 151 -10.99 -4.59 -2.19
CA THR B 151 -11.18 -4.17 -3.58
C THR B 151 -12.03 -5.19 -4.32
N LEU B 152 -11.81 -6.48 -4.03
CA LEU B 152 -12.44 -7.58 -4.76
C LEU B 152 -13.77 -7.98 -4.12
N ASN B 153 -14.18 -7.27 -3.06
CA ASN B 153 -15.50 -7.44 -2.46
C ASN B 153 -15.60 -8.76 -1.70
N TYR B 154 -14.47 -9.30 -1.24
CA TYR B 154 -14.42 -10.55 -0.50
C TYR B 154 -14.71 -10.28 0.97
N PRO B 155 -15.69 -10.98 1.60
CA PRO B 155 -15.97 -10.81 3.03
C PRO B 155 -14.88 -11.42 3.89
N ALA B 156 -13.97 -10.56 4.35
CA ALA B 156 -12.84 -10.98 5.16
C ALA B 156 -12.32 -9.81 6.00
N TRP B 157 -11.80 -10.13 7.18
CA TRP B 157 -11.21 -9.17 8.08
C TRP B 157 -9.78 -9.58 8.39
N GLY B 158 -8.97 -8.60 8.83
CA GLY B 158 -7.69 -8.87 9.47
C GLY B 158 -7.83 -8.77 10.99
N TYR B 159 -6.96 -9.49 11.71
CA TYR B 159 -6.87 -9.41 13.16
C TYR B 159 -5.40 -9.29 13.54
N GLY B 160 -5.09 -8.31 14.39
CA GLY B 160 -3.72 -8.07 14.82
C GLY B 160 -3.67 -7.40 16.18
N LEU B 161 -2.45 -7.13 16.65
CA LEU B 161 -2.24 -6.39 17.89
C LEU B 161 -1.98 -4.93 17.55
N ARG B 162 -2.50 -4.05 18.40
CA ARG B 162 -2.26 -2.62 18.31
C ARG B 162 -0.99 -2.27 19.10
N TYR B 163 0.15 -2.34 18.41
CA TYR B 163 1.46 -2.07 19.01
C TYR B 163 1.65 -0.57 19.20
N LYS B 164 2.08 -0.18 20.40
CA LYS B 164 2.19 1.21 20.77
C LYS B 164 3.44 1.84 20.17
N TYR B 165 4.57 1.14 20.26
CA TYR B 165 5.87 1.67 19.88
C TYR B 165 6.48 0.89 18.72
N GLY B 166 5.65 0.14 17.98
CA GLY B 166 6.09 -0.63 16.83
C GLY B 166 7.26 -1.56 17.18
N LEU B 167 8.24 -1.63 16.27
CA LEU B 167 9.48 -2.33 16.53
C LEU B 167 10.48 -1.34 17.09
N PHE B 168 10.95 -0.42 16.23
CA PHE B 168 11.71 0.74 16.67
C PHE B 168 11.92 1.67 15.47
N LYS B 169 12.03 2.97 15.76
CA LYS B 169 12.43 3.97 14.79
C LYS B 169 13.96 3.97 14.70
N GLN B 170 14.48 3.85 13.48
CA GLN B 170 15.91 3.84 13.26
C GLN B 170 16.41 5.28 13.10
N ARG B 171 17.50 5.60 13.79
CA ARG B 171 18.28 6.78 13.49
C ARG B 171 19.67 6.34 13.07
N ILE B 172 20.26 7.08 12.11
CA ILE B 172 21.61 6.86 11.66
C ILE B 172 22.45 8.04 12.12
N THR B 173 23.40 7.76 13.03
CA THR B 173 24.33 8.77 13.52
C THR B 173 25.68 8.56 12.87
N LYS B 174 26.64 9.44 13.21
CA LYS B 174 28.03 9.20 12.84
C LYS B 174 28.48 7.83 13.37
N ASP B 175 27.88 7.38 14.48
CA ASP B 175 28.23 6.10 15.08
C ASP B 175 27.40 4.95 14.51
N GLY B 176 26.45 5.26 13.62
CA GLY B 176 25.66 4.24 12.95
C GLY B 176 24.23 4.19 13.49
N GLN B 177 23.67 2.97 13.55
CA GLN B 177 22.28 2.77 13.90
C GLN B 177 22.08 3.00 15.39
N GLU B 178 21.03 3.76 15.73
CA GLU B 178 20.47 3.82 17.07
C GLU B 178 18.97 3.53 16.96
N GLU B 179 18.41 2.94 18.03
CA GLU B 179 17.00 2.58 18.07
C GLU B 179 16.27 3.44 19.10
N VAL B 180 15.09 3.92 18.73
CA VAL B 180 14.25 4.70 19.63
C VAL B 180 12.79 4.33 19.35
N ALA B 181 11.97 4.33 20.40
CA ALA B 181 10.59 3.87 20.34
C ALA B 181 9.77 4.76 19.39
N GLU B 182 8.77 4.16 18.75
CA GLU B 182 7.96 4.84 17.76
C GLU B 182 6.99 5.80 18.44
N ASP B 183 6.70 6.91 17.75
CA ASP B 183 5.95 8.01 18.32
C ASP B 183 4.61 8.15 17.62
N TRP B 184 4.15 7.09 16.93
CA TRP B 184 3.06 7.22 16.00
C TRP B 184 1.73 7.48 16.71
N LEU B 185 1.63 7.03 17.98
CA LEU B 185 0.41 7.18 18.77
C LEU B 185 0.54 8.28 19.80
N GLU B 186 1.60 9.09 19.72
CA GLU B 186 1.89 10.09 20.73
C GLU B 186 0.75 11.11 20.83
N ILE B 187 0.18 11.48 19.68
CA ILE B 187 -1.03 12.29 19.63
C ILE B 187 -2.24 11.36 19.43
N GLY B 188 -2.06 10.27 18.68
CA GLY B 188 -3.10 9.29 18.46
C GLY B 188 -3.40 9.11 16.97
N SER B 189 -4.12 8.05 16.62
CA SER B 189 -4.47 7.77 15.23
C SER B 189 -5.83 8.38 14.91
N PRO B 190 -5.96 9.21 13.85
CA PRO B 190 -7.25 9.73 13.43
C PRO B 190 -8.13 8.69 12.75
N TRP B 191 -7.53 7.54 12.41
CA TRP B 191 -8.17 6.52 11.60
C TRP B 191 -8.97 5.55 12.46
N GLU B 192 -8.37 5.09 13.57
CA GLU B 192 -8.91 3.98 14.32
C GLU B 192 -10.24 4.35 14.97
N VAL B 193 -11.06 3.31 15.20
CA VAL B 193 -12.36 3.42 15.85
C VAL B 193 -12.37 2.47 17.03
N VAL B 194 -12.32 3.01 18.25
CA VAL B 194 -12.32 2.18 19.44
C VAL B 194 -13.74 1.65 19.65
N ARG B 195 -13.82 0.34 19.97
CA ARG B 195 -15.09 -0.30 20.28
C ARG B 195 -15.06 -0.70 21.76
N ASN B 196 -15.53 0.21 22.61
CA ASN B 196 -15.41 0.08 24.05
C ASN B 196 -16.24 -1.09 24.56
N ASP B 197 -17.31 -1.43 23.82
CA ASP B 197 -18.18 -2.54 24.17
C ASP B 197 -17.66 -3.86 23.60
N VAL B 198 -16.56 -3.83 22.84
CA VAL B 198 -15.96 -5.05 22.32
C VAL B 198 -14.71 -5.35 23.13
N SER B 199 -14.92 -6.04 24.26
CA SER B 199 -13.85 -6.42 25.17
C SER B 199 -13.95 -7.92 25.43
N TYR B 200 -12.82 -8.62 25.47
CA TYR B 200 -12.84 -10.06 25.69
C TYR B 200 -11.83 -10.41 26.77
N PRO B 201 -12.17 -11.34 27.69
CA PRO B 201 -11.26 -11.76 28.75
C PRO B 201 -10.19 -12.68 28.20
N ILE B 202 -8.95 -12.44 28.65
CA ILE B 202 -7.82 -13.30 28.36
C ILE B 202 -7.28 -13.79 29.71
N LYS B 203 -7.02 -15.11 29.81
CA LYS B 203 -6.51 -15.72 31.03
C LYS B 203 -5.10 -16.24 30.77
N PHE B 204 -4.25 -16.15 31.79
CA PHE B 204 -2.93 -16.77 31.79
C PHE B 204 -2.74 -17.51 33.10
N TYR B 205 -1.78 -18.45 33.10
CA TYR B 205 -1.44 -19.23 34.28
C TYR B 205 -2.69 -19.98 34.77
N GLY B 206 -2.81 -20.15 36.10
CA GLY B 206 -3.97 -20.80 36.69
C GLY B 206 -3.86 -22.31 36.61
N LYS B 207 -4.97 -22.99 36.93
CA LYS B 207 -5.00 -24.44 37.02
C LYS B 207 -6.27 -24.96 36.35
N VAL B 208 -6.23 -26.23 35.97
CA VAL B 208 -7.38 -26.93 35.39
C VAL B 208 -7.90 -27.95 36.39
N SER B 209 -9.21 -28.19 36.37
CA SER B 209 -9.84 -29.15 37.26
C SER B 209 -11.16 -29.62 36.66
N THR B 210 -11.54 -30.87 36.98
CA THR B 210 -12.75 -31.46 36.44
C THR B 210 -13.91 -31.19 37.40
N GLY B 211 -15.06 -30.82 36.83
CA GLY B 211 -16.28 -30.62 37.60
C GLY B 211 -17.03 -31.94 37.76
N SER B 212 -18.06 -31.91 38.61
CA SER B 212 -18.94 -33.05 38.82
C SER B 212 -19.76 -33.35 37.56
N ASP B 213 -19.76 -32.41 36.60
CA ASP B 213 -20.44 -32.60 35.33
C ASP B 213 -19.52 -33.24 34.31
N GLY B 214 -18.23 -33.39 34.67
CA GLY B 214 -17.26 -34.09 33.85
C GLY B 214 -16.53 -33.17 32.88
N LYS B 215 -16.82 -31.86 32.93
CA LYS B 215 -16.18 -30.88 32.08
C LYS B 215 -14.91 -30.36 32.75
N ARG B 216 -14.01 -29.82 31.93
CA ARG B 216 -12.80 -29.20 32.43
C ARG B 216 -13.06 -27.72 32.70
N TYR B 217 -12.47 -27.22 33.79
CA TYR B 217 -12.60 -25.84 34.22
C TYR B 217 -11.20 -25.28 34.44
N TRP B 218 -10.89 -24.21 33.68
CA TRP B 218 -9.62 -23.50 33.80
C TRP B 218 -9.82 -22.28 34.69
N ILE B 219 -9.46 -22.40 35.96
CA ILE B 219 -9.70 -21.34 36.94
C ILE B 219 -8.37 -20.67 37.27
N GLY B 220 -8.48 -19.47 37.87
CA GLY B 220 -7.35 -18.79 38.48
C GLY B 220 -6.43 -18.14 37.46
N GLY B 221 -5.21 -17.82 37.92
CA GLY B 221 -4.17 -17.25 37.08
C GLY B 221 -4.24 -15.73 37.07
N GLU B 222 -3.90 -15.14 35.92
CA GLU B 222 -4.04 -13.71 35.67
C GLU B 222 -5.22 -13.52 34.71
N ASP B 223 -6.00 -12.45 34.92
CA ASP B 223 -7.10 -12.11 34.04
C ASP B 223 -6.90 -10.69 33.53
N ILE B 224 -6.97 -10.52 32.20
CA ILE B 224 -6.87 -9.21 31.56
C ILE B 224 -7.98 -9.08 30.52
N LYS B 225 -8.09 -7.89 29.91
CA LYS B 225 -9.06 -7.63 28.87
C LYS B 225 -8.36 -7.31 27.55
N ALA B 226 -9.06 -7.56 26.44
CA ALA B 226 -8.59 -7.21 25.11
C ALA B 226 -9.68 -6.40 24.42
N VAL B 227 -9.35 -5.17 24.02
CA VAL B 227 -10.33 -4.25 23.48
C VAL B 227 -10.07 -4.00 22.00
N ALA B 228 -11.15 -3.95 21.21
CA ALA B 228 -11.07 -3.85 19.77
C ALA B 228 -10.90 -2.40 19.35
N TYR B 229 -9.95 -2.19 18.42
CA TYR B 229 -9.84 -0.97 17.64
C TYR B 229 -9.94 -1.32 16.16
N ASP B 230 -10.93 -0.77 15.47
CA ASP B 230 -11.09 -1.03 14.05
C ASP B 230 -10.30 -0.01 13.24
N VAL B 231 -9.52 -0.50 12.27
CA VAL B 231 -8.97 0.33 11.20
C VAL B 231 -9.72 -0.02 9.93
N PRO B 232 -10.60 0.87 9.41
CA PRO B 232 -11.27 0.64 8.13
C PRO B 232 -10.28 0.51 6.97
N ILE B 233 -10.53 -0.47 6.09
CA ILE B 233 -9.73 -0.69 4.90
C ILE B 233 -10.66 -0.59 3.70
N PRO B 234 -10.63 0.54 2.94
CA PRO B 234 -11.52 0.71 1.80
C PRO B 234 -10.98 0.04 0.54
N GLY B 235 -11.88 -0.52 -0.26
CA GLY B 235 -11.55 -1.11 -1.54
C GLY B 235 -11.50 -0.07 -2.65
N TYR B 236 -10.78 -0.39 -3.73
CA TYR B 236 -10.62 0.50 -4.86
C TYR B 236 -11.87 0.42 -5.74
N LYS B 237 -12.50 1.58 -5.95
CA LYS B 237 -13.68 1.73 -6.79
C LYS B 237 -14.79 0.79 -6.33
N THR B 238 -14.96 0.66 -5.01
CA THR B 238 -16.05 -0.12 -4.43
C THR B 238 -16.46 0.53 -3.11
N ARG B 239 -17.63 0.13 -2.61
CA ARG B 239 -18.09 0.52 -1.28
C ARG B 239 -17.56 -0.45 -0.23
N THR B 240 -17.17 -1.66 -0.64
CA THR B 240 -16.67 -2.64 0.31
C THR B 240 -15.55 -2.01 1.12
N THR B 241 -15.82 -1.82 2.42
CA THR B 241 -14.82 -1.40 3.38
C THR B 241 -14.82 -2.42 4.51
N ILE B 242 -13.69 -3.12 4.66
CA ILE B 242 -13.54 -4.18 5.65
C ILE B 242 -12.80 -3.62 6.85
N SER B 243 -12.47 -4.50 7.80
CA SER B 243 -11.85 -4.09 9.05
C SER B 243 -10.49 -4.78 9.22
N LEU B 244 -9.51 -4.01 9.69
CA LEU B 244 -8.37 -4.56 10.39
C LEU B 244 -8.62 -4.31 11.87
N ARG B 245 -9.07 -5.34 12.58
CA ARG B 245 -9.44 -5.21 13.97
C ARG B 245 -8.23 -5.53 14.85
N LEU B 246 -7.76 -4.52 15.60
CA LEU B 246 -6.57 -4.63 16.42
C LEU B 246 -6.97 -4.77 17.90
N TRP B 247 -6.17 -5.53 18.64
CA TRP B 247 -6.42 -5.75 20.06
C TRP B 247 -5.46 -4.92 20.90
N SER B 248 -6.00 -4.25 21.93
CA SER B 248 -5.20 -3.58 22.94
C SER B 248 -5.55 -4.16 24.32
N THR B 249 -4.50 -4.56 25.05
CA THR B 249 -4.66 -5.27 26.31
C THR B 249 -4.65 -4.27 27.45
N GLN B 250 -5.56 -4.47 28.42
CA GLN B 250 -5.67 -3.61 29.58
C GLN B 250 -6.36 -4.35 30.73
N VAL B 251 -6.47 -3.69 31.88
CA VAL B 251 -7.18 -4.21 33.04
C VAL B 251 -8.11 -3.12 33.55
N PRO B 252 -9.20 -3.46 34.29
CA PRO B 252 -10.09 -2.45 34.86
C PRO B 252 -9.35 -1.56 35.85
N SER B 253 -9.90 -0.35 36.07
CA SER B 253 -9.32 0.62 36.98
C SER B 253 -9.17 0.03 38.39
N ALA B 254 -10.12 -0.85 38.74
CA ALA B 254 -10.22 -1.43 40.08
C ALA B 254 -8.98 -2.25 40.43
N ASP B 255 -8.22 -2.70 39.42
CA ASP B 255 -7.03 -3.49 39.66
C ASP B 255 -5.86 -2.61 40.11
N PHE B 256 -6.05 -1.29 40.11
CA PHE B 256 -5.05 -0.37 40.63
C PHE B 256 -5.04 -0.50 42.16
N ASP B 257 -3.85 -0.72 42.73
CA ASP B 257 -3.75 -1.01 44.15
C ASP B 257 -3.50 0.29 44.93
N LEU B 258 -4.59 0.87 45.45
CA LEU B 258 -4.54 2.11 46.21
C LEU B 258 -3.72 1.92 47.48
N SER B 259 -3.87 0.75 48.12
CA SER B 259 -3.18 0.45 49.37
C SER B 259 -1.68 0.59 49.18
N ALA B 260 -1.17 -0.06 48.13
CA ALA B 260 0.23 -0.02 47.77
C ALA B 260 0.65 1.43 47.44
N PHE B 261 -0.16 2.12 46.63
CA PHE B 261 0.23 3.40 46.08
C PHE B 261 0.35 4.43 47.20
N ASN B 262 -0.69 4.51 48.06
CA ASN B 262 -0.69 5.41 49.19
C ASN B 262 0.41 5.08 50.22
N ALA B 263 0.89 3.84 50.23
CA ALA B 263 1.96 3.43 51.15
C ALA B 263 3.34 3.84 50.63
N GLY B 264 3.40 4.29 49.36
CA GLY B 264 4.63 4.74 48.74
C GLY B 264 5.17 3.75 47.71
N GLU B 265 4.57 2.55 47.64
CA GLU B 265 4.98 1.52 46.70
C GLU B 265 4.29 1.74 45.36
N HIS B 266 4.69 2.82 44.67
CA HIS B 266 4.01 3.31 43.48
C HIS B 266 4.13 2.32 42.32
N THR B 267 5.26 1.60 42.26
CA THR B 267 5.49 0.64 41.18
C THR B 267 4.60 -0.57 41.40
N LYS B 268 4.60 -1.09 42.65
CA LYS B 268 3.83 -2.27 43.00
C LYS B 268 2.34 -2.05 42.74
N ALA B 269 1.88 -0.79 42.86
CA ALA B 269 0.48 -0.45 42.65
C ALA B 269 0.10 -0.58 41.18
N CYS B 270 1.05 -0.25 40.30
CA CYS B 270 0.86 -0.13 38.86
C CYS B 270 1.03 -1.49 38.19
N GLU B 271 1.40 -2.50 38.99
CA GLU B 271 1.95 -3.78 38.54
C GLU B 271 1.01 -4.53 37.60
N ALA B 272 -0.27 -4.61 37.97
CA ALA B 272 -1.24 -5.40 37.23
C ALA B 272 -1.46 -4.83 35.84
N GLN B 273 -1.59 -3.49 35.77
CA GLN B 273 -1.81 -2.78 34.52
C GLN B 273 -0.57 -2.88 33.63
N ALA B 274 0.60 -2.80 34.27
CA ALA B 274 1.87 -2.84 33.56
C ALA B 274 2.04 -4.19 32.85
N ASN B 275 1.75 -5.26 33.59
CA ASN B 275 1.90 -6.62 33.10
C ASN B 275 0.90 -6.88 31.96
N ALA B 276 -0.26 -6.22 32.03
CA ALA B 276 -1.31 -6.44 31.04
C ALA B 276 -1.01 -5.66 29.75
N GLU B 277 -0.53 -4.43 29.89
CA GLU B 277 -0.42 -3.51 28.78
C GLU B 277 0.83 -3.76 27.96
N LYS B 278 1.90 -4.27 28.58
CA LYS B 278 3.18 -4.45 27.92
C LYS B 278 3.07 -5.46 26.76
N ILE B 279 2.01 -6.26 26.79
CA ILE B 279 1.70 -7.20 25.72
C ILE B 279 1.66 -6.44 24.38
N CYS B 280 1.14 -5.21 24.39
CA CYS B 280 0.95 -4.45 23.17
C CYS B 280 1.95 -3.29 23.05
N TYR B 281 3.11 -3.40 23.70
CA TYR B 281 4.08 -2.31 23.68
C TYR B 281 4.88 -2.37 22.37
N ILE B 282 5.69 -3.42 22.19
CA ILE B 282 6.54 -3.50 21.02
C ILE B 282 6.38 -4.88 20.35
N LEU B 283 6.78 -4.91 19.08
CA LEU B 283 6.64 -6.06 18.20
C LEU B 283 7.93 -6.88 18.25
N TYR B 284 7.79 -8.21 18.43
CA TYR B 284 8.91 -9.12 18.54
C TYR B 284 9.83 -8.66 19.67
N PRO B 285 9.35 -8.60 20.94
CA PRO B 285 10.21 -8.26 22.07
C PRO B 285 11.32 -9.29 22.29
N GLY B 286 12.49 -8.82 22.72
CA GLY B 286 13.64 -9.68 22.94
C GLY B 286 13.25 -10.88 23.80
N ASP B 287 13.66 -12.09 23.39
CA ASP B 287 13.20 -13.31 24.00
C ASP B 287 14.38 -14.20 24.41
N GLU B 288 15.56 -13.59 24.62
CA GLU B 288 16.67 -14.29 25.28
C GLU B 288 16.28 -14.62 26.72
N SER B 289 15.55 -13.70 27.36
CA SER B 289 15.10 -13.84 28.74
C SER B 289 13.86 -14.72 28.81
N GLU B 290 13.64 -15.31 30.00
CA GLU B 290 12.44 -16.08 30.29
C GLU B 290 11.23 -15.17 30.19
N GLU B 291 11.36 -13.96 30.76
CA GLU B 291 10.32 -12.95 30.73
C GLU B 291 9.95 -12.59 29.28
N GLY B 292 10.96 -12.50 28.41
CA GLY B 292 10.76 -12.20 27.00
C GLY B 292 9.94 -13.27 26.30
N LYS B 293 10.23 -14.55 26.61
CA LYS B 293 9.54 -15.67 26.00
C LYS B 293 8.10 -15.71 26.49
N ILE B 294 7.90 -15.52 27.80
CA ILE B 294 6.57 -15.49 28.37
C ILE B 294 5.76 -14.42 27.65
N LEU B 295 6.36 -13.23 27.52
CA LEU B 295 5.71 -12.09 26.88
C LEU B 295 5.27 -12.47 25.47
N ARG B 296 6.18 -13.10 24.71
CA ARG B 296 5.90 -13.52 23.36
C ARG B 296 4.68 -14.44 23.33
N LEU B 297 4.66 -15.41 24.24
CA LEU B 297 3.60 -16.42 24.25
C LEU B 297 2.28 -15.73 24.58
N LYS B 298 2.31 -14.75 25.49
CA LYS B 298 1.13 -13.99 25.85
C LYS B 298 0.59 -13.23 24.63
N GLN B 299 1.50 -12.61 23.86
CA GLN B 299 1.12 -11.87 22.65
C GLN B 299 0.36 -12.79 21.70
N GLN B 300 0.94 -13.96 21.43
CA GLN B 300 0.33 -14.93 20.54
C GLN B 300 -1.04 -15.35 21.05
N TYR B 301 -1.11 -15.72 22.33
CA TYR B 301 -2.34 -16.23 22.91
C TYR B 301 -3.41 -15.14 22.85
N THR B 302 -3.02 -13.91 23.20
CA THR B 302 -3.93 -12.79 23.22
C THR B 302 -4.57 -12.62 21.83
N LEU B 303 -3.71 -12.60 20.80
CA LEU B 303 -4.17 -12.47 19.43
C LEU B 303 -5.19 -13.56 19.11
N CYS B 304 -4.78 -14.81 19.33
CA CYS B 304 -5.60 -15.96 18.96
C CYS B 304 -6.94 -15.96 19.70
N SER B 305 -6.88 -15.78 21.04
CA SER B 305 -8.05 -15.94 21.87
C SER B 305 -9.06 -14.83 21.62
N ALA B 306 -8.59 -13.57 21.67
CA ALA B 306 -9.45 -12.41 21.44
C ALA B 306 -10.11 -12.51 20.06
N SER B 307 -9.29 -12.80 19.03
CA SER B 307 -9.78 -12.92 17.67
C SER B 307 -10.88 -13.97 17.59
N LEU B 308 -10.59 -15.19 18.10
CA LEU B 308 -11.49 -16.32 17.98
C LEU B 308 -12.81 -16.04 18.71
N GLN B 309 -12.70 -15.51 19.93
CA GLN B 309 -13.88 -15.17 20.72
C GLN B 309 -14.79 -14.24 19.93
N ASP B 310 -14.18 -13.23 19.29
CA ASP B 310 -14.92 -12.24 18.50
C ASP B 310 -15.54 -12.92 17.29
N ILE B 311 -14.82 -13.84 16.66
CA ILE B 311 -15.30 -14.55 15.50
C ILE B 311 -16.49 -15.41 15.89
N ILE B 312 -16.34 -16.15 17.00
CA ILE B 312 -17.35 -17.09 17.47
C ILE B 312 -18.59 -16.31 17.89
N SER B 313 -18.39 -15.19 18.59
CA SER B 313 -19.49 -14.31 18.95
C SER B 313 -20.29 -13.95 17.70
N ARG B 314 -19.58 -13.55 16.63
CA ARG B 314 -20.23 -13.12 15.40
C ARG B 314 -20.96 -14.30 14.76
N PHE B 315 -20.37 -15.50 14.86
CA PHE B 315 -20.99 -16.70 14.34
C PHE B 315 -22.30 -16.98 15.10
N GLU B 316 -22.27 -16.83 16.43
CA GLU B 316 -23.43 -17.08 17.25
C GLU B 316 -24.54 -16.10 16.87
N ARG B 317 -24.22 -14.81 16.87
CA ARG B 317 -25.17 -13.76 16.56
C ARG B 317 -25.97 -14.04 15.30
N ARG B 318 -25.29 -14.15 14.15
CA ARG B 318 -25.94 -14.20 12.85
C ARG B 318 -26.77 -15.47 12.66
N SER B 319 -26.54 -16.43 13.56
CA SER B 319 -27.20 -17.72 13.54
C SER B 319 -28.66 -17.61 13.99
N GLY B 320 -28.98 -16.59 14.79
CA GLY B 320 -30.32 -16.49 15.34
C GLY B 320 -30.58 -17.61 16.35
N ASP B 321 -31.73 -18.28 16.23
CA ASP B 321 -32.17 -19.28 17.19
C ASP B 321 -31.34 -20.55 17.04
N ARG B 322 -31.38 -21.17 15.86
CA ARG B 322 -30.61 -22.37 15.59
C ARG B 322 -29.13 -21.97 15.47
N ILE B 323 -28.25 -22.69 16.18
CA ILE B 323 -26.81 -22.44 16.06
C ILE B 323 -26.25 -23.35 14.96
N LYS B 324 -26.20 -24.66 15.20
CA LYS B 324 -25.67 -25.62 14.25
C LYS B 324 -24.16 -25.44 14.10
N TRP B 325 -23.43 -25.95 15.09
CA TRP B 325 -21.98 -25.80 15.17
C TRP B 325 -21.27 -26.49 14.01
N GLU B 326 -21.95 -27.44 13.35
CA GLU B 326 -21.32 -28.17 12.25
C GLU B 326 -21.24 -27.25 11.03
N GLU B 327 -21.96 -26.13 11.04
CA GLU B 327 -21.88 -25.13 9.98
C GLU B 327 -20.76 -24.12 10.22
N PHE B 328 -20.00 -24.27 11.32
CA PHE B 328 -19.00 -23.29 11.68
C PHE B 328 -18.00 -23.13 10.53
N PRO B 329 -17.37 -24.22 10.02
CA PRO B 329 -16.39 -24.09 8.96
C PRO B 329 -16.98 -23.65 7.62
N GLU B 330 -18.29 -23.81 7.45
CA GLU B 330 -18.99 -23.34 6.27
C GLU B 330 -19.27 -21.83 6.38
N LYS B 331 -19.00 -21.25 7.55
CA LYS B 331 -19.24 -19.83 7.79
C LYS B 331 -17.95 -19.08 8.15
N VAL B 332 -16.90 -19.82 8.55
CA VAL B 332 -15.70 -19.19 9.09
C VAL B 332 -14.46 -19.86 8.50
N ALA B 333 -13.53 -19.02 8.04
CA ALA B 333 -12.18 -19.45 7.71
C ALA B 333 -11.19 -18.63 8.53
N VAL B 334 -10.15 -19.29 9.03
CA VAL B 334 -9.10 -18.62 9.79
C VAL B 334 -7.76 -18.97 9.18
N GLN B 335 -7.08 -17.96 8.62
CA GLN B 335 -5.77 -18.14 8.02
C GLN B 335 -4.71 -17.74 9.03
N MET B 336 -3.73 -18.62 9.24
CA MET B 336 -2.65 -18.36 10.17
C MET B 336 -1.42 -17.91 9.37
N ASN B 337 -1.11 -16.62 9.45
CA ASN B 337 0.06 -16.06 8.80
C ASN B 337 1.29 -16.43 9.63
N ASP B 338 1.94 -17.54 9.24
CA ASP B 338 3.10 -18.08 9.92
C ASP B 338 2.63 -18.82 11.18
N THR B 339 3.57 -19.25 12.02
CA THR B 339 3.28 -20.12 13.15
C THR B 339 2.85 -19.30 14.37
N HIS B 340 2.78 -17.98 14.25
CA HIS B 340 2.47 -17.13 15.39
C HIS B 340 1.05 -17.38 15.88
N PRO B 341 0.03 -17.45 14.98
CA PRO B 341 -1.33 -17.77 15.41
C PRO B 341 -1.65 -19.25 15.61
N THR B 342 -0.62 -20.06 15.92
CA THR B 342 -0.76 -21.51 16.08
C THR B 342 -1.77 -21.83 17.17
N LEU B 343 -1.79 -21.04 18.25
CA LEU B 343 -2.62 -21.33 19.40
C LEU B 343 -4.11 -21.27 19.04
N CYS B 344 -4.45 -20.81 17.83
CA CYS B 344 -5.81 -20.83 17.36
C CYS B 344 -6.40 -22.24 17.41
N ILE B 345 -5.58 -23.24 17.08
CA ILE B 345 -6.00 -24.63 17.02
C ILE B 345 -6.39 -25.09 18.43
N PRO B 346 -5.47 -25.15 19.42
CA PRO B 346 -5.83 -25.52 20.79
C PRO B 346 -6.97 -24.70 21.38
N GLU B 347 -6.96 -23.38 21.11
CA GLU B 347 -7.93 -22.47 21.70
C GLU B 347 -9.33 -22.77 21.17
N LEU B 348 -9.45 -22.95 19.84
CA LEU B 348 -10.74 -23.21 19.23
C LEU B 348 -11.29 -24.55 19.75
N MET B 349 -10.40 -25.51 19.99
CA MET B 349 -10.79 -26.77 20.60
C MET B 349 -11.31 -26.47 22.00
N ARG B 350 -10.50 -25.77 22.81
CA ARG B 350 -10.85 -25.43 24.17
C ARG B 350 -12.25 -24.81 24.25
N ILE B 351 -12.56 -23.89 23.32
CA ILE B 351 -13.82 -23.17 23.34
C ILE B 351 -14.97 -24.12 22.99
N LEU B 352 -14.77 -24.93 21.94
CA LEU B 352 -15.84 -25.78 21.45
C LEU B 352 -16.15 -26.90 22.45
N ILE B 353 -15.11 -27.42 23.12
CA ILE B 353 -15.29 -28.48 24.11
C ILE B 353 -15.81 -27.87 25.41
N ASP B 354 -14.99 -27.04 26.05
CA ASP B 354 -15.22 -26.63 27.43
C ASP B 354 -16.40 -25.66 27.53
N LEU B 355 -16.57 -24.80 26.52
CA LEU B 355 -17.54 -23.72 26.58
C LEU B 355 -18.81 -24.08 25.83
N LYS B 356 -18.69 -24.73 24.68
CA LYS B 356 -19.84 -25.01 23.83
C LYS B 356 -20.35 -26.44 24.04
N GLY B 357 -19.53 -27.29 24.68
CA GLY B 357 -19.97 -28.59 25.15
C GLY B 357 -19.90 -29.68 24.07
N LEU B 358 -19.25 -29.38 22.94
CA LEU B 358 -19.12 -30.35 21.87
C LEU B 358 -18.16 -31.46 22.30
N ASN B 359 -18.20 -32.59 21.57
CA ASN B 359 -17.33 -33.73 21.86
C ASN B 359 -16.07 -33.60 21.01
N TRP B 360 -15.01 -34.31 21.42
CA TRP B 360 -13.69 -34.15 20.82
C TRP B 360 -13.74 -34.17 19.30
N ASN B 361 -14.41 -35.17 18.73
CA ASN B 361 -14.38 -35.39 17.28
C ASN B 361 -15.06 -34.24 16.55
N GLU B 362 -16.23 -33.81 17.05
CA GLU B 362 -16.95 -32.70 16.45
C GLU B 362 -16.07 -31.46 16.43
N ALA B 363 -15.44 -31.17 17.56
CA ALA B 363 -14.61 -29.99 17.72
C ALA B 363 -13.40 -30.05 16.79
N TRP B 364 -12.76 -31.23 16.74
CA TRP B 364 -11.57 -31.44 15.94
C TRP B 364 -11.88 -31.32 14.44
N ASN B 365 -13.05 -31.86 14.04
CA ASN B 365 -13.54 -31.71 12.69
C ASN B 365 -13.65 -30.23 12.35
N ILE B 366 -14.43 -29.50 13.17
CA ILE B 366 -14.71 -28.10 12.93
C ILE B 366 -13.39 -27.32 12.87
N THR B 367 -12.50 -27.58 13.83
CA THR B 367 -11.22 -26.88 13.92
C THR B 367 -10.45 -27.00 12.61
N GLN B 368 -10.23 -28.25 12.16
CA GLN B 368 -9.42 -28.51 10.99
C GLN B 368 -10.02 -27.84 9.75
N ARG B 369 -11.35 -27.89 9.64
CA ARG B 369 -12.03 -27.36 8.48
C ARG B 369 -12.07 -25.83 8.51
N THR B 370 -11.70 -25.23 9.65
CA THR B 370 -11.69 -23.79 9.81
C THR B 370 -10.29 -23.23 9.57
N VAL B 371 -9.28 -23.88 10.16
CA VAL B 371 -7.93 -23.34 10.20
C VAL B 371 -7.15 -23.72 8.95
N ALA B 372 -6.24 -22.82 8.53
CA ALA B 372 -5.24 -23.13 7.51
C ALA B 372 -3.95 -22.40 7.84
N TYR B 373 -2.84 -22.87 7.25
CA TYR B 373 -1.50 -22.41 7.59
C TYR B 373 -0.81 -21.90 6.33
N THR B 374 0.03 -20.86 6.51
CA THR B 374 0.92 -20.35 5.48
C THR B 374 2.34 -20.39 6.02
N ASN B 375 3.24 -21.04 5.27
CA ASN B 375 4.65 -21.13 5.65
C ASN B 375 5.46 -20.14 4.83
N HIS B 376 6.45 -19.49 5.48
CA HIS B 376 7.30 -18.50 4.83
C HIS B 376 8.78 -18.83 5.01
N THR B 377 9.11 -20.05 5.45
CA THR B 377 10.47 -20.39 5.83
C THR B 377 11.02 -21.48 4.91
N VAL B 378 12.33 -21.43 4.63
CA VAL B 378 12.97 -22.41 3.78
C VAL B 378 13.52 -23.55 4.64
N LEU B 379 14.28 -23.20 5.69
CA LEU B 379 14.95 -24.19 6.51
C LEU B 379 13.99 -24.72 7.58
N PRO B 380 14.14 -26.01 8.00
CA PRO B 380 13.36 -26.56 9.10
C PRO B 380 13.65 -25.92 10.46
N GLU B 381 14.92 -25.63 10.76
CA GLU B 381 15.30 -25.16 12.08
C GLU B 381 14.93 -23.69 12.28
N ALA B 382 14.08 -23.13 11.41
CA ALA B 382 13.59 -21.77 11.58
C ALA B 382 12.18 -21.77 12.17
N LEU B 383 11.62 -22.97 12.36
CA LEU B 383 10.23 -23.12 12.75
C LEU B 383 10.14 -23.10 14.27
N GLU B 384 9.07 -22.48 14.78
CA GLU B 384 9.07 -22.08 16.19
C GLU B 384 8.80 -23.31 17.05
N LYS B 385 9.53 -23.33 18.16
CA LYS B 385 9.38 -24.33 19.21
C LYS B 385 9.31 -23.63 20.56
N TRP B 386 8.59 -24.25 21.50
CA TRP B 386 8.42 -23.71 22.84
C TRP B 386 8.86 -24.73 23.87
N SER B 387 9.38 -24.23 25.01
CA SER B 387 9.57 -25.04 26.20
C SER B 387 8.23 -25.60 26.64
N TYR B 388 8.20 -26.91 26.93
CA TYR B 388 6.99 -27.58 27.39
C TYR B 388 6.58 -27.04 28.75
N GLU B 389 7.55 -26.97 29.67
CA GLU B 389 7.30 -26.53 31.03
C GLU B 389 6.71 -25.12 31.00
N LEU B 390 7.29 -24.26 30.16
CA LEU B 390 6.88 -22.87 30.06
C LEU B 390 5.45 -22.76 29.56
N MET B 391 5.14 -23.42 28.43
CA MET B 391 3.81 -23.33 27.85
C MET B 391 2.78 -23.95 28.79
N GLN B 392 3.17 -25.05 29.45
CA GLN B 392 2.27 -25.81 30.30
C GLN B 392 1.94 -25.00 31.57
N LYS B 393 2.90 -24.19 32.02
CA LYS B 393 2.68 -23.28 33.14
C LYS B 393 1.72 -22.16 32.74
N LEU B 394 1.84 -21.65 31.51
CA LEU B 394 1.12 -20.46 31.08
C LEU B 394 -0.27 -20.83 30.54
N LEU B 395 -0.34 -21.92 29.77
CA LEU B 395 -1.58 -22.31 29.12
C LEU B 395 -1.87 -23.78 29.40
N PRO B 396 -2.13 -24.15 30.67
CA PRO B 396 -2.20 -25.56 31.07
C PRO B 396 -3.23 -26.35 30.28
N ARG B 397 -4.42 -25.75 30.10
CA ARG B 397 -5.52 -26.38 29.41
C ARG B 397 -5.17 -26.59 27.94
N HIS B 398 -4.38 -25.67 27.37
CA HIS B 398 -3.96 -25.77 25.99
C HIS B 398 -2.99 -26.94 25.83
N VAL B 399 -2.01 -27.05 26.73
CA VAL B 399 -1.00 -28.11 26.66
C VAL B 399 -1.68 -29.49 26.74
N GLU B 400 -2.73 -29.60 27.56
CA GLU B 400 -3.54 -30.81 27.62
C GLU B 400 -4.05 -31.16 26.21
N ILE B 401 -4.67 -30.18 25.55
CA ILE B 401 -5.29 -30.40 24.24
C ILE B 401 -4.21 -30.72 23.19
N ILE B 402 -3.00 -30.14 23.34
CA ILE B 402 -1.90 -30.41 22.42
C ILE B 402 -1.45 -31.86 22.58
N GLU B 403 -1.32 -32.31 23.83
CA GLU B 403 -0.91 -33.67 24.14
C GLU B 403 -1.90 -34.66 23.54
N ALA B 404 -3.20 -34.37 23.68
CA ALA B 404 -4.25 -35.20 23.09
C ALA B 404 -4.08 -35.31 21.58
N ILE B 405 -3.96 -34.15 20.92
CA ILE B 405 -3.81 -34.06 19.47
C ILE B 405 -2.60 -34.86 19.01
N ASP B 406 -1.53 -34.83 19.82
CA ASP B 406 -0.30 -35.52 19.51
C ASP B 406 -0.49 -37.03 19.58
N GLU B 407 -1.23 -37.50 20.60
CA GLU B 407 -1.45 -38.92 20.78
C GLU B 407 -2.28 -39.45 19.61
N GLU B 408 -3.33 -38.71 19.24
CA GLU B 408 -4.17 -39.04 18.08
C GLU B 408 -3.31 -39.22 16.83
N LEU B 409 -2.28 -38.37 16.69
CA LEU B 409 -1.36 -38.44 15.57
C LEU B 409 -0.51 -39.72 15.68
N VAL B 410 -0.04 -40.03 16.89
CA VAL B 410 0.80 -41.19 17.13
C VAL B 410 0.05 -42.47 16.75
N HIS B 411 -1.28 -42.49 16.97
CA HIS B 411 -2.10 -43.66 16.66
C HIS B 411 -2.39 -43.73 15.16
N GLU B 412 -2.49 -42.57 14.50
CA GLU B 412 -2.76 -42.51 13.07
C GLU B 412 -1.53 -42.94 12.27
N ILE B 413 -0.33 -42.59 12.77
CA ILE B 413 0.93 -43.01 12.17
C ILE B 413 1.04 -44.53 12.26
N VAL B 414 0.83 -45.07 13.47
CA VAL B 414 0.99 -46.49 13.73
C VAL B 414 0.01 -47.27 12.85
N LEU B 415 -1.24 -46.79 12.75
CA LEU B 415 -2.25 -47.41 11.90
C LEU B 415 -1.74 -47.49 10.46
N LYS B 416 -1.43 -46.32 9.88
CA LYS B 416 -1.08 -46.21 8.46
C LYS B 416 0.17 -47.03 8.10
N TYR B 417 1.31 -46.72 8.72
CA TYR B 417 2.57 -47.38 8.38
C TYR B 417 2.62 -48.79 8.95
N GLY B 418 1.83 -49.08 10.00
CA GLY B 418 1.88 -50.36 10.67
C GLY B 418 3.13 -50.46 11.55
N SER B 419 3.37 -51.64 12.12
CA SER B 419 4.54 -51.89 12.96
C SER B 419 5.30 -53.10 12.43
N MET B 420 5.73 -53.00 11.17
CA MET B 420 6.48 -54.05 10.49
C MET B 420 7.98 -53.71 10.53
N ASP B 421 8.30 -52.45 10.23
CA ASP B 421 9.64 -51.92 10.36
C ASP B 421 9.64 -51.01 11.58
N LEU B 422 10.06 -51.52 12.74
CA LEU B 422 10.61 -50.70 13.82
C LEU B 422 11.80 -49.94 13.26
N ASN B 423 12.37 -49.02 14.04
CA ASN B 423 13.59 -48.34 13.65
C ASN B 423 13.25 -47.32 12.57
N LYS B 424 12.37 -47.72 11.63
CA LYS B 424 11.80 -46.83 10.63
C LYS B 424 10.69 -45.97 11.24
N LEU B 425 9.66 -46.68 11.73
CA LEU B 425 8.47 -46.09 12.31
C LEU B 425 8.84 -45.11 13.42
N GLU B 426 9.87 -45.49 14.18
CA GLU B 426 10.48 -44.66 15.22
C GLU B 426 11.01 -43.34 14.63
N GLU B 427 11.53 -43.39 13.41
CA GLU B 427 12.03 -42.21 12.72
C GLU B 427 10.87 -41.33 12.25
N LYS B 428 9.77 -41.96 11.82
CA LYS B 428 8.59 -41.25 11.35
C LYS B 428 7.85 -40.59 12.51
N LEU B 429 7.99 -41.14 13.72
CA LEU B 429 7.41 -40.52 14.91
C LEU B 429 8.30 -39.34 15.34
N THR B 430 9.62 -39.55 15.31
CA THR B 430 10.55 -38.54 15.80
C THR B 430 10.40 -37.25 15.01
N THR B 431 10.07 -37.33 13.71
CA THR B 431 10.03 -36.16 12.85
C THR B 431 8.64 -35.53 12.85
N MET B 432 7.58 -36.33 13.06
CA MET B 432 6.21 -35.85 12.86
C MET B 432 5.53 -35.49 14.18
N ARG B 433 6.04 -35.98 15.32
CA ARG B 433 5.37 -35.76 16.59
C ARG B 433 5.45 -34.27 16.94
N ILE B 434 4.40 -33.78 17.62
CA ILE B 434 4.26 -32.38 17.99
C ILE B 434 5.08 -32.13 19.25
N LEU B 435 5.20 -33.14 20.12
CA LEU B 435 6.04 -33.03 21.31
C LEU B 435 7.40 -33.66 20.99
N GLU B 436 8.45 -32.99 21.47
CA GLU B 436 9.82 -33.40 21.23
C GLU B 436 10.43 -33.83 22.55
N ASN B 437 11.02 -35.03 22.56
CA ASN B 437 11.61 -35.64 23.75
C ASN B 437 10.51 -36.07 24.72
N PHE B 438 9.54 -36.83 24.19
CA PHE B 438 8.40 -37.30 24.95
C PHE B 438 8.24 -38.82 24.83
N ASP B 439 7.64 -39.40 25.86
CA ASP B 439 7.32 -40.82 25.89
C ASP B 439 5.99 -41.01 25.18
N LEU B 440 5.83 -42.18 24.54
CA LEU B 440 4.66 -42.50 23.75
C LEU B 440 3.65 -43.16 24.66
N PRO B 441 2.36 -43.32 24.26
CA PRO B 441 1.36 -43.95 25.12
C PRO B 441 1.60 -45.42 25.47
N SER B 442 1.52 -46.31 24.47
CA SER B 442 1.90 -47.70 24.62
C SER B 442 2.76 -48.12 23.43
N SER B 443 4.06 -47.82 23.53
CA SER B 443 5.02 -48.13 22.49
C SER B 443 5.35 -49.63 22.51
N VAL B 444 5.40 -50.23 21.32
CA VAL B 444 6.06 -51.51 21.13
C VAL B 444 7.57 -51.30 21.34
N ALA B 445 8.40 -52.13 20.70
CA ALA B 445 9.86 -52.01 20.71
C ALA B 445 10.44 -52.81 21.86
N GLU B 446 10.56 -54.14 21.64
CA GLU B 446 11.04 -55.08 22.65
C GLU B 446 9.91 -55.37 23.66
N ILE B 511 20.03 -34.71 30.22
CA ILE B 511 18.53 -34.74 30.05
C ILE B 511 18.16 -33.80 28.89
N PRO B 512 17.67 -34.31 27.73
CA PRO B 512 17.30 -33.43 26.63
C PRO B 512 15.97 -32.71 26.87
N PRO B 513 15.88 -31.38 26.60
CA PRO B 513 14.72 -30.57 26.99
C PRO B 513 13.46 -30.85 26.18
N LYS B 514 12.31 -30.72 26.84
CA LYS B 514 11.02 -31.09 26.26
C LYS B 514 10.41 -29.86 25.58
N LYS B 515 9.94 -30.03 24.33
CA LYS B 515 9.56 -28.90 23.50
C LYS B 515 8.28 -29.18 22.72
N VAL B 516 7.60 -28.10 22.31
CA VAL B 516 6.40 -28.17 21.49
C VAL B 516 6.71 -27.54 20.13
N ARG B 517 6.48 -28.30 19.06
CA ARG B 517 6.75 -27.86 17.70
C ARG B 517 5.47 -27.27 17.10
N MET B 518 5.47 -25.95 16.90
CA MET B 518 4.25 -25.25 16.54
C MET B 518 3.90 -25.47 15.08
N ALA B 519 4.92 -25.63 14.23
CA ALA B 519 4.72 -25.85 12.81
C ALA B 519 4.02 -27.17 12.58
N ASN B 520 4.46 -28.21 13.30
CA ASN B 520 3.86 -29.54 13.27
C ASN B 520 2.38 -29.44 13.67
N LEU B 521 2.12 -28.73 14.76
CA LEU B 521 0.76 -28.50 15.23
C LEU B 521 -0.09 -27.91 14.11
N CYS B 522 0.48 -26.96 13.35
CA CYS B 522 -0.23 -26.26 12.28
C CYS B 522 -0.59 -27.20 11.14
N VAL B 523 0.32 -28.12 10.79
CA VAL B 523 0.11 -29.02 9.66
C VAL B 523 -0.91 -30.09 10.05
N VAL B 524 -1.13 -30.29 11.35
CA VAL B 524 -2.06 -31.29 11.84
C VAL B 524 -3.46 -30.68 12.00
N GLY B 525 -3.52 -29.48 12.59
CA GLY B 525 -4.80 -28.88 12.97
C GLY B 525 -5.50 -28.15 11.82
N GLY B 526 -4.80 -27.97 10.68
CA GLY B 526 -5.34 -27.20 9.58
C GLY B 526 -5.70 -28.10 8.40
N HIS B 527 -6.63 -27.64 7.55
CA HIS B 527 -7.03 -28.38 6.37
C HIS B 527 -6.18 -28.00 5.16
N ALA B 528 -5.26 -27.04 5.32
CA ALA B 528 -4.46 -26.55 4.21
C ALA B 528 -3.13 -26.01 4.71
N VAL B 529 -2.08 -26.24 3.91
CA VAL B 529 -0.74 -25.74 4.15
C VAL B 529 -0.21 -25.21 2.82
N ASN B 530 0.23 -23.94 2.79
CA ASN B 530 0.68 -23.35 1.53
C ASN B 530 2.02 -22.64 1.73
N GLY B 531 2.85 -22.72 0.69
CA GLY B 531 4.02 -21.87 0.55
C GLY B 531 3.67 -20.62 -0.26
N VAL B 532 4.68 -19.76 -0.46
CA VAL B 532 4.47 -18.43 -0.98
C VAL B 532 5.13 -18.24 -2.35
N ALA B 533 5.72 -19.32 -2.88
CA ALA B 533 6.29 -19.33 -4.22
C ALA B 533 6.44 -20.78 -4.67
N GLU B 534 6.44 -21.01 -5.99
CA GLU B 534 6.33 -22.35 -6.53
C GLU B 534 7.48 -23.23 -6.03
N ILE B 535 8.72 -22.74 -6.10
CA ILE B 535 9.87 -23.49 -5.64
C ILE B 535 9.72 -23.75 -4.14
N HIS B 536 9.35 -22.70 -3.40
CA HIS B 536 9.21 -22.77 -1.95
C HIS B 536 8.17 -23.81 -1.55
N SER B 537 7.01 -23.78 -2.22
CA SER B 537 5.92 -24.69 -1.91
C SER B 537 6.34 -26.14 -2.13
N GLU B 538 7.18 -26.36 -3.15
CA GLU B 538 7.73 -27.69 -3.42
C GLU B 538 8.67 -28.08 -2.28
N ILE B 539 9.47 -27.12 -1.80
CA ILE B 539 10.41 -27.39 -0.72
C ILE B 539 9.64 -27.76 0.56
N VAL B 540 8.39 -27.27 0.72
CA VAL B 540 7.62 -27.62 1.91
C VAL B 540 7.27 -29.11 1.84
N LYS B 541 6.81 -29.56 0.67
CA LYS B 541 6.32 -30.91 0.49
C LYS B 541 7.45 -31.94 0.48
N GLU B 542 8.65 -31.51 0.07
CA GLU B 542 9.74 -32.43 -0.21
C GLU B 542 10.73 -32.49 0.95
N GLU B 543 11.05 -31.34 1.56
CA GLU B 543 12.18 -31.28 2.47
C GLU B 543 11.74 -31.10 3.92
N VAL B 544 10.79 -30.18 4.17
CA VAL B 544 10.49 -29.79 5.55
C VAL B 544 9.37 -30.67 6.11
N PHE B 545 8.30 -30.88 5.33
CA PHE B 545 7.14 -31.62 5.81
C PHE B 545 6.90 -32.82 4.90
N ASN B 546 7.98 -33.56 4.64
CA ASN B 546 7.93 -34.66 3.68
C ASN B 546 6.92 -35.70 4.13
N ASP B 547 7.05 -36.14 5.40
CA ASP B 547 6.26 -37.23 5.93
C ASP B 547 4.78 -36.85 5.96
N PHE B 548 4.47 -35.63 6.40
CA PHE B 548 3.10 -35.15 6.44
C PHE B 548 2.52 -35.11 5.03
N TYR B 549 3.37 -34.74 4.05
CA TYR B 549 2.96 -34.69 2.66
C TYR B 549 2.55 -36.10 2.21
N GLU B 550 3.29 -37.11 2.67
CA GLU B 550 2.98 -38.50 2.39
C GLU B 550 1.59 -38.86 2.94
N LEU B 551 1.33 -38.48 4.20
CA LEU B 551 0.06 -38.76 4.87
C LEU B 551 -1.09 -38.05 4.16
N TRP B 552 -0.94 -36.74 4.00
CA TRP B 552 -2.04 -35.87 3.59
C TRP B 552 -1.62 -35.00 2.41
N PRO B 553 -1.39 -35.57 1.21
CA PRO B 553 -0.98 -34.77 0.04
C PRO B 553 -1.94 -33.62 -0.24
N GLU B 554 -3.24 -33.90 -0.08
CA GLU B 554 -4.32 -32.99 -0.43
C GLU B 554 -4.20 -31.63 0.29
N LYS B 555 -3.53 -31.61 1.45
CA LYS B 555 -3.40 -30.39 2.23
C LYS B 555 -2.56 -29.34 1.50
N PHE B 556 -1.47 -29.79 0.86
CA PHE B 556 -0.40 -28.89 0.46
C PHE B 556 -0.78 -28.14 -0.81
N GLN B 557 -0.44 -26.84 -0.81
CA GLN B 557 -0.75 -25.94 -1.91
C GLN B 557 0.42 -24.97 -2.09
N ASN B 558 0.28 -24.10 -3.10
CA ASN B 558 1.10 -22.92 -3.26
C ASN B 558 0.16 -21.72 -3.39
N LYS B 559 0.61 -20.57 -2.90
CA LYS B 559 -0.01 -19.30 -3.21
C LYS B 559 1.09 -18.25 -3.37
N THR B 560 1.56 -18.07 -4.61
CA THR B 560 2.64 -17.15 -4.90
C THR B 560 2.22 -15.75 -4.44
N ASN B 561 3.15 -15.03 -3.81
CA ASN B 561 2.87 -13.78 -3.14
C ASN B 561 2.52 -12.70 -4.16
N GLY B 562 1.94 -11.60 -3.66
CA GLY B 562 1.60 -10.46 -4.49
C GLY B 562 1.68 -9.16 -3.71
N VAL B 563 1.65 -8.05 -4.45
CA VAL B 563 1.62 -6.71 -3.89
C VAL B 563 0.53 -5.94 -4.61
N THR B 564 -0.14 -5.02 -3.90
CA THR B 564 -1.32 -4.36 -4.45
C THR B 564 -0.87 -3.31 -5.47
N PRO B 565 -1.47 -3.28 -6.69
CA PRO B 565 -1.13 -2.27 -7.69
C PRO B 565 -1.70 -0.89 -7.37
N ARG B 566 -2.64 -0.82 -6.43
CA ARG B 566 -3.15 0.45 -5.95
C ARG B 566 -2.03 1.21 -5.26
N ARG B 567 -1.54 0.66 -4.15
CA ARG B 567 -0.51 1.33 -3.36
C ARG B 567 0.79 1.44 -4.16
N TRP B 568 1.16 0.38 -4.87
CA TRP B 568 2.52 0.21 -5.34
C TRP B 568 2.70 0.58 -6.82
N ILE B 569 1.61 1.01 -7.49
CA ILE B 569 1.75 1.67 -8.78
C ILE B 569 0.91 2.94 -8.76
N ARG B 570 -0.40 2.75 -8.64
CA ARG B 570 -1.36 3.80 -8.92
C ARG B 570 -1.09 5.05 -8.08
N PHE B 571 -0.76 4.87 -6.80
CA PHE B 571 -0.67 5.98 -5.88
C PHE B 571 0.77 6.40 -5.65
N CYS B 572 1.70 5.44 -5.53
CA CYS B 572 3.08 5.77 -5.25
C CYS B 572 3.78 6.32 -6.49
N ASN B 573 3.20 6.10 -7.68
CA ASN B 573 3.81 6.52 -8.93
C ASN B 573 2.75 7.09 -9.88
N PRO B 574 2.29 8.34 -9.66
CA PRO B 574 1.39 9.00 -10.60
C PRO B 574 1.94 9.22 -12.01
N PRO B 575 3.22 9.66 -12.19
CA PRO B 575 3.80 9.83 -13.53
C PRO B 575 3.66 8.60 -14.42
N LEU B 576 3.98 7.43 -13.85
CA LEU B 576 3.94 6.21 -14.60
C LEU B 576 2.49 5.78 -14.83
N SER B 577 1.65 5.95 -13.81
CA SER B 577 0.24 5.58 -13.90
C SER B 577 -0.39 6.25 -15.12
N ALA B 578 -0.05 7.52 -15.34
CA ALA B 578 -0.57 8.30 -16.46
C ALA B 578 -0.14 7.67 -17.79
N ILE B 579 1.11 7.21 -17.86
CA ILE B 579 1.63 6.56 -19.04
C ILE B 579 0.81 5.28 -19.30
N ILE B 580 0.67 4.41 -18.27
CA ILE B 580 -0.04 3.15 -18.45
C ILE B 580 -1.46 3.41 -18.95
N THR B 581 -2.14 4.41 -18.37
CA THR B 581 -3.52 4.69 -18.73
C THR B 581 -3.58 5.10 -20.20
N LYS B 582 -2.60 5.92 -20.63
CA LYS B 582 -2.52 6.37 -22.01
C LYS B 582 -2.42 5.16 -22.95
N TRP B 583 -1.38 4.35 -22.75
CA TRP B 583 -0.96 3.37 -23.74
C TRP B 583 -1.79 2.08 -23.66
N THR B 584 -2.49 1.83 -22.55
CA THR B 584 -3.44 0.73 -22.49
C THR B 584 -4.85 1.22 -22.83
N GLY B 585 -4.98 2.54 -23.00
CA GLY B 585 -6.21 3.14 -23.53
C GLY B 585 -7.32 3.24 -22.50
N THR B 586 -7.04 2.82 -21.25
CA THR B 586 -8.02 2.85 -20.18
C THR B 586 -7.29 2.91 -18.85
N GLU B 587 -8.05 3.18 -17.77
CA GLU B 587 -7.52 3.18 -16.42
C GLU B 587 -7.87 1.85 -15.73
N ASP B 588 -8.61 0.98 -16.43
CA ASP B 588 -9.11 -0.28 -15.89
C ASP B 588 -7.97 -1.15 -15.34
N TRP B 589 -6.73 -0.87 -15.73
CA TRP B 589 -5.58 -1.72 -15.38
C TRP B 589 -5.35 -1.79 -13.87
N VAL B 590 -5.76 -0.76 -13.12
CA VAL B 590 -5.61 -0.76 -11.68
C VAL B 590 -6.34 -1.99 -11.12
N LEU B 591 -7.47 -2.36 -11.76
CA LEU B 591 -8.19 -3.58 -11.43
C LEU B 591 -7.70 -4.73 -12.31
N LYS B 592 -7.80 -4.56 -13.64
CA LYS B 592 -7.49 -5.60 -14.59
C LYS B 592 -6.01 -5.49 -15.00
N THR B 593 -5.13 -5.88 -14.07
CA THR B 593 -3.72 -5.54 -14.13
C THR B 593 -2.99 -6.33 -15.21
N GLU B 594 -3.62 -7.37 -15.76
CA GLU B 594 -3.03 -8.13 -16.85
C GLU B 594 -2.84 -7.23 -18.07
N LYS B 595 -3.62 -6.15 -18.16
CA LYS B 595 -3.52 -5.21 -19.27
C LYS B 595 -2.16 -4.51 -19.32
N LEU B 596 -1.30 -4.69 -18.30
CA LEU B 596 0.05 -4.17 -18.33
C LEU B 596 0.85 -4.87 -19.43
N ALA B 597 0.50 -6.12 -19.72
CA ALA B 597 1.18 -6.91 -20.73
C ALA B 597 1.10 -6.25 -22.10
N GLU B 598 0.08 -5.39 -22.31
CA GLU B 598 -0.13 -4.72 -23.59
C GLU B 598 0.99 -3.72 -23.87
N LEU B 599 1.78 -3.35 -22.86
CA LEU B 599 2.93 -2.48 -23.03
C LEU B 599 4.06 -3.17 -23.81
N GLN B 600 4.08 -4.51 -23.82
CA GLN B 600 5.14 -5.27 -24.46
C GLN B 600 5.39 -4.76 -25.88
N LYS B 601 4.30 -4.64 -26.65
CA LYS B 601 4.36 -4.37 -28.08
C LYS B 601 4.92 -2.98 -28.35
N PHE B 602 4.90 -2.08 -27.36
CA PHE B 602 5.38 -0.72 -27.54
C PHE B 602 6.74 -0.51 -26.87
N ALA B 603 7.39 -1.58 -26.41
CA ALA B 603 8.58 -1.46 -25.56
C ALA B 603 9.73 -0.73 -26.27
N ASP B 604 9.74 -0.77 -27.61
CA ASP B 604 10.82 -0.17 -28.40
C ASP B 604 10.37 1.15 -29.02
N ASN B 605 9.10 1.53 -28.79
CA ASN B 605 8.57 2.81 -29.28
C ASN B 605 9.32 3.97 -28.62
N GLU B 606 9.75 4.94 -29.43
CA GLU B 606 10.63 5.99 -28.97
C GLU B 606 9.84 7.05 -28.19
N ASP B 607 8.57 7.23 -28.55
CA ASP B 607 7.69 8.16 -27.83
C ASP B 607 7.46 7.66 -26.41
N LEU B 608 7.03 6.40 -26.28
CA LEU B 608 6.81 5.78 -24.98
C LEU B 608 8.11 5.80 -24.17
N GLN B 609 9.23 5.49 -24.82
CA GLN B 609 10.52 5.48 -24.14
C GLN B 609 10.81 6.85 -23.53
N ASN B 610 10.52 7.93 -24.26
CA ASN B 610 10.81 9.27 -23.79
C ASN B 610 9.93 9.61 -22.58
N GLU B 611 8.62 9.34 -22.72
CA GLU B 611 7.67 9.53 -21.62
C GLU B 611 8.15 8.77 -20.38
N TRP B 612 8.57 7.53 -20.61
CA TRP B 612 8.99 6.61 -19.56
C TRP B 612 10.22 7.14 -18.83
N ARG B 613 11.22 7.55 -19.61
CA ARG B 613 12.44 8.10 -19.05
C ARG B 613 12.14 9.38 -18.28
N GLU B 614 11.15 10.15 -18.75
CA GLU B 614 10.82 11.42 -18.12
C GLU B 614 10.16 11.17 -16.77
N ALA B 615 9.26 10.18 -16.73
CA ALA B 615 8.55 9.81 -15.51
C ALA B 615 9.54 9.32 -14.44
N LYS B 616 10.49 8.50 -14.85
CA LYS B 616 11.49 7.96 -13.94
C LYS B 616 12.36 9.09 -13.38
N ARG B 617 12.75 10.03 -14.26
CA ARG B 617 13.57 11.16 -13.85
C ARG B 617 12.79 12.02 -12.86
N SER B 618 11.51 12.22 -13.15
CA SER B 618 10.61 13.00 -12.31
C SER B 618 10.58 12.44 -10.89
N ASN B 619 10.48 11.11 -10.79
CA ASN B 619 10.38 10.43 -9.51
C ASN B 619 11.67 10.61 -8.72
N LYS B 620 12.81 10.69 -9.43
CA LYS B 620 14.11 10.76 -8.78
C LYS B 620 14.34 12.13 -8.15
N ILE B 621 13.66 13.17 -8.66
CA ILE B 621 13.81 14.52 -8.13
C ILE B 621 13.32 14.54 -6.68
N LYS B 622 12.12 13.97 -6.47
CA LYS B 622 11.52 13.91 -5.15
C LYS B 622 12.50 13.28 -4.16
N VAL B 623 13.23 12.27 -4.64
CA VAL B 623 14.16 11.51 -3.80
C VAL B 623 15.39 12.35 -3.47
N VAL B 624 15.87 13.19 -4.40
CA VAL B 624 17.11 13.91 -4.19
C VAL B 624 16.97 14.87 -3.00
N SER B 625 15.81 15.54 -2.90
CA SER B 625 15.53 16.43 -1.78
C SER B 625 15.35 15.63 -0.49
N PHE B 626 14.74 14.45 -0.60
CA PHE B 626 14.55 13.58 0.55
C PHE B 626 15.91 13.19 1.14
N LEU B 627 16.85 12.78 0.28
CA LEU B 627 18.16 12.36 0.72
C LEU B 627 18.91 13.54 1.32
N LYS B 628 18.68 14.73 0.76
CA LYS B 628 19.31 15.94 1.28
C LYS B 628 18.90 16.12 2.74
N GLU B 629 17.61 16.04 3.03
CA GLU B 629 17.10 16.40 4.34
C GLU B 629 17.32 15.27 5.35
N LYS B 630 17.45 14.03 4.88
CA LYS B 630 17.48 12.87 5.78
C LYS B 630 18.89 12.33 5.99
N THR B 631 19.75 12.41 4.97
CA THR B 631 21.10 11.89 5.04
C THR B 631 22.11 13.04 5.08
N GLY B 632 21.75 14.18 4.48
CA GLY B 632 22.61 15.36 4.48
C GLY B 632 23.41 15.47 3.19
N TYR B 633 23.30 14.46 2.32
CA TYR B 633 24.10 14.36 1.12
C TYR B 633 23.31 14.85 -0.09
N SER B 634 23.94 15.72 -0.88
CA SER B 634 23.41 16.16 -2.15
C SER B 634 23.86 15.17 -3.23
N VAL B 635 22.89 14.64 -3.98
CA VAL B 635 23.18 13.73 -5.09
C VAL B 635 22.44 14.25 -6.32
N VAL B 636 22.89 13.81 -7.50
CA VAL B 636 22.27 14.27 -8.75
C VAL B 636 21.29 13.22 -9.20
N PRO B 637 20.19 13.63 -9.89
CA PRO B 637 19.25 12.67 -10.49
C PRO B 637 19.87 11.92 -11.66
N ASP B 638 20.73 12.60 -12.43
CA ASP B 638 21.32 12.07 -13.66
C ASP B 638 22.36 10.99 -13.37
N ALA B 639 21.90 9.85 -12.84
CA ALA B 639 22.76 8.76 -12.44
C ALA B 639 21.88 7.54 -12.15
N MET B 640 22.49 6.35 -12.17
CA MET B 640 21.73 5.14 -11.88
C MET B 640 21.42 5.11 -10.38
N PHE B 641 20.13 4.99 -10.05
CA PHE B 641 19.71 4.76 -8.67
C PHE B 641 19.74 3.26 -8.40
N ASP B 642 20.73 2.86 -7.59
CA ASP B 642 21.05 1.46 -7.33
C ASP B 642 20.72 1.16 -5.87
N ILE B 643 19.57 0.51 -5.64
CA ILE B 643 18.95 0.49 -4.32
C ILE B 643 18.97 -0.94 -3.76
N GLN B 644 19.39 -1.06 -2.49
CA GLN B 644 19.23 -2.28 -1.72
C GLN B 644 18.58 -1.94 -0.38
N VAL B 645 17.26 -2.16 -0.32
CA VAL B 645 16.48 -1.82 0.86
C VAL B 645 15.85 -3.10 1.43
N LYS B 646 16.41 -3.56 2.56
CA LYS B 646 15.85 -4.69 3.28
C LYS B 646 16.61 -4.94 4.58
N ARG B 647 16.03 -5.80 5.42
CA ARG B 647 16.57 -6.14 6.72
C ARG B 647 18.07 -6.37 6.62
N ILE B 648 18.85 -5.67 7.45
CA ILE B 648 20.29 -5.84 7.48
C ILE B 648 20.59 -7.19 8.14
N HIS B 649 21.09 -8.13 7.35
CA HIS B 649 21.51 -9.43 7.83
C HIS B 649 22.60 -9.96 6.91
N GLU B 650 23.57 -10.69 7.48
CA GLU B 650 24.66 -11.28 6.73
C GLU B 650 24.15 -12.07 5.52
N TYR B 651 23.00 -12.75 5.67
CA TYR B 651 22.49 -13.65 4.65
C TYR B 651 21.84 -12.86 3.52
N LYS B 652 21.47 -11.60 3.78
CA LYS B 652 20.95 -10.71 2.75
C LYS B 652 22.10 -10.13 1.93
N ARG B 653 23.29 -10.09 2.54
CA ARG B 653 24.53 -9.75 1.87
C ARG B 653 24.47 -8.31 1.34
N GLN B 654 24.13 -7.38 2.23
CA GLN B 654 24.46 -5.98 2.01
C GLN B 654 25.97 -5.89 1.81
N LEU B 655 26.71 -6.74 2.55
CA LEU B 655 28.15 -6.70 2.57
C LEU B 655 28.72 -6.94 1.18
N LEU B 656 28.07 -7.81 0.40
CA LEU B 656 28.48 -8.08 -0.98
C LEU B 656 28.39 -6.80 -1.80
N ASN B 657 27.22 -6.16 -1.78
CA ASN B 657 26.95 -4.96 -2.54
C ASN B 657 28.01 -3.90 -2.25
N ILE B 658 28.23 -3.62 -0.96
CA ILE B 658 29.12 -2.55 -0.53
C ILE B 658 30.57 -2.90 -0.89
N PHE B 659 30.91 -4.20 -0.86
CA PHE B 659 32.23 -4.65 -1.27
C PHE B 659 32.42 -4.37 -2.76
N GLY B 660 31.37 -4.62 -3.55
CA GLY B 660 31.37 -4.25 -4.97
C GLY B 660 31.60 -2.76 -5.16
N ILE B 661 30.95 -1.95 -4.32
CA ILE B 661 31.07 -0.49 -4.39
C ILE B 661 32.50 -0.07 -4.08
N VAL B 662 33.13 -0.72 -3.09
CA VAL B 662 34.47 -0.34 -2.65
C VAL B 662 35.49 -0.77 -3.71
N TYR B 663 35.26 -1.91 -4.36
CA TYR B 663 36.14 -2.33 -5.43
C TYR B 663 36.11 -1.28 -6.54
N ARG B 664 34.91 -0.95 -7.01
CA ARG B 664 34.73 0.04 -8.05
C ARG B 664 35.40 1.35 -7.67
N TYR B 665 35.26 1.74 -6.40
CA TYR B 665 35.86 2.98 -5.89
C TYR B 665 37.38 2.91 -6.03
N LYS B 666 37.99 1.80 -5.60
CA LYS B 666 39.43 1.63 -5.62
C LYS B 666 39.93 1.78 -7.06
N LYS B 667 39.29 1.04 -7.98
CA LYS B 667 39.63 1.07 -9.39
C LYS B 667 39.53 2.51 -9.92
N MET B 668 38.47 3.23 -9.52
CA MET B 668 38.28 4.62 -9.92
C MET B 668 39.46 5.48 -9.51
N LYS B 669 39.93 5.32 -8.27
CA LYS B 669 40.98 6.17 -7.71
C LYS B 669 42.30 5.97 -8.47
N GLU B 670 42.62 4.70 -8.77
CA GLU B 670 43.85 4.39 -9.50
C GLU B 670 43.62 4.53 -11.00
N MET B 671 43.16 5.71 -11.41
CA MET B 671 42.80 5.98 -12.79
C MET B 671 42.79 7.49 -13.01
N THR B 672 42.83 7.89 -14.29
CA THR B 672 42.71 9.30 -14.65
C THR B 672 41.22 9.65 -14.75
N ALA B 673 40.94 10.96 -14.68
CA ALA B 673 39.59 11.49 -14.74
C ALA B 673 38.87 10.96 -15.98
N ALA B 674 39.49 11.12 -17.14
CA ALA B 674 38.89 10.75 -18.42
C ALA B 674 38.52 9.27 -18.42
N GLU B 675 39.36 8.43 -17.82
CA GLU B 675 39.15 7.00 -17.80
C GLU B 675 37.94 6.63 -16.93
N ARG B 676 37.78 7.35 -15.80
CA ARG B 676 36.69 7.09 -14.87
C ARG B 676 35.35 7.19 -15.57
N LYS B 677 35.17 8.26 -16.37
CA LYS B 677 33.92 8.55 -17.05
C LYS B 677 33.64 7.50 -18.12
N THR B 678 34.70 6.95 -18.73
CA THR B 678 34.56 5.95 -19.78
C THR B 678 34.27 4.58 -19.19
N ASN B 679 34.72 4.33 -17.95
CA ASN B 679 34.68 3.00 -17.36
C ASN B 679 33.43 2.77 -16.51
N PHE B 680 33.01 3.80 -15.78
CA PHE B 680 31.89 3.66 -14.85
C PHE B 680 30.83 4.71 -15.17
N VAL B 681 29.55 4.29 -15.12
CA VAL B 681 28.44 5.21 -15.27
C VAL B 681 28.17 5.83 -13.90
N PRO B 682 27.63 7.06 -13.84
CA PRO B 682 27.29 7.70 -12.57
C PRO B 682 26.23 6.90 -11.81
N ARG B 683 26.44 6.76 -10.49
CA ARG B 683 25.54 5.97 -9.65
C ARG B 683 25.30 6.69 -8.33
N VAL B 684 24.05 6.59 -7.86
CA VAL B 684 23.72 6.80 -6.47
C VAL B 684 23.33 5.45 -5.91
N CYS B 685 24.18 4.90 -5.02
CA CYS B 685 23.92 3.62 -4.40
C CYS B 685 23.23 3.84 -3.05
N ILE B 686 21.97 3.39 -2.95
CA ILE B 686 21.13 3.67 -1.80
C ILE B 686 20.91 2.39 -1.00
N PHE B 687 21.30 2.42 0.27
CA PHE B 687 21.03 1.34 1.20
C PHE B 687 19.91 1.76 2.15
N GLY B 688 19.12 0.78 2.59
CA GLY B 688 18.12 0.98 3.61
C GLY B 688 17.79 -0.32 4.33
N GLY B 689 17.29 -0.19 5.56
CA GLY B 689 16.87 -1.33 6.35
C GLY B 689 17.37 -1.21 7.79
N LYS B 690 16.83 -2.08 8.65
CA LYS B 690 17.08 -2.03 10.09
C LYS B 690 17.85 -3.27 10.52
N ALA B 691 18.79 -3.07 11.45
CA ALA B 691 19.54 -4.14 12.07
C ALA B 691 18.97 -4.46 13.45
N PHE B 692 18.77 -5.75 13.74
CA PHE B 692 18.47 -6.21 15.08
C PHE B 692 19.49 -5.58 16.02
N ALA B 693 19.01 -5.04 17.14
CA ALA B 693 19.82 -4.18 17.99
C ALA B 693 21.01 -4.97 18.58
N THR B 694 20.82 -6.26 18.83
CA THR B 694 21.82 -7.08 19.51
C THR B 694 22.67 -7.86 18.51
N TYR B 695 22.43 -7.67 17.20
CA TYR B 695 23.19 -8.34 16.16
C TYR B 695 24.44 -7.53 15.86
N VAL B 696 25.56 -7.94 16.47
CA VAL B 696 26.77 -7.13 16.52
C VAL B 696 27.25 -6.82 15.11
N GLN B 697 27.18 -7.83 14.23
CA GLN B 697 27.75 -7.73 12.89
C GLN B 697 26.87 -6.82 12.03
N ALA B 698 25.56 -7.10 12.04
CA ALA B 698 24.58 -6.32 11.31
C ALA B 698 24.81 -4.82 11.54
N LYS B 699 24.98 -4.43 12.81
CA LYS B 699 25.19 -3.03 13.17
C LYS B 699 26.53 -2.55 12.62
N ARG B 700 27.55 -3.41 12.71
CA ARG B 700 28.88 -3.08 12.20
C ARG B 700 28.78 -2.76 10.71
N ILE B 701 27.95 -3.53 9.99
CA ILE B 701 27.78 -3.37 8.56
C ILE B 701 27.17 -2.00 8.25
N VAL B 702 26.11 -1.63 8.99
CA VAL B 702 25.46 -0.34 8.79
C VAL B 702 26.50 0.76 8.98
N LYS B 703 27.34 0.61 10.01
CA LYS B 703 28.40 1.56 10.32
C LYS B 703 29.38 1.66 9.16
N PHE B 704 29.74 0.49 8.61
CA PHE B 704 30.67 0.43 7.49
C PHE B 704 30.11 1.24 6.33
N ILE B 705 28.85 0.95 5.95
CA ILE B 705 28.23 1.56 4.79
C ILE B 705 28.27 3.08 4.96
N THR B 706 27.90 3.58 6.15
CA THR B 706 27.85 5.01 6.40
C THR B 706 29.24 5.62 6.27
N ASP B 707 30.27 4.87 6.70
CA ASP B 707 31.65 5.33 6.64
C ASP B 707 32.13 5.37 5.20
N VAL B 708 31.82 4.31 4.43
CA VAL B 708 32.17 4.28 3.01
C VAL B 708 31.59 5.54 2.36
N GLY B 709 30.29 5.77 2.55
CA GLY B 709 29.62 6.95 2.02
C GLY B 709 30.34 8.24 2.44
N ALA B 710 30.77 8.31 3.71
CA ALA B 710 31.40 9.49 4.27
C ALA B 710 32.62 9.91 3.43
N THR B 711 33.46 8.93 3.06
CA THR B 711 34.66 9.19 2.28
C THR B 711 34.28 9.48 0.83
N ILE B 712 33.56 8.54 0.19
CA ILE B 712 33.24 8.62 -1.23
C ILE B 712 32.57 9.96 -1.53
N ASN B 713 31.55 10.31 -0.74
CA ASN B 713 30.69 11.43 -1.05
C ASN B 713 31.44 12.76 -0.92
N HIS B 714 32.56 12.75 -0.19
CA HIS B 714 33.34 13.96 0.03
C HIS B 714 34.68 13.89 -0.71
N ASP B 715 34.94 12.82 -1.46
CA ASP B 715 36.16 12.70 -2.24
C ASP B 715 36.02 13.49 -3.53
N PRO B 716 36.79 14.59 -3.74
CA PRO B 716 36.57 15.48 -4.87
C PRO B 716 36.92 14.89 -6.24
N GLU B 717 37.70 13.81 -6.24
CA GLU B 717 38.06 13.12 -7.47
C GLU B 717 36.92 12.22 -7.95
N ILE B 718 35.91 12.00 -7.08
CA ILE B 718 34.77 11.16 -7.42
C ILE B 718 33.60 12.01 -7.88
N GLY B 719 33.39 13.16 -7.22
CA GLY B 719 32.30 14.06 -7.58
C GLY B 719 30.97 13.32 -7.64
N ASP B 720 30.19 13.60 -8.69
CA ASP B 720 28.87 13.01 -8.87
C ASP B 720 28.97 11.79 -9.79
N LEU B 721 30.05 11.02 -9.66
CA LEU B 721 30.21 9.77 -10.40
C LEU B 721 29.72 8.62 -9.51
N LEU B 722 29.91 8.78 -8.20
CA LEU B 722 29.47 7.79 -7.24
C LEU B 722 29.06 8.47 -5.94
N LYS B 723 27.87 8.12 -5.45
CA LYS B 723 27.43 8.46 -4.11
C LYS B 723 26.92 7.20 -3.41
N VAL B 724 27.22 7.08 -2.10
CA VAL B 724 26.72 5.98 -1.29
C VAL B 724 26.01 6.57 -0.08
N VAL B 725 24.70 6.33 0.03
CA VAL B 725 23.89 6.86 1.11
C VAL B 725 23.15 5.71 1.80
N PHE B 726 22.95 5.86 3.12
CA PHE B 726 22.14 4.94 3.89
C PHE B 726 20.92 5.70 4.40
N VAL B 727 19.76 5.47 3.77
CA VAL B 727 18.53 6.15 4.16
C VAL B 727 18.07 5.61 5.52
N PRO B 728 17.87 6.48 6.53
CA PRO B 728 17.44 6.03 7.84
C PRO B 728 15.95 5.74 7.89
N ASP B 729 15.58 4.72 8.68
CA ASP B 729 14.20 4.46 9.06
C ASP B 729 13.40 4.01 7.85
N TYR B 730 13.94 3.02 7.12
CA TYR B 730 13.24 2.44 5.99
C TYR B 730 11.89 1.91 6.46
N ASN B 731 10.83 2.35 5.77
CA ASN B 731 9.47 1.92 6.05
C ASN B 731 8.65 2.05 4.77
N VAL B 732 7.33 1.80 4.86
CA VAL B 732 6.46 1.76 3.70
C VAL B 732 6.54 3.10 2.95
N SER B 733 6.53 4.21 3.69
CA SER B 733 6.56 5.53 3.09
C SER B 733 7.86 5.72 2.29
N VAL B 734 9.00 5.36 2.90
CA VAL B 734 10.30 5.43 2.24
C VAL B 734 10.25 4.61 0.96
N ALA B 735 9.70 3.39 1.04
CA ALA B 735 9.60 2.53 -0.12
C ALA B 735 8.75 3.18 -1.21
N GLU B 736 7.65 3.85 -0.82
CA GLU B 736 6.77 4.48 -1.79
C GLU B 736 7.50 5.62 -2.51
N LEU B 737 8.59 6.11 -1.90
CA LEU B 737 9.37 7.19 -2.48
C LEU B 737 10.48 6.64 -3.35
N LEU B 738 11.21 5.63 -2.86
CA LEU B 738 12.41 5.12 -3.51
C LEU B 738 12.07 4.25 -4.72
N ILE B 739 11.04 3.39 -4.59
CA ILE B 739 10.75 2.39 -5.60
C ILE B 739 10.44 3.07 -6.94
N PRO B 740 9.51 4.05 -7.01
CA PRO B 740 9.24 4.75 -8.29
C PRO B 740 10.47 5.37 -8.95
N ALA B 741 11.50 5.68 -8.16
CA ALA B 741 12.68 6.39 -8.64
C ALA B 741 13.84 5.43 -8.89
N SER B 742 13.60 4.13 -8.74
CA SER B 742 14.67 3.14 -8.77
C SER B 742 14.99 2.76 -10.21
N ASP B 743 16.30 2.64 -10.52
CA ASP B 743 16.74 2.18 -11.83
C ASP B 743 17.14 0.70 -11.73
N LEU B 744 17.96 0.39 -10.72
CA LEU B 744 18.37 -0.97 -10.43
C LEU B 744 18.08 -1.27 -8.97
N SER B 745 17.62 -2.50 -8.68
CA SER B 745 17.36 -2.93 -7.31
C SER B 745 18.06 -4.26 -7.06
N GLU B 746 18.67 -4.39 -5.87
CA GLU B 746 19.52 -5.53 -5.55
C GLU B 746 18.80 -6.49 -4.60
N HIS B 747 18.74 -7.76 -5.01
CA HIS B 747 18.11 -8.83 -4.26
C HIS B 747 19.06 -10.03 -4.22
N ILE B 748 20.13 -9.91 -3.43
CA ILE B 748 21.35 -10.68 -3.65
C ILE B 748 21.65 -11.59 -2.45
N SER B 749 20.59 -12.14 -1.84
CA SER B 749 20.76 -13.08 -0.75
C SER B 749 21.42 -14.36 -1.25
N THR B 750 22.16 -15.05 -0.37
CA THR B 750 22.73 -16.35 -0.67
C THR B 750 21.61 -17.24 -1.22
N ALA B 751 21.88 -17.88 -2.36
CA ALA B 751 20.84 -18.58 -3.11
C ALA B 751 20.21 -19.67 -2.26
N GLY B 752 18.90 -19.88 -2.46
CA GLY B 752 18.15 -20.91 -1.77
C GLY B 752 17.50 -20.43 -0.48
N MET B 753 17.99 -19.33 0.11
CA MET B 753 17.61 -18.97 1.47
C MET B 753 16.23 -18.30 1.50
N GLU B 754 15.92 -17.44 0.53
CA GLU B 754 14.68 -16.68 0.53
C GLU B 754 13.52 -17.54 0.02
N ALA B 755 12.35 -17.38 0.64
CA ALA B 755 11.14 -18.08 0.21
C ALA B 755 10.52 -17.37 -0.98
N SER B 756 10.32 -16.04 -0.85
CA SER B 756 9.71 -15.24 -1.90
C SER B 756 10.38 -13.87 -1.99
N GLY B 757 9.97 -12.94 -1.12
CA GLY B 757 10.30 -11.53 -1.26
C GLY B 757 9.19 -10.80 -2.01
N THR B 758 8.91 -9.56 -1.62
CA THR B 758 7.82 -8.81 -2.23
C THR B 758 8.31 -7.47 -2.79
N SER B 759 9.37 -6.90 -2.19
CA SER B 759 9.87 -5.61 -2.64
C SER B 759 10.29 -5.71 -4.10
N ASN B 760 10.89 -6.85 -4.48
CA ASN B 760 11.29 -7.11 -5.86
C ASN B 760 10.08 -6.97 -6.80
N MET B 761 8.90 -7.43 -6.36
CA MET B 761 7.71 -7.37 -7.19
C MET B 761 7.27 -5.91 -7.38
N PHE B 763 9.45 -3.26 -7.17
CA PHE B 763 10.47 -2.69 -8.09
C PHE B 763 10.06 -2.97 -9.54
N ALA B 764 9.77 -4.24 -9.86
CA ALA B 764 9.45 -4.65 -11.21
C ALA B 764 8.28 -3.84 -11.75
N MET B 765 7.24 -3.68 -10.93
CA MET B 765 6.03 -2.96 -11.31
C MET B 765 6.34 -1.52 -11.71
N ASN B 766 7.36 -0.91 -11.08
CA ASN B 766 7.71 0.47 -11.34
C ASN B 766 8.80 0.59 -12.41
N GLY B 767 9.11 -0.51 -13.10
CA GLY B 767 10.05 -0.50 -14.21
C GLY B 767 11.50 -0.52 -13.74
N CYS B 768 11.72 -0.92 -12.49
CA CYS B 768 13.07 -1.15 -12.02
C CYS B 768 13.58 -2.45 -12.62
N ILE B 769 14.89 -2.47 -12.90
CA ILE B 769 15.57 -3.67 -13.35
C ILE B 769 16.25 -4.28 -12.13
N GLN B 770 16.16 -5.60 -11.99
CA GLN B 770 16.64 -6.29 -10.80
C GLN B 770 17.96 -7.00 -11.09
N ILE B 771 18.96 -6.79 -10.20
CA ILE B 771 20.11 -7.66 -10.11
C ILE B 771 19.94 -8.53 -8.87
N GLY B 772 20.03 -9.85 -9.02
CA GLY B 772 19.86 -10.75 -7.89
C GLY B 772 20.29 -12.18 -8.21
N THR B 773 20.28 -13.01 -7.17
CA THR B 773 20.59 -14.42 -7.30
C THR B 773 19.33 -15.16 -7.72
N LEU B 774 19.53 -16.40 -8.21
CA LEU B 774 18.41 -17.28 -8.54
C LEU B 774 17.83 -17.79 -7.23
N ASP B 775 16.92 -17.01 -6.63
CA ASP B 775 16.40 -17.34 -5.30
C ASP B 775 15.08 -16.63 -5.06
N GLY B 776 14.17 -17.33 -4.39
CA GLY B 776 12.87 -16.77 -4.04
C GLY B 776 12.09 -16.35 -5.28
N ALA B 777 11.47 -15.17 -5.18
CA ALA B 777 10.61 -14.65 -6.24
C ALA B 777 11.42 -14.20 -7.44
N ASN B 778 12.72 -13.92 -7.26
CA ASN B 778 13.60 -13.57 -8.36
C ASN B 778 13.37 -14.51 -9.54
N VAL B 779 13.15 -15.80 -9.26
CA VAL B 779 12.98 -16.81 -10.28
C VAL B 779 11.73 -16.50 -11.10
N GLU B 780 10.58 -16.39 -10.43
CA GLU B 780 9.30 -16.21 -11.10
C GLU B 780 9.25 -14.87 -11.81
N ILE B 781 9.85 -13.83 -11.21
CA ILE B 781 9.93 -12.51 -11.81
C ILE B 781 10.74 -12.61 -13.10
N ARG B 782 11.99 -13.07 -12.97
CA ARG B 782 12.90 -13.23 -14.10
C ARG B 782 12.20 -13.93 -15.27
N GLU B 783 11.46 -15.00 -14.96
CA GLU B 783 10.69 -15.73 -15.95
C GLU B 783 9.69 -14.79 -16.65
N GLU B 784 8.89 -14.09 -15.86
CA GLU B 784 7.74 -13.36 -16.39
C GLU B 784 8.17 -12.11 -17.15
N VAL B 785 9.24 -11.45 -16.69
CA VAL B 785 9.70 -10.21 -17.32
C VAL B 785 10.57 -10.55 -18.53
N GLY B 786 11.26 -11.70 -18.46
CA GLY B 786 12.20 -12.10 -19.50
C GLY B 786 13.62 -12.09 -18.97
N GLU B 787 14.35 -13.18 -19.24
CA GLU B 787 15.71 -13.40 -18.77
C GLU B 787 16.64 -12.28 -19.21
N GLU B 788 16.33 -11.68 -20.38
CA GLU B 788 17.14 -10.61 -20.95
C GLU B 788 16.96 -9.31 -20.16
N ASN B 789 15.90 -9.21 -19.35
CA ASN B 789 15.59 -8.01 -18.59
C ASN B 789 15.75 -8.26 -17.09
N PHE B 790 16.74 -9.08 -16.75
CA PHE B 790 17.12 -9.33 -15.36
C PHE B 790 18.62 -9.65 -15.33
N PHE B 791 19.31 -9.21 -14.27
CA PHE B 791 20.72 -9.48 -14.11
C PHE B 791 20.91 -10.59 -13.07
N LEU B 792 21.18 -11.81 -13.54
CA LEU B 792 21.42 -12.97 -12.69
C LEU B 792 22.91 -13.12 -12.46
N PHE B 793 23.31 -13.59 -11.28
CA PHE B 793 24.70 -13.92 -10.99
C PHE B 793 24.78 -14.90 -9.82
N GLY B 794 26.00 -15.40 -9.57
CA GLY B 794 26.31 -16.15 -8.36
C GLY B 794 25.82 -17.59 -8.40
N ALA B 795 26.23 -18.36 -7.38
CA ALA B 795 25.90 -19.76 -7.24
C ALA B 795 24.39 -19.96 -7.10
N GLN B 796 23.97 -21.23 -7.05
CA GLN B 796 22.56 -21.57 -7.02
C GLN B 796 22.27 -22.51 -5.86
N ALA B 797 20.98 -22.81 -5.67
CA ALA B 797 20.48 -23.56 -4.52
C ALA B 797 21.19 -24.91 -4.38
N HIS B 798 21.36 -25.60 -5.50
CA HIS B 798 21.97 -26.94 -5.48
C HIS B 798 23.44 -26.84 -5.06
N GLU B 799 24.12 -25.77 -5.48
CA GLU B 799 25.56 -25.65 -5.32
C GLU B 799 25.97 -25.47 -3.86
N ILE B 800 25.21 -24.67 -3.10
CA ILE B 800 25.73 -24.04 -1.88
C ILE B 800 26.42 -25.07 -0.97
N ALA B 801 25.74 -26.17 -0.65
CA ALA B 801 26.21 -27.13 0.33
C ALA B 801 27.62 -27.61 -0.03
N GLY B 802 27.82 -27.91 -1.33
CA GLY B 802 29.11 -28.30 -1.84
C GLY B 802 30.20 -27.25 -1.59
N LEU B 803 29.85 -25.97 -1.77
CA LEU B 803 30.81 -24.88 -1.69
C LEU B 803 31.17 -24.56 -0.24
N ARG B 804 30.26 -24.89 0.69
CA ARG B 804 30.56 -24.81 2.11
C ARG B 804 31.48 -25.98 2.49
N LYS B 805 31.25 -27.14 1.86
CA LYS B 805 32.08 -28.31 2.05
C LYS B 805 33.45 -28.09 1.41
N GLU B 806 33.54 -27.15 0.46
CA GLU B 806 34.81 -26.71 -0.11
C GLU B 806 35.64 -25.91 0.89
N ARG B 807 35.05 -24.91 1.54
CA ARG B 807 35.78 -24.04 2.44
C ARG B 807 36.33 -24.87 3.60
N ALA B 808 35.42 -25.59 4.26
CA ALA B 808 35.78 -26.74 5.09
C ALA B 808 36.51 -27.75 4.22
N ASP B 809 37.41 -28.53 4.80
CA ASP B 809 38.34 -29.37 4.06
C ASP B 809 39.54 -28.50 3.64
N GLY B 810 39.27 -27.25 3.23
CA GLY B 810 40.30 -26.24 3.05
C GLY B 810 40.73 -26.11 1.61
N LYS B 811 39.76 -26.13 0.68
CA LYS B 811 40.02 -26.12 -0.75
C LYS B 811 39.77 -24.74 -1.37
N PHE B 812 38.80 -23.98 -0.82
CA PHE B 812 38.39 -22.72 -1.40
C PHE B 812 39.60 -21.83 -1.70
N VAL B 813 39.61 -21.26 -2.91
CA VAL B 813 40.60 -20.27 -3.30
C VAL B 813 39.89 -18.94 -3.50
N PRO B 814 40.31 -17.85 -2.80
CA PRO B 814 39.72 -16.53 -3.01
C PRO B 814 40.21 -15.87 -4.30
N ASP B 815 39.32 -15.06 -4.90
CA ASP B 815 39.69 -14.19 -6.01
C ASP B 815 40.60 -13.09 -5.46
N GLU B 816 41.49 -12.56 -6.32
CA GLU B 816 42.49 -11.62 -5.88
C GLU B 816 41.88 -10.23 -5.67
N ARG B 817 40.79 -9.95 -6.39
CA ARG B 817 40.11 -8.67 -6.28
C ARG B 817 39.40 -8.58 -4.92
N PHE B 818 38.88 -9.72 -4.45
CA PHE B 818 38.22 -9.80 -3.15
C PHE B 818 39.24 -9.50 -2.04
N GLU B 819 40.42 -10.14 -2.13
CA GLU B 819 41.50 -9.92 -1.20
C GLU B 819 41.93 -8.44 -1.24
N GLU B 820 41.86 -7.85 -2.44
CA GLU B 820 42.23 -6.47 -2.67
C GLU B 820 41.30 -5.53 -1.90
N VAL B 821 40.00 -5.87 -1.86
CA VAL B 821 39.03 -5.05 -1.15
C VAL B 821 39.34 -5.13 0.34
N LYS B 822 39.50 -6.36 0.86
CA LYS B 822 39.74 -6.59 2.27
C LYS B 822 40.96 -5.81 2.74
N GLU B 823 42.04 -5.86 1.96
CA GLU B 823 43.28 -5.20 2.31
C GLU B 823 43.10 -3.68 2.25
N PHE B 824 42.26 -3.20 1.31
CA PHE B 824 42.01 -1.78 1.15
C PHE B 824 41.26 -1.25 2.37
N VAL B 825 40.35 -2.07 2.92
CA VAL B 825 39.63 -1.74 4.14
C VAL B 825 40.63 -1.61 5.29
N ARG B 826 41.41 -2.69 5.52
CA ARG B 826 42.37 -2.77 6.60
C ARG B 826 43.35 -1.60 6.57
N SER B 827 43.60 -1.05 5.37
CA SER B 827 44.52 0.06 5.21
C SER B 827 44.10 1.27 6.05
N GLY B 828 42.81 1.35 6.39
CA GLY B 828 42.25 2.48 7.12
C GLY B 828 41.58 3.48 6.18
N ALA B 829 41.40 3.07 4.91
CA ALA B 829 40.93 3.93 3.84
C ALA B 829 39.70 4.74 4.25
N PHE B 830 38.76 4.08 4.94
CA PHE B 830 37.47 4.66 5.22
C PHE B 830 37.38 5.21 6.64
N GLY B 831 38.30 4.86 7.53
CA GLY B 831 38.56 5.73 8.66
C GLY B 831 39.25 5.08 9.85
N SER B 832 39.05 5.80 10.96
CA SER B 832 39.60 5.45 12.25
C SER B 832 39.02 4.12 12.70
N TYR B 833 37.72 3.92 12.42
CA TYR B 833 36.98 2.78 12.93
C TYR B 833 37.65 1.50 12.44
N ASN B 834 37.70 0.50 13.35
CA ASN B 834 38.34 -0.77 13.10
C ASN B 834 37.29 -1.72 12.57
N TYR B 835 37.61 -2.41 11.48
CA TYR B 835 36.69 -3.37 10.87
C TYR B 835 37.34 -4.76 10.81
N ASP B 836 38.26 -5.04 11.75
CA ASP B 836 38.95 -6.31 11.78
C ASP B 836 37.96 -7.44 12.07
N ASP B 837 37.02 -7.19 12.99
CA ASP B 837 36.04 -8.18 13.38
C ASP B 837 35.02 -8.40 12.26
N LEU B 838 34.89 -7.40 11.37
CA LEU B 838 34.01 -7.50 10.21
C LEU B 838 34.65 -8.42 9.17
N ILE B 839 35.87 -8.10 8.74
CA ILE B 839 36.62 -8.91 7.80
C ILE B 839 36.80 -10.31 8.39
N GLY B 840 36.96 -10.38 9.72
CA GLY B 840 37.13 -11.64 10.43
C GLY B 840 36.09 -12.68 10.06
N SER B 841 34.82 -12.24 9.88
CA SER B 841 33.72 -13.14 9.58
C SER B 841 33.94 -13.84 8.24
N LEU B 842 34.75 -13.23 7.36
CA LEU B 842 34.97 -13.73 6.01
C LEU B 842 36.14 -14.72 5.94
N GLU B 843 36.95 -14.78 7.00
CA GLU B 843 38.18 -15.55 6.98
C GLU B 843 38.03 -16.84 7.78
N GLY B 844 39.03 -17.72 7.65
CA GLY B 844 39.01 -19.02 8.31
C GLY B 844 38.22 -20.04 7.49
N ASN B 845 38.15 -21.28 8.00
CA ASN B 845 37.43 -22.36 7.35
C ASN B 845 36.48 -23.05 8.33
N GLU B 846 36.49 -22.63 9.61
CA GLU B 846 35.61 -23.19 10.63
C GLU B 846 35.30 -22.11 11.66
N GLY B 847 34.28 -22.37 12.49
CA GLY B 847 33.94 -21.50 13.61
C GLY B 847 32.64 -20.75 13.38
N PHE B 848 31.83 -20.64 14.45
CA PHE B 848 30.56 -19.94 14.38
C PHE B 848 30.84 -18.46 14.15
N GLY B 849 30.14 -17.87 13.17
CA GLY B 849 30.26 -16.46 12.88
C GLY B 849 31.51 -16.14 12.08
N ARG B 850 32.08 -17.15 11.41
CA ARG B 850 33.30 -16.99 10.65
C ARG B 850 33.33 -18.01 9.51
N ALA B 851 34.34 -17.87 8.62
CA ALA B 851 34.49 -18.71 7.45
C ALA B 851 33.40 -18.41 6.41
N ASP B 852 33.14 -17.11 6.21
CA ASP B 852 32.33 -16.59 5.13
C ASP B 852 31.19 -17.56 4.79
N TYR B 853 30.32 -17.81 5.77
CA TYR B 853 29.27 -18.81 5.63
C TYR B 853 28.38 -18.49 4.43
N PHE B 854 28.18 -17.20 4.15
CA PHE B 854 27.19 -16.78 3.15
C PHE B 854 27.83 -16.51 1.79
N LEU B 855 29.11 -16.90 1.64
CA LEU B 855 29.75 -17.02 0.33
C LEU B 855 29.80 -15.66 -0.37
N VAL B 856 30.15 -14.61 0.39
CA VAL B 856 30.39 -13.30 -0.18
C VAL B 856 31.60 -13.41 -1.11
N GLY B 857 32.65 -14.09 -0.63
CA GLY B 857 33.88 -14.28 -1.38
C GLY B 857 33.65 -15.03 -2.68
N LYS B 858 32.95 -16.17 -2.58
CA LYS B 858 32.75 -17.03 -3.73
C LYS B 858 31.98 -16.30 -4.83
N ASP B 859 30.91 -15.57 -4.45
CA ASP B 859 30.03 -14.94 -5.42
C ASP B 859 30.56 -13.57 -5.84
N PHE B 860 31.56 -13.06 -5.13
CA PHE B 860 32.10 -11.74 -5.38
C PHE B 860 32.48 -11.58 -6.86
N PRO B 861 33.22 -12.54 -7.48
CA PRO B 861 33.57 -12.44 -8.89
C PRO B 861 32.38 -12.24 -9.82
N SER B 862 31.45 -13.21 -9.85
CA SER B 862 30.31 -13.15 -10.74
C SER B 862 29.54 -11.85 -10.51
N TYR B 863 29.52 -11.37 -9.26
CA TYR B 863 28.79 -10.16 -8.90
C TYR B 863 29.39 -8.96 -9.61
N ILE B 864 30.68 -8.65 -9.39
CA ILE B 864 31.25 -7.41 -9.92
C ILE B 864 31.27 -7.50 -11.45
N GLU B 865 31.41 -8.72 -11.98
CA GLU B 865 31.34 -8.96 -13.41
C GLU B 865 29.95 -8.57 -13.90
N CYS B 866 28.92 -9.04 -13.19
CA CYS B 866 27.54 -8.76 -13.54
C CYS B 866 27.26 -7.25 -13.52
N GLN B 867 27.89 -6.54 -12.58
CA GLN B 867 27.70 -5.10 -12.44
C GLN B 867 28.32 -4.36 -13.62
N GLU B 868 29.43 -4.89 -14.15
CA GLU B 868 30.02 -4.35 -15.37
C GLU B 868 29.01 -4.43 -16.51
N LYS B 869 28.23 -5.52 -16.55
CA LYS B 869 27.20 -5.69 -17.57
C LYS B 869 26.12 -4.64 -17.37
N VAL B 870 25.75 -4.37 -16.11
CA VAL B 870 24.78 -3.33 -15.78
C VAL B 870 25.29 -2.01 -16.36
N ASP B 871 26.56 -1.68 -16.08
CA ASP B 871 27.22 -0.51 -16.62
C ASP B 871 26.95 -0.40 -18.12
N GLU B 872 27.23 -1.49 -18.86
CA GLU B 872 27.09 -1.50 -20.31
C GLU B 872 25.65 -1.18 -20.70
N ALA B 873 24.69 -1.89 -20.10
CA ALA B 873 23.29 -1.76 -20.45
C ALA B 873 22.80 -0.34 -20.21
N TYR B 874 23.29 0.29 -19.13
CA TYR B 874 22.85 1.62 -18.75
C TYR B 874 23.32 2.64 -19.78
N ARG B 875 24.48 2.39 -20.40
CA ARG B 875 25.04 3.27 -21.42
C ARG B 875 24.16 3.27 -22.67
N ASP B 876 23.48 2.15 -22.93
CA ASP B 876 22.59 2.02 -24.07
C ASP B 876 21.15 2.34 -23.63
N GLN B 877 20.79 3.63 -23.60
CA GLN B 877 19.54 4.07 -22.99
C GLN B 877 18.32 3.49 -23.71
N LYS B 878 18.46 3.20 -25.01
CA LYS B 878 17.37 2.59 -25.75
C LYS B 878 17.13 1.18 -25.24
N ARG B 879 18.22 0.43 -25.07
CA ARG B 879 18.16 -0.93 -24.53
C ARG B 879 17.61 -0.89 -23.11
N TRP B 880 18.23 -0.05 -22.27
CA TRP B 880 17.91 0.04 -20.85
C TRP B 880 16.42 0.33 -20.64
N THR B 881 15.88 1.28 -21.41
CA THR B 881 14.49 1.69 -21.26
C THR B 881 13.57 0.54 -21.69
N THR B 882 13.95 -0.20 -22.73
CA THR B 882 13.16 -1.34 -23.16
C THR B 882 13.04 -2.34 -22.02
N MET B 883 14.15 -2.57 -21.31
CA MET B 883 14.19 -3.52 -20.22
C MET B 883 13.25 -3.07 -19.11
N SER B 884 13.37 -1.78 -18.74
CA SER B 884 12.49 -1.15 -17.77
C SER B 884 11.03 -1.38 -18.14
N ILE B 885 10.66 -1.12 -19.40
CA ILE B 885 9.27 -1.22 -19.83
C ILE B 885 8.80 -2.67 -19.72
N LEU B 886 9.69 -3.62 -20.02
CA LEU B 886 9.32 -5.02 -20.03
C LEU B 886 9.16 -5.55 -18.61
N ASN B 887 9.86 -4.92 -17.64
CA ASN B 887 9.71 -5.28 -16.23
C ASN B 887 8.30 -4.93 -15.74
N THR B 888 7.79 -3.76 -16.13
CA THR B 888 6.45 -3.33 -15.76
C THR B 888 5.42 -4.20 -16.50
N ALA B 889 5.73 -4.54 -17.75
CA ALA B 889 4.80 -5.26 -18.61
C ALA B 889 4.64 -6.70 -18.14
N GLY B 890 5.66 -7.25 -17.45
CA GLY B 890 5.65 -8.63 -17.03
C GLY B 890 5.41 -8.80 -15.53
N SER B 891 4.92 -7.75 -14.87
CA SER B 891 4.77 -7.74 -13.42
C SER B 891 3.36 -8.16 -13.01
N TYR B 892 2.41 -8.18 -13.95
CA TYR B 892 0.99 -8.16 -13.65
C TYR B 892 0.55 -9.35 -12.80
N LYS B 893 1.27 -10.48 -12.88
CA LYS B 893 0.88 -11.69 -12.16
C LYS B 893 1.21 -11.57 -10.67
N PHE B 894 2.01 -10.56 -10.30
CA PHE B 894 2.37 -10.35 -8.90
C PHE B 894 1.41 -9.34 -8.25
N SER B 895 0.25 -9.09 -8.88
CA SER B 895 -0.84 -8.40 -8.22
C SER B 895 -1.37 -9.28 -7.08
N SER B 896 -1.55 -8.67 -5.90
CA SER B 896 -2.10 -9.37 -4.76
C SER B 896 -3.55 -9.77 -5.00
N ASP B 897 -4.20 -9.16 -6.01
CA ASP B 897 -5.54 -9.55 -6.42
C ASP B 897 -5.54 -10.99 -6.92
N ARG B 898 -4.50 -11.35 -7.67
CA ARG B 898 -4.35 -12.70 -8.18
C ARG B 898 -4.19 -13.65 -7.00
N THR B 899 -3.31 -13.30 -6.06
CA THR B 899 -3.02 -14.14 -4.91
C THR B 899 -4.29 -14.39 -4.10
N ILE B 900 -5.12 -13.35 -3.92
CA ILE B 900 -6.26 -13.42 -3.04
C ILE B 900 -7.41 -14.15 -3.72
N HIS B 901 -7.59 -13.96 -5.02
CA HIS B 901 -8.52 -14.77 -5.79
C HIS B 901 -8.24 -16.24 -5.55
N GLU B 902 -6.95 -16.59 -5.49
CA GLU B 902 -6.52 -17.96 -5.29
C GLU B 902 -6.88 -18.43 -3.89
N TYR B 903 -6.45 -17.68 -2.86
CA TYR B 903 -6.78 -18.02 -1.48
C TYR B 903 -8.29 -18.15 -1.33
N ALA B 904 -9.04 -17.21 -1.93
CA ALA B 904 -10.48 -17.13 -1.78
C ALA B 904 -11.16 -18.40 -2.29
N LYS B 905 -10.69 -18.93 -3.42
CA LYS B 905 -11.36 -20.03 -4.10
C LYS B 905 -10.83 -21.38 -3.63
N ASP B 906 -9.54 -21.46 -3.32
CA ASP B 906 -8.86 -22.74 -3.17
C ASP B 906 -8.59 -23.10 -1.70
N ILE B 907 -8.75 -22.15 -0.78
CA ILE B 907 -8.57 -22.45 0.64
C ILE B 907 -9.83 -22.08 1.42
N TRP B 908 -10.21 -20.79 1.39
CA TRP B 908 -11.24 -20.28 2.28
C TRP B 908 -12.63 -20.62 1.75
N ASN B 909 -12.76 -20.67 0.43
CA ASN B 909 -14.05 -20.91 -0.21
C ASN B 909 -15.03 -19.82 0.19
N ILE B 910 -14.71 -18.58 -0.17
CA ILE B 910 -15.60 -17.44 0.01
C ILE B 910 -15.88 -16.82 -1.35
N GLU B 911 -17.04 -16.16 -1.44
CA GLU B 911 -17.49 -15.53 -2.67
C GLU B 911 -17.64 -14.04 -2.44
N ALA B 912 -17.37 -13.25 -3.50
CA ALA B 912 -17.56 -11.82 -3.48
C ALA B 912 -18.95 -11.47 -3.00
N VAL B 913 -19.07 -10.28 -2.39
CA VAL B 913 -20.34 -9.75 -1.90
C VAL B 913 -20.43 -8.29 -2.33
N GLU B 914 -21.52 -7.97 -3.05
CA GLU B 914 -21.73 -6.63 -3.56
C GLU B 914 -22.35 -5.79 -2.45
N ILE B 915 -21.87 -4.54 -2.32
CA ILE B 915 -22.40 -3.63 -1.31
C ILE B 915 -23.49 -2.79 -1.94
N ALA B 916 -23.13 -1.72 -2.68
CA ALA B 916 -24.09 -0.99 -3.51
C ALA B 916 -24.65 0.21 -2.77
N ALA C 23 -29.40 28.81 17.20
CA ALA C 23 -30.69 28.58 17.87
C ALA C 23 -31.10 27.11 17.75
N PRO C 24 -30.41 26.17 18.45
CA PRO C 24 -30.70 24.74 18.30
C PRO C 24 -32.08 24.38 18.83
N ASP C 25 -32.85 23.62 18.03
CA ASP C 25 -34.17 23.16 18.41
C ASP C 25 -34.16 21.63 18.55
N ALA C 26 -35.31 21.06 18.93
CA ALA C 26 -35.43 19.63 19.11
C ALA C 26 -34.97 18.88 17.85
N ALA C 27 -35.29 19.43 16.68
CA ALA C 27 -34.98 18.80 15.41
C ALA C 27 -33.46 18.74 15.19
N SER C 28 -32.80 19.90 15.33
CA SER C 28 -31.37 19.99 15.08
C SER C 28 -30.61 19.14 16.08
N ILE C 29 -31.04 19.17 17.35
CA ILE C 29 -30.39 18.40 18.40
C ILE C 29 -30.54 16.91 18.11
N THR C 30 -31.70 16.49 17.61
CA THR C 30 -31.93 15.08 17.29
C THR C 30 -30.93 14.65 16.22
N SER C 31 -30.82 15.44 15.14
CA SER C 31 -29.89 15.16 14.06
C SER C 31 -28.45 15.19 14.59
N SER C 32 -28.17 16.10 15.53
CA SER C 32 -26.85 16.25 16.11
C SER C 32 -26.45 14.99 16.87
N ILE C 33 -27.38 14.44 17.66
CA ILE C 33 -27.11 13.26 18.47
C ILE C 33 -26.89 12.05 17.56
N LYS C 34 -27.76 11.90 16.56
CA LYS C 34 -27.63 10.84 15.56
C LYS C 34 -26.29 10.96 14.85
N TYR C 35 -25.93 12.18 14.43
CA TYR C 35 -24.69 12.43 13.73
C TYR C 35 -23.52 11.91 14.56
N HIS C 36 -23.47 12.28 15.85
CA HIS C 36 -22.34 11.93 16.69
C HIS C 36 -22.29 10.42 16.94
N ALA C 37 -23.47 9.80 17.05
CA ALA C 37 -23.55 8.37 17.31
C ALA C 37 -22.91 7.57 16.18
N GLU C 38 -23.00 8.10 14.95
CA GLU C 38 -22.51 7.42 13.76
C GLU C 38 -21.07 7.82 13.47
N PHE C 39 -20.75 9.13 13.51
CA PHE C 39 -19.52 9.65 12.91
C PHE C 39 -18.45 9.95 13.94
N THR C 40 -18.82 10.09 15.22
CA THR C 40 -17.83 10.12 16.30
C THR C 40 -18.18 8.99 17.27
N PRO C 41 -18.14 7.71 16.83
CA PRO C 41 -18.52 6.60 17.69
C PRO C 41 -17.39 6.22 18.66
N VAL C 42 -17.80 5.65 19.80
CA VAL C 42 -16.87 4.98 20.69
C VAL C 42 -17.43 3.61 21.06
N PHE C 43 -18.41 3.14 20.28
CA PHE C 43 -19.06 1.85 20.48
C PHE C 43 -19.33 1.20 19.13
N SER C 44 -19.71 -0.08 19.17
CA SER C 44 -20.15 -0.82 17.99
C SER C 44 -21.39 -0.16 17.39
N PRO C 45 -21.65 -0.34 16.07
CA PRO C 45 -22.81 0.29 15.44
C PRO C 45 -24.17 -0.20 15.93
N GLU C 46 -24.24 -1.45 16.40
CA GLU C 46 -25.51 -2.07 16.74
C GLU C 46 -26.19 -1.33 17.88
N ARG C 47 -27.46 -0.97 17.66
CA ARG C 47 -28.40 -0.53 18.68
C ARG C 47 -28.01 0.85 19.23
N PHE C 48 -28.86 1.37 20.12
CA PHE C 48 -28.67 2.68 20.72
C PHE C 48 -28.94 2.58 22.22
N GLU C 49 -28.03 1.89 22.92
CA GLU C 49 -28.12 1.70 24.36
C GLU C 49 -27.83 3.02 25.08
N LEU C 50 -27.95 3.01 26.41
CA LEU C 50 -27.75 4.21 27.22
C LEU C 50 -26.33 4.75 27.04
N PRO C 51 -25.26 3.96 27.26
CA PRO C 51 -23.90 4.50 27.21
C PRO C 51 -23.62 5.24 25.90
N LYS C 52 -24.05 4.65 24.79
CA LYS C 52 -23.87 5.26 23.48
C LYS C 52 -24.67 6.56 23.42
N ALA C 53 -25.91 6.53 23.92
CA ALA C 53 -26.79 7.68 23.87
C ALA C 53 -26.19 8.84 24.67
N PHE C 54 -25.58 8.52 25.81
CA PHE C 54 -24.97 9.53 26.66
C PHE C 54 -23.84 10.23 25.92
N PHE C 55 -22.91 9.44 25.37
CA PHE C 55 -21.76 9.97 24.67
C PHE C 55 -22.21 10.86 23.52
N ALA C 56 -23.21 10.42 22.76
CA ALA C 56 -23.70 11.17 21.62
C ALA C 56 -24.36 12.47 22.08
N THR C 57 -25.11 12.38 23.18
CA THR C 57 -25.78 13.56 23.74
C THR C 57 -24.71 14.55 24.21
N ALA C 58 -23.72 14.04 24.96
CA ALA C 58 -22.67 14.87 25.53
C ALA C 58 -21.89 15.60 24.43
N GLN C 59 -21.66 14.90 23.32
CA GLN C 59 -20.89 15.47 22.22
C GLN C 59 -21.71 16.57 21.53
N SER C 60 -23.04 16.37 21.43
CA SER C 60 -23.94 17.39 20.90
C SER C 60 -23.88 18.64 21.77
N VAL C 61 -23.89 18.45 23.09
CA VAL C 61 -23.79 19.56 24.03
C VAL C 61 -22.46 20.27 23.79
N ARG C 62 -21.39 19.48 23.65
CA ARG C 62 -20.03 20.00 23.59
C ARG C 62 -19.82 20.87 22.35
N ASP C 63 -20.54 20.54 21.27
CA ASP C 63 -20.52 21.34 20.06
C ASP C 63 -20.88 22.78 20.41
N SER C 64 -21.96 22.96 21.18
CA SER C 64 -22.40 24.28 21.60
C SER C 64 -21.35 24.92 22.51
N LEU C 65 -20.86 24.15 23.48
CA LEU C 65 -19.87 24.64 24.43
C LEU C 65 -18.67 25.21 23.67
N LEU C 66 -18.21 24.50 22.63
CA LEU C 66 -17.01 24.89 21.90
C LEU C 66 -17.22 26.19 21.13
N ILE C 67 -18.40 26.38 20.52
CA ILE C 67 -18.69 27.62 19.82
C ILE C 67 -18.41 28.79 20.77
N ASN C 68 -19.01 28.71 21.96
CA ASN C 68 -19.01 29.83 22.89
C ASN C 68 -17.66 29.93 23.59
N TRP C 69 -17.00 28.77 23.80
CA TRP C 69 -15.65 28.75 24.34
C TRP C 69 -14.72 29.55 23.43
N ASN C 70 -14.87 29.35 22.11
CA ASN C 70 -14.06 30.03 21.13
C ASN C 70 -14.43 31.51 21.07
N ALA C 71 -15.73 31.82 21.06
CA ALA C 71 -16.20 33.20 21.04
C ALA C 71 -15.60 33.98 22.20
N THR C 72 -15.65 33.38 23.40
CA THR C 72 -15.08 33.97 24.61
C THR C 72 -13.58 34.13 24.45
N TYR C 73 -12.92 33.06 24.00
CA TYR C 73 -11.47 33.01 23.87
C TYR C 73 -10.98 34.14 22.97
N ASP C 74 -11.71 34.35 21.86
CA ASP C 74 -11.32 35.31 20.83
C ASP C 74 -11.45 36.73 21.39
N ILE C 75 -12.60 37.04 21.99
CA ILE C 75 -12.85 38.36 22.55
C ILE C 75 -11.80 38.69 23.60
N TYR C 76 -11.51 37.73 24.49
CA TYR C 76 -10.54 37.93 25.56
C TYR C 76 -9.16 38.19 24.96
N GLU C 77 -8.86 37.56 23.81
CA GLU C 77 -7.56 37.68 23.18
C GLU C 77 -7.40 39.07 22.57
N LYS C 78 -8.41 39.50 21.79
CA LYS C 78 -8.35 40.74 21.04
C LYS C 78 -8.37 41.93 22.00
N LEU C 79 -9.33 41.90 22.94
CA LEU C 79 -9.23 42.75 24.11
C LEU C 79 -8.08 42.14 24.90
N ASN C 80 -7.36 42.95 25.64
CA ASN C 80 -6.34 42.39 26.50
C ASN C 80 -6.66 42.82 27.91
N MET C 81 -7.89 42.52 28.38
CA MET C 81 -8.29 42.91 29.73
C MET C 81 -7.45 42.14 30.74
N LYS C 82 -7.67 42.43 32.03
CA LYS C 82 -7.03 41.65 33.08
C LYS C 82 -7.79 40.33 33.21
N GLN C 83 -7.04 39.24 33.42
CA GLN C 83 -7.62 37.92 33.54
C GLN C 83 -7.19 37.30 34.86
N ALA C 84 -8.11 36.59 35.51
CA ALA C 84 -7.86 35.98 36.81
C ALA C 84 -7.70 34.47 36.64
N TYR C 85 -6.83 33.87 37.45
CA TYR C 85 -6.53 32.45 37.35
C TYR C 85 -6.65 31.84 38.74
N TYR C 86 -7.66 30.96 38.90
CA TYR C 86 -7.91 30.30 40.17
C TYR C 86 -7.19 28.95 40.18
N LEU C 87 -6.18 28.82 41.04
CA LEU C 87 -5.38 27.59 41.10
C LEU C 87 -5.79 26.77 42.31
N SER C 88 -6.05 25.49 42.08
CA SER C 88 -6.55 24.59 43.11
C SER C 88 -6.10 23.16 42.83
N MET C 89 -5.74 22.44 43.91
CA MET C 89 -5.34 21.05 43.79
C MET C 89 -6.57 20.16 43.66
N GLU C 90 -7.77 20.73 43.82
CA GLU C 90 -8.98 19.96 43.58
C GLU C 90 -10.08 20.83 43.01
N PHE C 91 -10.85 20.23 42.09
CA PHE C 91 -12.12 20.76 41.62
C PHE C 91 -13.14 19.63 41.68
N LEU C 92 -14.26 19.87 42.37
CA LEU C 92 -15.30 18.86 42.54
C LEU C 92 -16.43 19.15 41.56
N GLN C 93 -16.20 18.78 40.29
CA GLN C 93 -17.00 19.26 39.19
C GLN C 93 -18.32 18.50 39.08
N GLY C 94 -18.35 17.24 39.55
CA GLY C 94 -19.53 16.40 39.40
C GLY C 94 -19.86 16.15 37.93
N ARG C 95 -21.15 15.91 37.65
CA ARG C 95 -21.63 15.71 36.30
C ARG C 95 -21.86 17.06 35.62
N ALA C 96 -21.59 17.12 34.32
CA ALA C 96 -21.65 18.36 33.57
C ALA C 96 -22.94 18.49 32.78
N LEU C 97 -23.56 17.36 32.43
CA LEU C 97 -24.58 17.33 31.38
C LEU C 97 -25.74 18.28 31.68
N LEU C 98 -26.46 18.05 32.77
CA LEU C 98 -27.70 18.78 33.04
C LEU C 98 -27.43 20.27 33.28
N ASN C 99 -26.27 20.60 33.87
CA ASN C 99 -25.90 21.99 34.12
C ASN C 99 -25.53 22.69 32.82
N ALA C 100 -24.89 21.96 31.90
CA ALA C 100 -24.48 22.51 30.62
C ALA C 100 -25.71 22.87 29.79
N ILE C 101 -26.64 21.93 29.65
CA ILE C 101 -27.86 22.17 28.88
C ILE C 101 -28.72 23.19 29.64
N GLY C 102 -28.69 23.13 30.98
CA GLY C 102 -29.39 24.08 31.82
C GLY C 102 -28.96 25.52 31.54
N ASN C 103 -27.65 25.79 31.67
CA ASN C 103 -27.09 27.12 31.45
C ASN C 103 -27.28 27.56 30.00
N LEU C 104 -27.28 26.61 29.07
CA LEU C 104 -27.49 26.89 27.66
C LEU C 104 -28.97 27.15 27.37
N GLU C 105 -29.84 26.76 28.32
CA GLU C 105 -31.29 26.85 28.15
C GLU C 105 -31.74 25.97 27.00
N LEU C 106 -31.40 24.67 27.06
CA LEU C 106 -31.80 23.73 26.01
C LEU C 106 -32.36 22.45 26.62
N THR C 107 -32.73 22.50 27.90
CA THR C 107 -33.22 21.33 28.62
C THR C 107 -34.44 20.75 27.90
N GLY C 108 -35.31 21.63 27.41
CA GLY C 108 -36.53 21.22 26.72
C GLY C 108 -36.23 20.51 25.41
N ALA C 109 -35.38 21.13 24.59
CA ALA C 109 -35.05 20.62 23.26
C ALA C 109 -34.33 19.27 23.35
N PHE C 110 -33.40 19.16 24.31
CA PHE C 110 -32.61 17.95 24.49
C PHE C 110 -33.50 16.82 25.03
N ALA C 111 -34.44 17.17 25.91
CA ALA C 111 -35.39 16.20 26.46
C ALA C 111 -36.28 15.65 25.35
N GLU C 112 -36.73 16.53 24.45
CA GLU C 112 -37.59 16.17 23.34
C GLU C 112 -36.83 15.33 22.32
N ALA C 113 -35.59 15.75 21.99
CA ALA C 113 -34.74 15.04 21.05
C ALA C 113 -34.49 13.61 21.53
N LEU C 114 -34.17 13.46 22.82
CA LEU C 114 -33.91 12.14 23.39
C LEU C 114 -35.20 11.31 23.39
N LYS C 115 -36.35 11.96 23.60
CA LYS C 115 -37.64 11.31 23.51
C LYS C 115 -37.77 10.65 22.13
N ASN C 116 -37.49 11.43 21.09
CA ASN C 116 -37.56 10.97 19.71
C ASN C 116 -36.65 9.77 19.46
N LEU C 117 -35.53 9.69 20.20
CA LEU C 117 -34.56 8.62 19.98
C LEU C 117 -34.82 7.45 20.94
N GLY C 118 -35.92 7.51 21.70
CA GLY C 118 -36.36 6.39 22.52
C GLY C 118 -35.67 6.35 23.89
N HIS C 119 -35.25 7.52 24.38
CA HIS C 119 -34.64 7.67 25.69
C HIS C 119 -35.28 8.86 26.41
N ASN C 120 -34.96 9.01 27.70
CA ASN C 120 -35.31 10.23 28.42
C ASN C 120 -34.06 10.81 29.06
N LEU C 121 -34.10 12.12 29.28
CA LEU C 121 -32.92 12.89 29.64
C LEU C 121 -32.32 12.40 30.95
N GLU C 122 -33.16 12.11 31.96
CA GLU C 122 -32.65 11.81 33.30
C GLU C 122 -31.92 10.47 33.29
N ASN C 123 -32.40 9.54 32.46
CA ASN C 123 -31.77 8.23 32.32
C ASN C 123 -30.41 8.35 31.64
N VAL C 124 -30.29 9.25 30.66
CA VAL C 124 -29.05 9.48 29.95
C VAL C 124 -28.05 10.13 30.89
N ALA C 125 -28.51 11.14 31.64
CA ALA C 125 -27.65 11.91 32.53
C ALA C 125 -27.05 11.03 33.62
N SER C 126 -27.77 9.96 33.99
CA SER C 126 -27.34 9.09 35.06
C SER C 126 -26.20 8.18 34.61
N GLN C 127 -25.97 8.10 33.29
CA GLN C 127 -24.84 7.34 32.75
C GLN C 127 -23.52 8.05 33.06
N GLU C 128 -23.55 9.38 33.05
CA GLU C 128 -22.34 10.18 33.24
C GLU C 128 -21.74 9.92 34.62
N PRO C 129 -20.45 9.56 34.72
CA PRO C 129 -19.75 9.52 36.00
C PRO C 129 -19.40 10.94 36.45
N ASP C 130 -19.41 11.17 37.76
CA ASP C 130 -18.84 12.37 38.33
C ASP C 130 -17.37 12.45 37.91
N ALA C 131 -16.94 13.62 37.45
CA ALA C 131 -15.53 13.85 37.20
C ALA C 131 -14.78 13.81 38.53
N ALA C 132 -13.90 12.82 38.71
CA ALA C 132 -13.19 12.63 39.97
C ALA C 132 -11.94 13.50 40.01
N LEU C 133 -12.14 14.82 40.15
CA LEU C 133 -11.06 15.80 40.08
C LEU C 133 -10.85 16.51 41.42
N GLY C 134 -11.61 16.12 42.45
CA GLY C 134 -11.54 16.75 43.76
C GLY C 134 -12.05 15.84 44.86
N ASN C 135 -12.21 16.39 46.07
CA ASN C 135 -12.57 15.59 47.24
C ASN C 135 -13.74 16.22 47.99
N GLY C 136 -13.55 17.46 48.49
CA GLY C 136 -14.50 18.05 49.42
C GLY C 136 -14.78 19.52 49.13
N GLY C 137 -15.11 20.25 50.20
CA GLY C 137 -15.57 21.62 50.09
C GLY C 137 -14.58 22.50 49.35
N LEU C 138 -13.28 22.26 49.59
CA LEU C 138 -12.22 23.03 48.96
C LEU C 138 -12.41 22.98 47.45
N GLY C 139 -12.55 21.75 46.93
CA GLY C 139 -12.73 21.53 45.50
C GLY C 139 -14.07 22.04 45.01
N ARG C 140 -15.13 21.85 45.82
CA ARG C 140 -16.46 22.23 45.43
C ARG C 140 -16.59 23.75 45.38
N LEU C 141 -15.90 24.43 46.30
CA LEU C 141 -15.86 25.88 46.30
C LEU C 141 -15.32 26.36 44.96
N ALA C 142 -14.20 25.76 44.52
CA ALA C 142 -13.56 26.13 43.27
C ALA C 142 -14.54 25.97 42.12
N SER C 143 -15.28 24.85 42.13
CA SER C 143 -16.22 24.52 41.08
C SER C 143 -17.35 25.52 41.01
N CYS C 144 -17.97 25.80 42.18
CA CYS C 144 -19.03 26.80 42.28
C CYS C 144 -18.53 28.14 41.74
N PHE C 145 -17.28 28.48 42.08
CA PHE C 145 -16.65 29.73 41.65
C PHE C 145 -16.59 29.79 40.12
N LEU C 146 -16.24 28.67 39.48
CA LEU C 146 -16.11 28.64 38.04
C LEU C 146 -17.47 28.92 37.40
N ASP C 147 -18.55 28.38 37.99
CA ASP C 147 -19.90 28.63 37.49
C ASP C 147 -20.23 30.11 37.61
N SER C 148 -19.96 30.69 38.79
CA SER C 148 -20.23 32.10 39.02
C SER C 148 -19.42 32.96 38.05
N LEU C 149 -18.10 32.72 37.98
CA LEU C 149 -17.20 33.48 37.13
C LEU C 149 -17.73 33.55 35.70
N ALA C 150 -18.14 32.39 35.16
CA ALA C 150 -18.66 32.34 33.79
C ALA C 150 -20.01 33.07 33.70
N THR C 151 -20.91 32.79 34.65
CA THR C 151 -22.25 33.36 34.63
C THR C 151 -22.18 34.89 34.65
N LEU C 152 -21.23 35.44 35.42
CA LEU C 152 -21.13 36.87 35.66
C LEU C 152 -20.22 37.54 34.62
N ASN C 153 -19.72 36.77 33.64
CA ASN C 153 -18.99 37.31 32.51
C ASN C 153 -17.61 37.82 32.92
N TYR C 154 -17.06 37.27 34.01
CA TYR C 154 -15.74 37.66 34.49
C TYR C 154 -14.67 36.87 33.75
N PRO C 155 -13.64 37.55 33.17
CA PRO C 155 -12.54 36.85 32.49
C PRO C 155 -11.62 36.17 33.50
N ALA C 156 -11.86 34.87 33.70
CA ALA C 156 -11.08 34.07 34.63
C ALA C 156 -11.13 32.60 34.23
N TRP C 157 -10.03 31.89 34.52
CA TRP C 157 -9.92 30.46 34.28
C TRP C 157 -9.59 29.75 35.58
N GLY C 158 -9.87 28.44 35.63
CA GLY C 158 -9.34 27.56 36.64
C GLY C 158 -8.15 26.77 36.09
N TYR C 159 -7.24 26.36 37.00
CA TYR C 159 -6.11 25.50 36.67
C TYR C 159 -6.04 24.40 37.71
N GLY C 160 -5.94 23.14 37.24
CA GLY C 160 -5.88 21.99 38.13
C GLY C 160 -5.15 20.82 37.48
N LEU C 161 -5.07 19.70 38.22
CA LEU C 161 -4.51 18.47 37.70
C LEU C 161 -5.65 17.57 37.23
N ARG C 162 -5.39 16.85 36.14
CA ARG C 162 -6.31 15.85 35.60
C ARG C 162 -6.03 14.51 36.26
N TYR C 163 -6.68 14.26 37.40
CA TYR C 163 -6.51 13.04 38.17
C TYR C 163 -7.22 11.88 37.50
N LYS C 164 -6.50 10.75 37.37
CA LYS C 164 -6.99 9.60 36.62
C LYS C 164 -7.99 8.81 37.46
N TYR C 165 -7.65 8.58 38.74
CA TYR C 165 -8.42 7.71 39.61
C TYR C 165 -9.02 8.47 40.80
N GLY C 166 -9.08 9.80 40.69
CA GLY C 166 -9.66 10.63 41.73
C GLY C 166 -8.99 10.40 43.09
N LEU C 167 -9.81 10.36 44.15
CA LEU C 167 -9.35 9.98 45.47
C LEU C 167 -9.57 8.48 45.63
N PHE C 168 -10.83 8.09 45.75
CA PHE C 168 -11.23 6.68 45.69
C PHE C 168 -12.74 6.59 45.65
N LYS C 169 -13.25 5.54 44.99
CA LYS C 169 -14.65 5.19 45.04
C LYS C 169 -14.89 4.38 46.31
N GLN C 170 -15.89 4.81 47.10
CA GLN C 170 -16.24 4.11 48.33
C GLN C 170 -17.23 3.00 48.02
N ARG C 171 -16.97 1.82 48.57
CA ARG C 171 -17.98 0.77 48.63
C ARG C 171 -18.27 0.48 50.10
N ILE C 172 -19.53 0.19 50.40
CA ILE C 172 -19.94 -0.22 51.74
C ILE C 172 -20.31 -1.69 51.69
N THR C 173 -19.51 -2.52 52.38
CA THR C 173 -19.71 -3.95 52.44
C THR C 173 -20.29 -4.30 53.80
N LYS C 174 -20.56 -5.60 54.00
CA LYS C 174 -20.83 -6.16 55.31
C LYS C 174 -19.72 -5.76 56.29
N ASP C 175 -18.48 -5.58 55.81
CA ASP C 175 -17.35 -5.22 56.65
C ASP C 175 -17.19 -3.71 56.77
N GLY C 176 -18.02 -2.93 56.06
CA GLY C 176 -17.95 -1.48 56.11
C GLY C 176 -17.31 -0.89 54.87
N GLN C 177 -16.48 0.15 55.04
CA GLN C 177 -15.90 0.86 53.92
C GLN C 177 -14.78 0.02 53.27
N GLU C 178 -14.81 -0.04 51.94
CA GLU C 178 -13.67 -0.45 51.14
C GLU C 178 -13.41 0.64 50.09
N GLU C 179 -12.15 0.78 49.68
CA GLU C 179 -11.73 1.80 48.74
C GLU C 179 -11.25 1.15 47.44
N VAL C 180 -11.68 1.70 46.30
CA VAL C 180 -11.26 1.21 44.99
C VAL C 180 -11.13 2.41 44.05
N ALA C 181 -10.18 2.31 43.12
CA ALA C 181 -9.84 3.42 42.23
C ALA C 181 -11.01 3.78 41.33
N GLU C 182 -11.10 5.07 40.97
CA GLU C 182 -12.20 5.59 40.20
C GLU C 182 -12.06 5.16 38.74
N ASP C 183 -13.20 4.98 38.09
CA ASP C 183 -13.28 4.41 36.76
C ASP C 183 -13.78 5.45 35.76
N TRP C 184 -13.68 6.74 36.12
CA TRP C 184 -14.39 7.77 35.37
C TRP C 184 -13.79 7.98 33.98
N LEU C 185 -12.49 7.65 33.82
CA LEU C 185 -11.78 7.85 32.56
C LEU C 185 -11.59 6.52 31.82
N GLU C 186 -12.26 5.46 32.28
CA GLU C 186 -12.04 4.12 31.74
C GLU C 186 -12.41 4.09 30.26
N ILE C 187 -13.49 4.79 29.88
CA ILE C 187 -13.84 5.01 28.48
C ILE C 187 -13.32 6.38 28.04
N GLY C 188 -13.33 7.36 28.96
CA GLY C 188 -12.86 8.70 28.67
C GLY C 188 -13.97 9.74 28.88
N SER C 189 -13.58 11.02 28.97
CA SER C 189 -14.51 12.11 29.17
C SER C 189 -14.95 12.67 27.82
N PRO C 190 -16.27 12.77 27.55
CA PRO C 190 -16.75 13.39 26.31
C PRO C 190 -16.61 14.91 26.31
N TRP C 191 -16.28 15.49 27.48
CA TRP C 191 -16.30 16.92 27.68
C TRP C 191 -14.95 17.53 27.32
N GLU C 192 -13.87 16.89 27.78
CA GLU C 192 -12.56 17.53 27.74
C GLU C 192 -12.09 17.72 26.30
N VAL C 193 -11.21 18.71 26.13
CA VAL C 193 -10.61 19.06 24.84
C VAL C 193 -9.09 19.06 25.02
N VAL C 194 -8.41 18.04 24.48
CA VAL C 194 -6.98 17.93 24.61
C VAL C 194 -6.34 18.97 23.69
N ARG C 195 -5.33 19.67 24.22
CA ARG C 195 -4.55 20.62 23.44
C ARG C 195 -3.13 20.05 23.31
N ASN C 196 -2.92 19.29 22.24
CA ASN C 196 -1.69 18.55 22.04
C ASN C 196 -0.51 19.49 21.85
N ASP C 197 -0.80 20.70 21.33
CA ASP C 197 0.23 21.71 21.11
C ASP C 197 0.48 22.54 22.36
N VAL C 198 -0.30 22.32 23.43
CA VAL C 198 -0.11 23.04 24.68
C VAL C 198 0.59 22.11 25.66
N SER C 199 1.91 22.08 25.57
CA SER C 199 2.75 21.23 26.40
C SER C 199 3.84 22.11 27.00
N TYR C 200 4.14 21.91 28.30
CA TYR C 200 5.15 22.72 28.96
C TYR C 200 6.10 21.81 29.71
N PRO C 201 7.41 22.11 29.66
CA PRO C 201 8.42 21.31 30.36
C PRO C 201 8.39 21.60 31.86
N ILE C 202 8.44 20.53 32.67
CA ILE C 202 8.62 20.63 34.10
C ILE C 202 9.92 19.92 34.44
N LYS C 203 10.73 20.54 35.31
CA LYS C 203 12.00 20.00 35.73
C LYS C 203 11.95 19.66 37.22
N PHE C 204 12.63 18.56 37.59
CA PHE C 204 12.83 18.20 38.97
C PHE C 204 14.31 17.88 39.18
N TYR C 205 14.76 17.94 40.44
CA TYR C 205 16.14 17.64 40.83
C TYR C 205 17.08 18.58 40.08
N GLY C 206 18.28 18.08 39.74
CA GLY C 206 19.24 18.85 38.97
C GLY C 206 20.04 19.81 39.85
N LYS C 207 20.82 20.69 39.21
CA LYS C 207 21.71 21.61 39.89
C LYS C 207 21.61 23.00 39.26
N VAL C 208 22.04 24.00 40.04
CA VAL C 208 22.06 25.39 39.59
C VAL C 208 23.50 25.83 39.42
N SER C 209 23.75 26.75 38.47
CA SER C 209 25.08 27.29 38.23
C SER C 209 24.97 28.63 37.51
N THR C 210 25.96 29.51 37.71
CA THR C 210 25.96 30.82 37.10
C THR C 210 26.71 30.76 35.77
N GLY C 211 26.15 31.41 34.75
CA GLY C 211 26.75 31.48 33.43
C GLY C 211 27.71 32.66 33.33
N SER C 212 28.44 32.71 32.21
CA SER C 212 29.35 33.81 31.90
C SER C 212 28.60 35.12 31.71
N ASP C 213 27.27 35.03 31.52
CA ASP C 213 26.41 36.19 31.35
C ASP C 213 25.89 36.67 32.70
N GLY C 214 26.15 35.90 33.76
CA GLY C 214 25.82 36.30 35.11
C GLY C 214 24.43 35.81 35.54
N LYS C 215 23.74 35.07 34.66
CA LYS C 215 22.41 34.53 34.96
C LYS C 215 22.55 33.17 35.64
N ARG C 216 21.49 32.75 36.35
CA ARG C 216 21.44 31.42 36.93
C ARG C 216 20.84 30.45 35.89
N TYR C 217 21.42 29.24 35.86
CA TYR C 217 21.00 28.17 34.98
C TYR C 217 20.72 26.93 35.83
N TRP C 218 19.46 26.47 35.78
CA TRP C 218 19.03 25.25 36.44
C TRP C 218 19.06 24.11 35.43
N ILE C 219 20.14 23.32 35.45
CA ILE C 219 20.35 22.26 34.48
C ILE C 219 20.10 20.92 35.14
N GLY C 220 19.92 19.89 34.29
CA GLY C 220 19.92 18.50 34.73
C GLY C 220 18.63 18.10 35.41
N GLY C 221 18.70 16.96 36.13
CA GLY C 221 17.58 16.43 36.90
C GLY C 221 16.70 15.52 36.05
N GLU C 222 15.39 15.57 36.31
CA GLU C 222 14.39 14.88 35.50
C GLU C 222 13.63 15.94 34.69
N ASP C 223 13.26 15.59 33.46
CA ASP C 223 12.43 16.46 32.64
C ASP C 223 11.17 15.69 32.24
N ILE C 224 10.00 16.33 32.42
CA ILE C 224 8.72 15.76 32.01
C ILE C 224 7.92 16.85 31.28
N LYS C 225 6.77 16.45 30.74
CA LYS C 225 5.88 17.39 30.05
C LYS C 225 4.55 17.48 30.79
N ALA C 226 3.88 18.63 30.61
CA ALA C 226 2.55 18.84 31.13
C ALA C 226 1.64 19.29 29.99
N VAL C 227 0.58 18.53 29.73
CA VAL C 227 -0.28 18.78 28.59
C VAL C 227 -1.65 19.25 29.04
N ALA C 228 -2.18 20.23 28.32
CA ALA C 228 -3.42 20.88 28.70
C ALA C 228 -4.62 20.08 28.20
N TYR C 229 -5.60 19.91 29.09
CA TYR C 229 -6.94 19.47 28.74
C TYR C 229 -7.93 20.53 29.22
N ASP C 230 -8.71 21.09 28.29
CA ASP C 230 -9.69 22.09 28.65
C ASP C 230 -11.01 21.42 28.96
N VAL C 231 -11.62 21.81 30.09
CA VAL C 231 -13.01 21.51 30.39
C VAL C 231 -13.77 22.82 30.28
N PRO C 232 -14.62 23.01 29.23
CA PRO C 232 -15.45 24.21 29.12
C PRO C 232 -16.42 24.35 30.29
N ILE C 233 -16.54 25.57 30.81
CA ILE C 233 -17.51 25.89 31.85
C ILE C 233 -18.43 26.98 31.32
N PRO C 234 -19.68 26.65 30.94
CA PRO C 234 -20.62 27.64 30.43
C PRO C 234 -21.33 28.41 31.54
N GLY C 235 -21.55 29.70 31.30
CA GLY C 235 -22.30 30.55 32.22
C GLY C 235 -23.80 30.44 31.99
N TYR C 236 -24.58 30.80 33.03
CA TYR C 236 -26.03 30.74 32.99
C TYR C 236 -26.56 31.96 32.23
N LYS C 237 -27.31 31.69 31.16
CA LYS C 237 -27.96 32.71 30.35
C LYS C 237 -26.92 33.70 29.82
N THR C 238 -25.76 33.18 29.41
CA THR C 238 -24.72 33.98 28.78
C THR C 238 -23.96 33.11 27.79
N ARG C 239 -23.20 33.75 26.92
CA ARG C 239 -22.30 33.06 26.01
C ARG C 239 -20.93 32.85 26.65
N THR C 240 -20.63 33.61 27.71
CA THR C 240 -19.34 33.47 28.37
C THR C 240 -19.15 32.00 28.75
N THR C 241 -18.17 31.38 28.11
CA THR C 241 -17.73 30.03 28.45
C THR C 241 -16.23 30.10 28.71
N ILE C 242 -15.85 29.81 29.96
CA ILE C 242 -14.46 29.87 30.39
C ILE C 242 -13.89 28.46 30.39
N SER C 243 -12.65 28.34 30.90
CA SER C 243 -11.92 27.08 30.87
C SER C 243 -11.54 26.67 32.29
N LEU C 244 -11.69 25.37 32.57
CA LEU C 244 -10.95 24.70 33.62
C LEU C 244 -9.86 23.91 32.91
N ARG C 245 -8.65 24.46 32.91
CA ARG C 245 -7.53 23.85 32.18
C ARG C 245 -6.78 22.92 33.12
N LEU C 246 -6.80 21.62 32.79
CA LEU C 246 -6.21 20.59 33.61
C LEU C 246 -4.89 20.12 32.99
N TRP C 247 -3.93 19.77 33.86
CA TRP C 247 -2.62 19.31 33.42
C TRP C 247 -2.53 17.80 33.57
N SER C 248 -2.03 17.15 32.51
CA SER C 248 -1.68 15.74 32.56
C SER C 248 -0.19 15.59 32.26
N THR C 249 0.51 14.88 33.15
CA THR C 249 1.95 14.75 33.08
C THR C 249 2.31 13.50 32.28
N GLN C 250 3.30 13.64 31.40
CA GLN C 250 3.74 12.55 30.56
C GLN C 250 5.19 12.80 30.13
N VAL C 251 5.75 11.78 29.47
CA VAL C 251 7.10 11.84 28.96
C VAL C 251 7.05 11.44 27.48
N PRO C 252 7.93 11.96 26.62
CA PRO C 252 7.90 11.61 25.19
C PRO C 252 8.19 10.12 25.00
N SER C 253 7.75 9.58 23.86
CA SER C 253 7.85 8.15 23.57
C SER C 253 9.31 7.70 23.61
N ALA C 254 10.23 8.59 23.21
CA ALA C 254 11.64 8.27 23.09
C ALA C 254 12.26 7.92 24.44
N ASP C 255 11.62 8.30 25.55
CA ASP C 255 12.13 8.01 26.88
C ASP C 255 11.84 6.56 27.26
N PHE C 256 11.07 5.85 26.42
CA PHE C 256 10.85 4.43 26.62
C PHE C 256 12.14 3.69 26.29
N ASP C 257 12.61 2.84 27.21
CA ASP C 257 13.91 2.22 27.07
C ASP C 257 13.76 0.86 26.40
N LEU C 258 13.96 0.84 25.06
CA LEU C 258 13.88 -0.36 24.25
C LEU C 258 14.92 -1.38 24.69
N SER C 259 16.13 -0.89 25.02
CA SER C 259 17.24 -1.75 25.40
C SER C 259 16.85 -2.60 26.61
N ALA C 260 16.30 -1.94 27.63
CA ALA C 260 15.83 -2.60 28.83
C ALA C 260 14.70 -3.58 28.50
N PHE C 261 13.73 -3.11 27.70
CA PHE C 261 12.50 -3.85 27.47
C PHE C 261 12.80 -5.14 26.73
N ASN C 262 13.54 -5.03 25.63
CA ASN C 262 14.18 -6.17 25.00
C ASN C 262 15.25 -6.50 26.02
N ALA C 263 15.55 -7.76 26.28
CA ALA C 263 16.42 -8.07 27.42
C ALA C 263 15.59 -8.42 28.64
N GLY C 264 14.32 -7.98 28.72
CA GLY C 264 13.37 -8.62 29.64
C GLY C 264 13.05 -7.75 30.85
N GLU C 265 13.75 -6.63 31.02
CA GLU C 265 13.54 -5.74 32.15
C GLU C 265 12.40 -4.76 31.81
N HIS C 266 11.18 -5.32 31.74
CA HIS C 266 10.01 -4.60 31.25
C HIS C 266 9.63 -3.45 32.18
N THR C 267 9.86 -3.62 33.49
CA THR C 267 9.52 -2.60 34.45
C THR C 267 10.50 -1.43 34.32
N LYS C 268 11.79 -1.75 34.28
CA LYS C 268 12.85 -0.77 34.19
C LYS C 268 12.67 0.10 32.95
N ALA C 269 12.12 -0.49 31.87
CA ALA C 269 11.92 0.21 30.62
C ALA C 269 10.85 1.30 30.75
N CYS C 270 9.82 1.00 31.57
CA CYS C 270 8.62 1.81 31.71
C CYS C 270 8.85 2.91 32.74
N GLU C 271 10.03 2.91 33.38
CA GLU C 271 10.31 3.60 34.63
C GLU C 271 10.12 5.11 34.53
N ALA C 272 10.64 5.71 33.45
CA ALA C 272 10.62 7.16 33.29
C ALA C 272 9.19 7.67 33.15
N GLN C 273 8.39 6.97 32.34
CA GLN C 273 7.02 7.40 32.09
C GLN C 273 6.15 7.09 33.31
N ALA C 274 6.49 6.04 34.06
CA ALA C 274 5.75 5.70 35.27
C ALA C 274 5.91 6.81 36.30
N ASN C 275 7.15 7.28 36.47
CA ASN C 275 7.49 8.30 37.44
C ASN C 275 6.84 9.62 37.05
N ALA C 276 6.67 9.85 35.74
CA ALA C 276 6.10 11.09 35.24
C ALA C 276 4.59 11.11 35.38
N GLU C 277 3.94 9.97 35.09
CA GLU C 277 2.50 9.91 34.97
C GLU C 277 1.82 9.79 36.34
N LYS C 278 2.50 9.17 37.31
CA LYS C 278 1.91 8.91 38.62
C LYS C 278 1.55 10.21 39.33
N ILE C 279 2.17 11.31 38.89
CA ILE C 279 1.86 12.64 39.39
C ILE C 279 0.35 12.89 39.30
N CYS C 280 -0.29 12.39 38.24
CA CYS C 280 -1.70 12.65 37.99
C CYS C 280 -2.57 11.42 38.25
N TYR C 281 -2.11 10.49 39.08
CA TYR C 281 -2.86 9.25 39.31
C TYR C 281 -3.99 9.50 40.31
N ILE C 282 -3.64 9.78 41.57
CA ILE C 282 -4.66 10.00 42.59
C ILE C 282 -4.40 11.31 43.34
N LEU C 283 -5.47 11.79 43.99
CA LEU C 283 -5.50 13.06 44.69
C LEU C 283 -5.14 12.84 46.16
N TYR C 284 -4.22 13.66 46.67
CA TYR C 284 -3.72 13.54 48.04
C TYR C 284 -3.17 12.14 48.26
N PRO C 285 -2.11 11.73 47.53
CA PRO C 285 -1.46 10.44 47.77
C PRO C 285 -0.84 10.35 49.16
N GLY C 286 -0.89 9.15 49.76
CA GLY C 286 -0.32 8.92 51.07
C GLY C 286 1.12 9.44 51.13
N ASP C 287 1.44 10.17 52.21
CA ASP C 287 2.69 10.90 52.31
C ASP C 287 3.40 10.57 53.63
N GLU C 288 3.09 9.42 54.22
CA GLU C 288 3.90 8.90 55.32
C GLU C 288 5.29 8.56 54.81
N SER C 289 5.37 8.05 53.58
CA SER C 289 6.63 7.68 52.94
C SER C 289 7.34 8.91 52.39
N GLU C 290 8.66 8.78 52.21
CA GLU C 290 9.47 9.80 51.57
C GLU C 290 9.01 9.97 50.12
N GLU C 291 8.77 8.84 49.45
CA GLU C 291 8.27 8.80 48.08
C GLU C 291 6.94 9.54 47.97
N GLY C 292 6.07 9.36 48.97
CA GLY C 292 4.77 10.02 49.00
C GLY C 292 4.91 11.55 49.07
N LYS C 293 5.85 12.01 49.89
CA LYS C 293 6.08 13.44 50.08
C LYS C 293 6.65 14.05 48.79
N ILE C 294 7.64 13.35 48.21
CA ILE C 294 8.24 13.80 46.96
C ILE C 294 7.13 13.95 45.93
N LEU C 295 6.28 12.92 45.82
CA LEU C 295 5.19 12.90 44.86
C LEU C 295 4.30 14.13 45.06
N ARG C 296 3.93 14.40 46.32
CA ARG C 296 3.08 15.53 46.64
C ARG C 296 3.72 16.82 46.14
N LEU C 297 5.02 16.98 46.40
CA LEU C 297 5.72 18.22 46.05
C LEU C 297 5.74 18.37 44.54
N LYS C 298 5.92 17.25 43.83
CA LYS C 298 5.92 17.24 42.37
C LYS C 298 4.56 17.70 41.84
N GLN C 299 3.47 17.19 42.45
CA GLN C 299 2.12 17.56 42.07
C GLN C 299 1.95 19.07 42.15
N GLN C 300 2.33 19.64 43.30
CA GLN C 300 2.21 21.07 43.53
C GLN C 300 3.03 21.84 42.50
N TYR C 301 4.29 21.46 42.32
CA TYR C 301 5.19 22.19 41.44
C TYR C 301 4.65 22.12 40.02
N THR C 302 4.19 20.93 39.61
CA THR C 302 3.66 20.73 38.27
C THR C 302 2.51 21.71 38.02
N LEU C 303 1.56 21.76 38.97
CA LEU C 303 0.42 22.65 38.87
C LEU C 303 0.90 24.09 38.68
N CYS C 304 1.76 24.54 39.60
CA CYS C 304 2.21 25.93 39.63
C CYS C 304 2.95 26.28 38.33
N SER C 305 3.92 25.43 37.96
CA SER C 305 4.83 25.75 36.87
C SER C 305 4.11 25.75 35.53
N ALA C 306 3.37 24.67 35.26
CA ALA C 306 2.61 24.54 34.03
C ALA C 306 1.62 25.69 33.87
N SER C 307 0.88 25.96 34.95
CA SER C 307 -0.11 27.03 34.96
C SER C 307 0.55 28.36 34.63
N LEU C 308 1.63 28.70 35.35
CA LEU C 308 2.28 30.00 35.23
C LEU C 308 2.85 30.17 33.83
N GLN C 309 3.53 29.14 33.33
CA GLN C 309 4.09 29.16 31.99
C GLN C 309 3.02 29.51 30.96
N ASP C 310 1.86 28.86 31.10
CA ASP C 310 0.74 29.06 30.20
C ASP C 310 0.20 30.49 30.34
N ILE C 311 0.14 30.99 31.60
CA ILE C 311 -0.34 32.33 31.88
C ILE C 311 0.58 33.33 31.19
N ILE C 312 1.89 33.15 31.42
CA ILE C 312 2.91 34.06 30.95
C ILE C 312 2.94 34.05 29.43
N SER C 313 2.85 32.86 28.84
CA SER C 313 2.74 32.73 27.40
C SER C 313 1.60 33.61 26.86
N ARG C 314 0.44 33.53 27.52
CA ARG C 314 -0.73 34.27 27.07
C ARG C 314 -0.50 35.76 27.25
N PHE C 315 0.21 36.15 28.33
CA PHE C 315 0.55 37.53 28.57
C PHE C 315 1.47 38.04 27.46
N GLU C 316 2.45 37.23 27.06
CA GLU C 316 3.40 37.62 26.03
C GLU C 316 2.66 37.82 24.71
N ARG C 317 1.88 36.81 24.31
CA ARG C 317 0.86 37.00 23.28
C ARG C 317 -0.05 38.10 23.83
N ARG C 318 -0.91 38.67 23.00
CA ARG C 318 -1.78 39.77 23.43
C ARG C 318 -0.96 41.04 23.64
N SER C 319 0.30 40.94 24.07
CA SER C 319 1.16 42.11 24.21
C SER C 319 1.63 42.61 22.84
N GLY C 320 1.70 41.72 21.85
CA GLY C 320 2.22 42.08 20.53
C GLY C 320 3.71 42.43 20.61
N ASP C 321 4.09 43.56 19.99
CA ASP C 321 5.48 43.94 19.86
C ASP C 321 6.03 44.42 21.21
N ARG C 322 5.42 45.47 21.77
CA ARG C 322 5.79 46.00 23.07
C ARG C 322 5.40 45.00 24.15
N ILE C 323 6.34 44.67 25.04
CA ILE C 323 6.09 43.69 26.09
C ILE C 323 6.59 44.28 27.41
N LYS C 324 5.69 44.98 28.11
CA LYS C 324 6.04 45.75 29.29
C LYS C 324 5.70 44.93 30.54
N TRP C 325 6.73 44.35 31.17
CA TRP C 325 6.55 43.40 32.25
C TRP C 325 5.92 44.04 33.48
N GLU C 326 6.02 45.37 33.60
CA GLU C 326 5.49 46.07 34.75
C GLU C 326 3.96 46.09 34.69
N GLU C 327 3.39 45.78 33.50
CA GLU C 327 1.95 45.67 33.35
C GLU C 327 1.43 44.26 33.65
N PHE C 328 2.33 43.36 34.07
CA PHE C 328 1.94 41.97 34.28
C PHE C 328 0.81 41.91 35.31
N PRO C 329 0.95 42.51 36.52
CA PRO C 329 -0.10 42.44 37.52
C PRO C 329 -1.39 43.20 37.15
N GLU C 330 -1.27 44.13 36.20
CA GLU C 330 -2.42 44.85 35.68
C GLU C 330 -3.17 43.99 34.66
N LYS C 331 -2.59 42.83 34.29
CA LYS C 331 -3.18 41.95 33.30
C LYS C 331 -3.46 40.56 33.88
N VAL C 332 -2.83 40.22 35.01
CA VAL C 332 -2.87 38.86 35.53
C VAL C 332 -3.10 38.89 37.04
N ALA C 333 -4.06 38.06 37.49
CA ALA C 333 -4.23 37.75 38.90
C ALA C 333 -4.13 36.24 39.08
N VAL C 334 -3.47 35.81 40.15
CA VAL C 334 -3.32 34.40 40.47
C VAL C 334 -3.79 34.18 41.91
N GLN C 335 -4.89 33.44 42.07
CA GLN C 335 -5.42 33.12 43.37
C GLN C 335 -4.93 31.73 43.78
N MET C 336 -4.38 31.63 44.99
CA MET C 336 -3.90 30.36 45.51
C MET C 336 -4.94 29.80 46.48
N ASN C 337 -5.66 28.76 46.04
CA ASN C 337 -6.64 28.10 46.88
C ASN C 337 -5.90 27.20 47.87
N ASP C 338 -5.66 27.73 49.07
CA ASP C 338 -4.91 27.07 50.13
C ASP C 338 -3.43 27.16 49.82
N THR C 339 -2.60 26.42 50.58
CA THR C 339 -1.15 26.55 50.51
C THR C 339 -0.57 25.64 49.42
N HIS C 340 -1.43 24.91 48.71
CA HIS C 340 -0.97 23.94 47.72
C HIS C 340 -0.25 24.67 46.57
N PRO C 341 -0.82 25.76 46.00
CA PRO C 341 -0.14 26.51 44.93
C PRO C 341 0.91 27.51 45.39
N THR C 342 1.51 27.27 46.57
CA THR C 342 2.47 28.18 47.17
C THR C 342 3.68 28.41 46.24
N LEU C 343 4.10 27.36 45.54
CA LEU C 343 5.30 27.43 44.72
C LEU C 343 5.14 28.43 43.58
N CYS C 344 3.92 28.95 43.36
CA CYS C 344 3.69 29.99 42.37
C CYS C 344 4.61 31.20 42.61
N ILE C 345 4.82 31.53 43.89
CA ILE C 345 5.62 32.69 44.27
C ILE C 345 7.06 32.48 43.82
N PRO C 346 7.81 31.47 44.35
CA PRO C 346 9.17 31.20 43.90
C PRO C 346 9.30 31.01 42.39
N GLU C 347 8.33 30.32 41.79
CA GLU C 347 8.38 29.97 40.38
C GLU C 347 8.28 31.23 39.52
N LEU C 348 7.32 32.10 39.86
CA LEU C 348 7.11 33.31 39.09
C LEU C 348 8.35 34.21 39.20
N MET C 349 9.01 34.20 40.36
CA MET C 349 10.28 34.89 40.53
C MET C 349 11.29 34.26 39.58
N ARG C 350 11.44 32.93 39.68
CA ARG C 350 12.41 32.20 38.86
C ARG C 350 12.26 32.56 37.40
N ILE C 351 11.01 32.62 36.91
CA ILE C 351 10.73 32.87 35.50
C ILE C 351 11.14 34.30 35.13
N LEU C 352 10.74 35.27 35.97
CA LEU C 352 10.95 36.66 35.66
C LEU C 352 12.44 37.01 35.72
N ILE C 353 13.17 36.42 36.68
CA ILE C 353 14.61 36.65 36.79
C ILE C 353 15.35 35.87 35.70
N ASP C 354 15.29 34.54 35.78
CA ASP C 354 16.18 33.67 35.03
C ASP C 354 15.83 33.68 33.54
N LEU C 355 14.52 33.75 33.23
CA LEU C 355 14.05 33.57 31.87
C LEU C 355 13.82 34.93 31.20
N LYS C 356 13.24 35.89 31.94
CA LYS C 356 12.84 37.16 31.36
C LYS C 356 13.89 38.24 31.62
N GLY C 357 14.81 37.99 32.55
CA GLY C 357 16.00 38.82 32.73
C GLY C 357 15.74 40.03 33.62
N LEU C 358 14.58 40.07 34.30
CA LEU C 358 14.25 41.20 35.16
C LEU C 358 15.11 41.15 36.41
N ASN C 359 15.16 42.28 37.13
CA ASN C 359 15.94 42.39 38.36
C ASN C 359 15.05 42.05 39.55
N TRP C 360 15.69 41.68 40.67
CA TRP C 360 15.00 41.15 41.83
C TRP C 360 13.77 41.98 42.20
N ASN C 361 13.96 43.31 42.30
CA ASN C 361 12.92 44.18 42.83
C ASN C 361 11.73 44.22 41.88
N GLU C 362 11.99 44.35 40.57
CA GLU C 362 10.93 44.36 39.57
C GLU C 362 10.10 43.08 39.69
N ALA C 363 10.80 41.95 39.76
CA ALA C 363 10.15 40.64 39.79
C ALA C 363 9.32 40.48 41.06
N TRP C 364 9.89 40.90 42.19
CA TRP C 364 9.25 40.78 43.49
C TRP C 364 8.00 41.66 43.56
N ASN C 365 8.10 42.87 42.98
CA ASN C 365 6.97 43.76 42.86
C ASN C 365 5.85 43.06 42.08
N ILE C 366 6.17 42.61 40.87
CA ILE C 366 5.21 41.98 39.97
C ILE C 366 4.59 40.77 40.67
N THR C 367 5.42 39.93 41.30
CA THR C 367 4.96 38.73 41.97
C THR C 367 3.88 39.06 42.99
N GLN C 368 4.20 39.96 43.92
CA GLN C 368 3.30 40.29 45.02
C GLN C 368 1.98 40.84 44.49
N ARG C 369 2.06 41.67 43.45
CA ARG C 369 0.90 42.33 42.89
C ARG C 369 0.06 41.35 42.08
N THR C 370 0.60 40.16 41.78
CA THR C 370 -0.10 39.15 41.01
C THR C 370 -0.77 38.14 41.94
N VAL C 371 -0.03 37.67 42.95
CA VAL C 371 -0.45 36.54 43.76
C VAL C 371 -1.35 36.99 44.91
N ALA C 372 -2.27 36.11 45.31
CA ALA C 372 -3.05 36.26 46.54
C ALA C 372 -3.35 34.90 47.13
N TYR C 373 -3.70 34.87 48.42
CA TYR C 373 -3.84 33.64 49.19
C TYR C 373 -5.24 33.58 49.81
N THR C 374 -5.77 32.35 49.93
CA THR C 374 -7.00 32.07 50.64
C THR C 374 -6.70 30.99 51.69
N ASN C 375 -7.07 31.25 52.96
CA ASN C 375 -6.86 30.31 54.05
C ASN C 375 -8.20 29.65 54.40
N HIS C 376 -8.18 28.33 54.71
CA HIS C 376 -9.39 27.59 55.04
C HIS C 376 -9.25 26.86 56.39
N THR C 377 -8.22 27.19 57.18
CA THR C 377 -7.90 26.43 58.38
C THR C 377 -8.07 27.29 59.62
N VAL C 378 -8.48 26.67 60.73
CA VAL C 378 -8.70 27.38 61.99
C VAL C 378 -7.41 27.34 62.81
N LEU C 379 -6.85 26.14 63.01
CA LEU C 379 -5.69 25.96 63.86
C LEU C 379 -4.41 26.25 63.08
N PRO C 380 -3.34 26.76 63.74
CA PRO C 380 -2.05 26.97 63.09
C PRO C 380 -1.33 25.70 62.61
N GLU C 381 -1.38 24.63 63.42
CA GLU C 381 -0.60 23.43 63.13
C GLU C 381 -1.21 22.60 62.00
N ALA C 382 -2.12 23.19 61.22
CA ALA C 382 -2.67 22.53 60.03
C ALA C 382 -1.97 23.03 58.77
N LEU C 383 -1.05 23.98 58.93
CA LEU C 383 -0.46 24.69 57.81
C LEU C 383 0.75 23.92 57.30
N GLU C 384 0.94 23.94 55.99
CA GLU C 384 1.94 23.14 55.31
C GLU C 384 3.36 23.56 55.69
N LYS C 385 4.18 22.55 55.99
CA LYS C 385 5.62 22.72 56.09
C LYS C 385 6.28 21.58 55.31
N TRP C 386 7.48 21.87 54.78
CA TRP C 386 8.26 20.89 54.04
C TRP C 386 9.64 20.76 54.66
N SER C 387 10.22 19.56 54.54
CA SER C 387 11.63 19.36 54.83
C SER C 387 12.46 20.25 53.92
N TYR C 388 13.46 20.94 54.51
CA TYR C 388 14.32 21.83 53.76
C TYR C 388 15.18 21.02 52.80
N GLU C 389 15.79 19.94 53.33
CA GLU C 389 16.68 19.09 52.57
C GLU C 389 15.94 18.53 51.36
N LEU C 390 14.69 18.09 51.60
CA LEU C 390 13.87 17.47 50.56
C LEU C 390 13.55 18.50 49.46
N MET C 391 13.04 19.68 49.83
CA MET C 391 12.66 20.66 48.84
C MET C 391 13.90 21.16 48.09
N GLN C 392 15.03 21.29 48.81
CA GLN C 392 16.25 21.83 48.26
C GLN C 392 16.85 20.84 47.26
N LYS C 393 16.65 19.54 47.51
CA LYS C 393 17.07 18.51 46.57
C LYS C 393 16.21 18.53 45.31
N LEU C 394 14.90 18.78 45.47
CA LEU C 394 13.95 18.65 44.37
C LEU C 394 13.86 19.94 43.57
N LEU C 395 13.86 21.09 44.25
CA LEU C 395 13.69 22.38 43.60
C LEU C 395 14.79 23.34 44.05
N PRO C 396 16.08 23.05 43.71
CA PRO C 396 17.21 23.80 44.27
C PRO C 396 17.12 25.29 44.01
N ARG C 397 16.75 25.66 42.78
CA ARG C 397 16.65 27.05 42.37
C ARG C 397 15.55 27.76 43.14
N HIS C 398 14.48 27.01 43.47
CA HIS C 398 13.38 27.57 44.23
C HIS C 398 13.82 27.86 45.66
N VAL C 399 14.52 26.91 46.29
CA VAL C 399 14.96 27.07 47.67
C VAL C 399 15.88 28.28 47.79
N GLU C 400 16.72 28.51 46.77
CA GLU C 400 17.54 29.72 46.70
C GLU C 400 16.66 30.96 46.83
N ILE C 401 15.60 31.03 46.00
CA ILE C 401 14.74 32.20 45.94
C ILE C 401 13.96 32.35 47.25
N ILE C 402 13.63 31.22 47.91
CA ILE C 402 12.92 31.25 49.18
C ILE C 402 13.83 31.85 50.25
N GLU C 403 15.10 31.41 50.27
CA GLU C 403 16.08 31.88 51.23
C GLU C 403 16.27 33.39 51.07
N ALA C 404 16.36 33.85 49.83
CA ALA C 404 16.48 35.28 49.52
C ALA C 404 15.31 36.05 50.11
N ILE C 405 14.09 35.60 49.79
CA ILE C 405 12.84 36.24 50.23
C ILE C 405 12.81 36.30 51.75
N ASP C 406 13.33 35.26 52.40
CA ASP C 406 13.33 35.18 53.85
C ASP C 406 14.30 36.19 54.46
N GLU C 407 15.48 36.35 53.83
CA GLU C 407 16.47 37.29 54.32
C GLU C 407 15.94 38.71 54.18
N GLU C 408 15.31 39.02 53.04
CA GLU C 408 14.67 40.31 52.83
C GLU C 408 13.66 40.62 53.93
N LEU C 409 12.94 39.58 54.38
CA LEU C 409 11.98 39.71 55.47
C LEU C 409 12.72 40.01 56.77
N VAL C 410 13.83 39.31 57.02
CA VAL C 410 14.62 39.48 58.23
C VAL C 410 15.14 40.91 58.33
N HIS C 411 15.47 41.53 57.20
CA HIS C 411 15.99 42.88 57.17
C HIS C 411 14.86 43.90 57.33
N GLU C 412 13.65 43.56 56.85
CA GLU C 412 12.49 44.43 56.96
C GLU C 412 11.99 44.47 58.40
N ILE C 413 12.06 43.32 59.09
CA ILE C 413 11.71 43.23 60.51
C ILE C 413 12.67 44.08 61.35
N VAL C 414 13.97 43.91 61.10
CA VAL C 414 15.01 44.60 61.86
C VAL C 414 14.85 46.11 61.67
N LEU C 415 14.60 46.53 60.42
CA LEU C 415 14.40 47.95 60.12
C LEU C 415 13.22 48.47 60.95
N LYS C 416 12.04 47.87 60.74
CA LYS C 416 10.86 48.20 61.52
C LYS C 416 11.15 47.61 62.89
N TYR C 417 10.50 48.14 63.93
CA TYR C 417 10.65 47.61 65.28
C TYR C 417 11.94 48.14 65.91
N GLY C 418 12.99 48.38 65.09
CA GLY C 418 14.28 48.79 65.60
C GLY C 418 14.99 47.65 66.32
N SER C 419 16.09 47.98 67.00
CA SER C 419 16.81 47.05 67.85
C SER C 419 16.95 47.65 69.24
N MET C 420 15.81 47.87 69.91
CA MET C 420 15.81 48.42 71.26
C MET C 420 15.61 47.31 72.29
N ASP C 421 14.69 46.37 72.02
CA ASP C 421 14.18 45.47 73.05
C ASP C 421 14.97 44.16 73.03
N LEU C 422 15.17 43.59 71.84
CA LEU C 422 16.15 42.53 71.59
C LEU C 422 15.77 41.20 72.24
N ASN C 423 15.35 41.20 73.51
CA ASN C 423 14.81 39.99 74.14
C ASN C 423 13.55 39.55 73.38
N LYS C 424 12.80 40.54 72.88
CA LYS C 424 11.78 40.34 71.86
C LYS C 424 12.44 40.10 70.51
N LEU C 425 11.85 40.60 69.42
CA LEU C 425 12.48 40.61 68.12
C LEU C 425 12.60 39.17 67.64
N GLU C 426 13.34 38.27 68.31
CA GLU C 426 13.44 36.92 67.81
C GLU C 426 12.33 36.04 68.38
N GLU C 427 11.32 36.59 69.04
CA GLU C 427 10.02 35.90 69.12
C GLU C 427 9.24 36.22 67.84
N LYS C 428 9.36 37.46 67.37
CA LYS C 428 8.68 37.89 66.14
C LYS C 428 9.35 37.30 64.91
N LEU C 429 10.63 36.91 65.02
CA LEU C 429 11.31 36.23 63.94
C LEU C 429 10.93 34.75 63.98
N THR C 430 10.85 34.16 65.17
CA THR C 430 10.56 32.74 65.30
C THR C 430 9.20 32.42 64.68
N THR C 431 8.25 33.35 64.76
CA THR C 431 6.88 33.09 64.30
C THR C 431 6.72 33.45 62.82
N MET C 432 7.48 34.44 62.33
CA MET C 432 7.23 35.03 61.02
C MET C 432 8.19 34.52 59.93
N ARG C 433 9.34 33.95 60.33
CA ARG C 433 10.35 33.56 59.35
C ARG C 433 9.80 32.40 58.52
N ILE C 434 10.22 32.35 57.26
CA ILE C 434 9.77 31.34 56.31
C ILE C 434 10.57 30.06 56.52
N LEU C 435 11.84 30.18 56.96
CA LEU C 435 12.64 29.02 57.31
C LEU C 435 12.54 28.79 58.81
N GLU C 436 12.43 27.51 59.21
CA GLU C 436 12.27 27.13 60.60
C GLU C 436 13.51 26.34 61.01
N ASN C 437 14.13 26.75 62.14
CA ASN C 437 15.37 26.19 62.63
C ASN C 437 16.52 26.61 61.73
N PHE C 438 16.62 27.92 61.47
CA PHE C 438 17.66 28.49 60.63
C PHE C 438 18.31 29.66 61.34
N ASP C 439 19.59 29.88 61.01
CA ASP C 439 20.36 30.99 61.53
C ASP C 439 20.10 32.21 60.66
N LEU C 440 20.25 33.41 61.25
CA LEU C 440 20.01 34.68 60.57
C LEU C 440 21.30 35.12 59.91
N PRO C 441 21.29 36.10 58.98
CA PRO C 441 22.51 36.50 58.26
C PRO C 441 23.62 37.11 59.11
N SER C 442 23.37 38.31 59.65
CA SER C 442 24.28 38.94 60.60
C SER C 442 23.45 39.54 61.74
N SER C 443 23.16 38.69 62.74
CA SER C 443 22.26 39.03 63.83
C SER C 443 22.97 39.95 64.82
N VAL C 444 22.25 41.01 65.25
CA VAL C 444 22.77 41.96 66.19
C VAL C 444 22.90 41.30 67.56
N ALA C 445 21.94 40.45 67.92
CA ALA C 445 22.06 39.56 69.07
C ALA C 445 23.45 38.95 69.13
N GLU C 446 24.40 39.71 69.70
CA GLU C 446 25.79 39.27 69.87
C GLU C 446 26.56 40.35 70.63
N ILE C 511 19.45 18.88 67.11
CA ILE C 511 18.71 17.79 66.43
C ILE C 511 17.37 18.24 65.82
N PRO C 512 16.90 19.51 65.94
CA PRO C 512 15.59 19.88 65.40
C PRO C 512 15.58 20.05 63.89
N PRO C 513 14.58 19.49 63.17
CA PRO C 513 14.59 19.45 61.69
C PRO C 513 14.36 20.81 61.04
N LYS C 514 14.99 21.03 59.88
CA LYS C 514 14.91 22.31 59.18
C LYS C 514 13.74 22.25 58.19
N LYS C 515 12.88 23.28 58.19
CA LYS C 515 11.62 23.23 57.48
C LYS C 515 11.33 24.55 56.76
N VAL C 516 10.46 24.45 55.73
CA VAL C 516 9.98 25.60 54.98
C VAL C 516 8.48 25.76 55.24
N ARG C 517 8.10 26.95 55.71
CA ARG C 517 6.73 27.22 56.12
C ARG C 517 6.00 27.89 54.97
N MET C 518 5.06 27.16 54.35
CA MET C 518 4.49 27.56 53.07
C MET C 518 3.45 28.67 53.28
N ALA C 519 2.75 28.62 54.41
CA ALA C 519 1.72 29.61 54.72
C ALA C 519 2.37 30.98 54.89
N ASN C 520 3.51 31.00 55.61
CA ASN C 520 4.30 32.21 55.81
C ASN C 520 4.72 32.78 54.46
N LEU C 521 5.23 31.92 53.57
CA LEU C 521 5.62 32.32 52.24
C LEU C 521 4.44 32.99 51.53
N CYS C 522 3.22 32.47 51.71
CA CYS C 522 2.04 32.99 51.05
C CYS C 522 1.70 34.41 51.53
N VAL C 523 1.86 34.65 52.83
CA VAL C 523 1.49 35.94 53.42
C VAL C 523 2.56 36.98 53.10
N VAL C 524 3.73 36.53 52.62
CA VAL C 524 4.82 37.43 52.25
C VAL C 524 4.72 37.75 50.76
N GLY C 525 4.51 36.73 49.93
CA GLY C 525 4.61 36.86 48.48
C GLY C 525 3.33 37.39 47.84
N GLY C 526 2.23 37.47 48.59
CA GLY C 526 0.95 37.86 48.03
C GLY C 526 0.54 39.24 48.51
N HIS C 527 -0.30 39.92 47.72
CA HIS C 527 -0.83 41.23 48.09
C HIS C 527 -2.12 41.11 48.89
N ALA C 528 -2.64 39.89 49.08
CA ALA C 528 -3.91 39.71 49.77
C ALA C 528 -3.97 38.35 50.46
N VAL C 529 -4.60 38.33 51.64
CA VAL C 529 -4.84 37.12 52.41
C VAL C 529 -6.29 37.16 52.90
N ASN C 530 -7.07 36.12 52.62
CA ASN C 530 -8.48 36.15 53.00
C ASN C 530 -8.87 34.83 53.67
N GLY C 531 -9.78 34.95 54.65
CA GLY C 531 -10.51 33.83 55.19
C GLY C 531 -11.85 33.66 54.47
N VAL C 532 -12.62 32.66 54.89
CA VAL C 532 -13.77 32.19 54.16
C VAL C 532 -15.07 32.41 54.96
N ALA C 533 -14.95 33.04 56.14
CA ALA C 533 -16.09 33.40 56.95
C ALA C 533 -15.67 34.48 57.95
N GLU C 534 -16.62 35.30 58.39
CA GLU C 534 -16.29 36.51 59.13
C GLU C 534 -15.52 36.18 60.40
N ILE C 535 -15.99 35.19 61.17
CA ILE C 535 -15.33 34.77 62.39
C ILE C 535 -13.94 34.25 62.04
N HIS C 536 -13.88 33.39 61.00
CA HIS C 536 -12.65 32.76 60.57
C HIS C 536 -11.62 33.81 60.16
N SER C 537 -12.05 34.80 59.35
CA SER C 537 -11.15 35.84 58.88
C SER C 537 -10.56 36.64 60.04
N GLU C 538 -11.36 36.85 61.09
CA GLU C 538 -10.89 37.50 62.29
C GLU C 538 -9.83 36.64 62.97
N ILE C 539 -10.07 35.31 63.01
CA ILE C 539 -9.15 34.38 63.63
C ILE C 539 -7.81 34.39 62.88
N VAL C 540 -7.83 34.70 61.57
CA VAL C 540 -6.58 34.72 60.81
C VAL C 540 -5.74 35.90 61.31
N LYS C 541 -6.38 37.06 61.47
CA LYS C 541 -5.69 38.30 61.79
C LYS C 541 -5.22 38.31 63.24
N GLU C 542 -5.93 37.58 64.12
CA GLU C 542 -5.76 37.71 65.56
C GLU C 542 -4.89 36.58 66.11
N GLU C 543 -5.09 35.34 65.63
CA GLU C 543 -4.51 34.19 66.29
C GLU C 543 -3.39 33.56 65.46
N VAL C 544 -3.62 33.36 64.16
CA VAL C 544 -2.70 32.55 63.35
C VAL C 544 -1.62 33.44 62.73
N PHE C 545 -2.00 34.59 62.16
CA PHE C 545 -1.07 35.46 61.46
C PHE C 545 -1.07 36.84 62.12
N ASN C 546 -0.99 36.85 63.46
CA ASN C 546 -1.12 38.06 64.24
C ASN C 546 -0.04 39.07 63.82
N ASP C 547 1.21 38.61 63.81
CA ASP C 547 2.38 39.45 63.60
C ASP C 547 2.33 40.07 62.20
N PHE C 548 2.01 39.25 61.20
CA PHE C 548 1.93 39.72 59.82
C PHE C 548 0.82 40.75 59.70
N TYR C 549 -0.27 40.54 60.45
CA TYR C 549 -1.40 41.46 60.45
C TYR C 549 -0.92 42.83 60.96
N GLU C 550 -0.05 42.80 61.97
CA GLU C 550 0.53 44.00 62.54
C GLU C 550 1.33 44.75 61.46
N LEU C 551 2.17 44.00 60.72
CA LEU C 551 3.03 44.57 59.69
C LEU C 551 2.19 45.15 58.56
N TRP C 552 1.30 44.32 58.01
CA TRP C 552 0.60 44.62 56.77
C TRP C 552 -0.90 44.43 56.96
N PRO C 553 -1.59 45.28 57.75
CA PRO C 553 -3.04 45.14 57.95
C PRO C 553 -3.82 45.10 56.64
N GLU C 554 -3.39 45.95 55.70
CA GLU C 554 -4.06 46.17 54.43
C GLU C 554 -4.26 44.87 53.63
N LYS C 555 -3.41 43.86 53.87
CA LYS C 555 -3.47 42.61 53.14
C LYS C 555 -4.76 41.84 53.46
N PHE C 556 -5.14 41.83 54.74
CA PHE C 556 -6.10 40.86 55.25
C PHE C 556 -7.52 41.25 54.86
N GLN C 557 -8.29 40.23 54.46
CA GLN C 557 -9.67 40.39 54.02
C GLN C 557 -10.51 39.22 54.51
N ASN C 558 -11.82 39.30 54.22
CA ASN C 558 -12.72 38.16 54.32
C ASN C 558 -13.41 38.01 52.97
N LYS C 559 -13.69 36.75 52.60
CA LYS C 559 -14.61 36.46 51.51
C LYS C 559 -15.45 35.24 51.92
N THR C 560 -16.61 35.52 52.52
CA THR C 560 -17.49 34.46 53.01
C THR C 560 -17.87 33.58 51.82
N ASN C 561 -17.87 32.27 52.05
CA ASN C 561 -18.01 31.28 50.98
C ASN C 561 -19.42 31.32 50.40
N GLY C 562 -19.57 30.68 49.24
CA GLY C 562 -20.85 30.60 48.57
C GLY C 562 -20.96 29.32 47.75
N VAL C 563 -22.20 29.01 47.33
CA VAL C 563 -22.50 27.88 46.47
C VAL C 563 -23.40 28.40 45.36
N THR C 564 -23.27 27.83 44.16
CA THR C 564 -23.97 28.36 43.00
C THR C 564 -25.44 27.96 43.07
N PRO C 565 -26.38 28.92 42.88
CA PRO C 565 -27.80 28.61 42.86
C PRO C 565 -28.26 27.90 41.60
N ARG C 566 -27.42 27.89 40.56
CA ARG C 566 -27.70 27.13 39.35
C ARG C 566 -27.69 25.64 39.70
N ARG C 567 -26.52 25.13 40.10
CA ARG C 567 -26.38 23.72 40.38
C ARG C 567 -27.23 23.32 41.58
N TRP C 568 -27.27 24.17 42.61
CA TRP C 568 -27.71 23.74 43.93
C TRP C 568 -29.14 24.18 44.25
N ILE C 569 -29.81 24.87 43.32
CA ILE C 569 -31.25 25.03 43.41
C ILE C 569 -31.86 24.69 42.05
N ARG C 570 -31.50 25.50 41.05
CA ARG C 570 -32.21 25.51 39.78
C ARG C 570 -32.26 24.12 39.15
N PHE C 571 -31.14 23.39 39.20
CA PHE C 571 -31.02 22.15 38.45
C PHE C 571 -31.22 20.94 39.36
N CYS C 572 -30.69 20.97 40.59
CA CYS C 572 -30.81 19.84 41.49
C CYS C 572 -32.22 19.73 42.06
N ASN C 573 -32.99 20.83 41.98
CA ASN C 573 -34.33 20.86 42.56
C ASN C 573 -35.29 21.60 41.62
N PRO C 574 -35.74 20.95 40.53
CA PRO C 574 -36.78 21.51 39.67
C PRO C 574 -38.13 21.79 40.35
N PRO C 575 -38.67 20.88 41.21
CA PRO C 575 -39.93 21.13 41.90
C PRO C 575 -39.96 22.45 42.65
N LEU C 576 -38.88 22.72 43.40
CA LEU C 576 -38.80 23.93 44.20
C LEU C 576 -38.61 25.13 43.27
N SER C 577 -37.76 24.98 42.27
CA SER C 577 -37.46 26.06 41.33
C SER C 577 -38.77 26.61 40.75
N ALA C 578 -39.69 25.70 40.40
CA ALA C 578 -40.98 26.06 39.83
C ALA C 578 -41.77 26.91 40.82
N ILE C 579 -41.73 26.52 42.10
CA ILE C 579 -42.41 27.27 43.15
C ILE C 579 -41.83 28.68 43.24
N ILE C 580 -40.49 28.80 43.34
CA ILE C 580 -39.85 30.09 43.48
C ILE C 580 -40.23 30.99 42.30
N THR C 581 -40.20 30.44 41.08
CA THR C 581 -40.48 31.22 39.89
C THR C 581 -41.92 31.73 39.96
N LYS C 582 -42.84 30.88 40.41
CA LYS C 582 -44.24 31.25 40.55
C LYS C 582 -44.38 32.45 41.48
N TRP C 583 -43.89 32.29 42.71
CA TRP C 583 -44.22 33.20 43.80
C TRP C 583 -43.36 34.46 43.80
N THR C 584 -42.21 34.44 43.10
CA THR C 584 -41.44 35.66 42.90
C THR C 584 -41.81 36.30 41.55
N GLY C 585 -42.68 35.61 40.79
CA GLY C 585 -43.28 36.20 39.60
C GLY C 585 -42.35 36.19 38.39
N THR C 586 -41.13 35.68 38.56
CA THR C 586 -40.13 35.67 37.52
C THR C 586 -39.13 34.55 37.79
N GLU C 587 -38.29 34.26 36.79
CA GLU C 587 -37.22 33.29 36.94
C GLU C 587 -35.89 34.01 37.19
N ASP C 588 -35.92 35.35 37.23
CA ASP C 588 -34.73 36.16 37.39
C ASP C 588 -33.89 35.77 38.62
N TRP C 589 -34.52 35.09 39.59
CA TRP C 589 -33.89 34.80 40.86
C TRP C 589 -32.64 33.93 40.72
N VAL C 590 -32.57 33.11 39.67
CA VAL C 590 -31.41 32.27 39.44
C VAL C 590 -30.17 33.17 39.33
N LEU C 591 -30.36 34.36 38.75
CA LEU C 591 -29.32 35.38 38.70
C LEU C 591 -29.42 36.30 39.92
N LYS C 592 -30.58 36.94 40.07
CA LYS C 592 -30.79 37.95 41.11
C LYS C 592 -31.35 37.25 42.35
N THR C 593 -30.47 36.53 43.06
CA THR C 593 -30.88 35.53 44.04
C THR C 593 -31.42 36.20 45.31
N GLU C 594 -31.22 37.51 45.47
CA GLU C 594 -31.77 38.22 46.61
C GLU C 594 -33.30 38.15 46.58
N LYS C 595 -33.88 37.95 45.39
CA LYS C 595 -35.33 37.85 45.23
C LYS C 595 -35.91 36.65 45.97
N LEU C 596 -35.07 35.77 46.53
CA LEU C 596 -35.56 34.69 47.38
C LEU C 596 -36.16 35.26 48.65
N ALA C 597 -35.65 36.42 49.09
CA ALA C 597 -36.14 37.07 50.30
C ALA C 597 -37.62 37.42 50.20
N GLU C 598 -38.12 37.56 48.96
CA GLU C 598 -39.51 37.90 48.71
C GLU C 598 -40.46 36.77 49.16
N LEU C 599 -39.93 35.56 49.38
CA LEU C 599 -40.70 34.45 49.90
C LEU C 599 -41.11 34.67 51.35
N GLN C 600 -40.38 35.53 52.09
CA GLN C 600 -40.65 35.77 53.49
C GLN C 600 -42.12 36.07 53.72
N LYS C 601 -42.68 36.99 52.91
CA LYS C 601 -44.01 37.51 53.12
C LYS C 601 -45.08 36.44 52.92
N PHE C 602 -44.74 35.35 52.23
CA PHE C 602 -45.70 34.28 51.96
C PHE C 602 -45.42 33.06 52.84
N ALA C 603 -44.53 33.15 53.84
CA ALA C 603 -44.06 32.00 54.58
C ALA C 603 -45.20 31.29 55.33
N ASP C 604 -46.27 32.02 55.64
CA ASP C 604 -47.39 31.50 56.40
C ASP C 604 -48.57 31.16 55.49
N ASN C 605 -48.44 31.45 54.20
CA ASN C 605 -49.49 31.20 53.22
C ASN C 605 -49.69 29.69 53.08
N GLU C 606 -50.96 29.25 53.13
CA GLU C 606 -51.29 27.83 53.19
C GLU C 606 -51.14 27.19 51.82
N ASP C 607 -51.37 27.98 50.75
CA ASP C 607 -51.22 27.48 49.39
C ASP C 607 -49.74 27.17 49.12
N LEU C 608 -48.88 28.16 49.39
CA LEU C 608 -47.43 28.00 49.22
C LEU C 608 -46.93 26.85 50.09
N GLN C 609 -47.43 26.76 51.34
CA GLN C 609 -47.03 25.70 52.24
C GLN C 609 -47.31 24.33 51.61
N ASN C 610 -48.49 24.19 50.99
CA ASN C 610 -48.89 22.91 50.42
C ASN C 610 -47.99 22.56 49.24
N GLU C 611 -47.79 23.53 48.33
CA GLU C 611 -46.91 23.36 47.19
C GLU C 611 -45.52 22.96 47.66
N TRP C 612 -45.05 23.65 48.72
CA TRP C 612 -43.71 23.46 49.27
C TRP C 612 -43.56 22.04 49.81
N ARG C 613 -44.54 21.61 50.62
CA ARG C 613 -44.53 20.28 51.20
C ARG C 613 -44.59 19.23 50.09
N GLU C 614 -45.30 19.54 48.99
CA GLU C 614 -45.48 18.59 47.90
C GLU C 614 -44.16 18.42 47.16
N ALA C 615 -43.45 19.54 46.93
CA ALA C 615 -42.17 19.54 46.24
C ALA C 615 -41.14 18.73 47.03
N LYS C 616 -41.11 18.93 48.35
CA LYS C 616 -40.18 18.23 49.23
C LYS C 616 -40.48 16.73 49.20
N ARG C 617 -41.76 16.37 49.24
CA ARG C 617 -42.18 14.98 49.21
C ARG C 617 -41.77 14.35 47.89
N SER C 618 -41.97 15.10 46.80
CA SER C 618 -41.63 14.67 45.46
C SER C 618 -40.14 14.31 45.39
N ASN C 619 -39.29 15.15 45.98
CA ASN C 619 -37.86 14.97 45.96
C ASN C 619 -37.46 13.71 46.73
N LYS C 620 -38.23 13.38 47.78
CA LYS C 620 -37.91 12.25 48.63
C LYS C 620 -38.22 10.92 47.94
N ILE C 621 -39.15 10.93 46.97
CA ILE C 621 -39.48 9.72 46.22
C ILE C 621 -38.24 9.24 45.46
N LYS C 622 -37.60 10.17 44.75
CA LYS C 622 -36.41 9.87 43.97
C LYS C 622 -35.36 9.22 44.87
N VAL C 623 -35.29 9.68 46.13
CA VAL C 623 -34.31 9.19 47.09
C VAL C 623 -34.65 7.77 47.55
N VAL C 624 -35.95 7.45 47.69
CA VAL C 624 -36.35 6.14 48.23
C VAL C 624 -35.88 5.04 47.30
N SER C 625 -35.99 5.24 45.97
CA SER C 625 -35.51 4.29 44.99
C SER C 625 -33.99 4.21 45.00
N PHE C 626 -33.35 5.36 45.18
CA PHE C 626 -31.90 5.43 45.25
C PHE C 626 -31.39 4.58 46.42
N LEU C 627 -32.00 4.76 47.59
CA LEU C 627 -31.59 4.04 48.79
C LEU C 627 -31.84 2.55 48.60
N LYS C 628 -32.93 2.21 47.90
CA LYS C 628 -33.25 0.81 47.63
C LYS C 628 -32.08 0.17 46.88
N GLU C 629 -31.62 0.83 45.80
CA GLU C 629 -30.67 0.20 44.90
C GLU C 629 -29.25 0.28 45.44
N LYS C 630 -28.97 1.24 46.34
CA LYS C 630 -27.60 1.49 46.78
C LYS C 630 -27.33 0.91 48.16
N THR C 631 -28.33 0.91 49.05
CA THR C 631 -28.16 0.43 50.42
C THR C 631 -28.90 -0.90 50.61
N GLY C 632 -29.97 -1.11 49.84
CA GLY C 632 -30.73 -2.34 49.90
C GLY C 632 -31.97 -2.20 50.79
N TYR C 633 -32.11 -1.04 51.44
CA TYR C 633 -33.15 -0.80 52.43
C TYR C 633 -34.30 -0.02 51.79
N SER C 634 -35.52 -0.50 52.00
CA SER C 634 -36.73 0.21 51.60
C SER C 634 -37.14 1.13 52.75
N VAL C 635 -37.34 2.41 52.46
CA VAL C 635 -37.78 3.39 53.45
C VAL C 635 -38.99 4.14 52.92
N VAL C 636 -39.75 4.77 53.82
CA VAL C 636 -40.96 5.46 53.43
C VAL C 636 -40.66 6.96 53.30
N PRO C 637 -41.36 7.67 52.37
CA PRO C 637 -41.17 9.11 52.21
C PRO C 637 -41.72 9.90 53.41
N ASP C 638 -42.87 9.45 53.94
CA ASP C 638 -43.58 10.15 55.00
C ASP C 638 -42.86 9.98 56.33
N ALA C 639 -41.70 10.63 56.43
CA ALA C 639 -40.85 10.59 57.61
C ALA C 639 -39.80 11.69 57.47
N MET C 640 -39.21 12.10 58.59
CA MET C 640 -38.19 13.14 58.55
C MET C 640 -36.92 12.55 57.96
N PHE C 641 -36.41 13.20 56.90
CA PHE C 641 -35.12 12.86 56.33
C PHE C 641 -34.05 13.64 57.08
N ASP C 642 -33.27 12.92 57.91
CA ASP C 642 -32.31 13.48 58.83
C ASP C 642 -30.91 13.09 58.37
N ILE C 643 -30.22 14.04 57.71
CA ILE C 643 -29.05 13.71 56.90
C ILE C 643 -27.79 14.30 57.52
N GLN C 644 -26.74 13.47 57.61
CA GLN C 644 -25.40 13.94 57.92
C GLN C 644 -24.42 13.38 56.88
N VAL C 645 -24.08 14.23 55.91
CA VAL C 645 -23.21 13.85 54.80
C VAL C 645 -21.95 14.72 54.83
N LYS C 646 -20.84 14.10 55.26
CA LYS C 646 -19.55 14.77 55.24
C LYS C 646 -18.43 13.82 55.67
N ARG C 647 -17.19 14.26 55.46
CA ARG C 647 -15.98 13.50 55.75
C ARG C 647 -16.13 12.81 57.11
N ILE C 648 -15.95 11.48 57.14
CA ILE C 648 -16.00 10.74 58.39
C ILE C 648 -14.73 11.07 59.17
N HIS C 649 -14.90 11.79 60.29
CA HIS C 649 -13.81 12.11 61.19
C HIS C 649 -14.41 12.31 62.58
N GLU C 650 -13.65 11.92 63.61
CA GLU C 650 -14.08 12.06 64.99
C GLU C 650 -14.53 13.49 65.29
N TYR C 651 -13.89 14.49 64.68
CA TYR C 651 -14.15 15.89 65.00
C TYR C 651 -15.44 16.37 64.33
N LYS C 652 -15.90 15.64 63.30
CA LYS C 652 -17.17 15.92 62.67
C LYS C 652 -18.31 15.33 63.50
N ARG C 653 -17.98 14.30 64.28
CA ARG C 653 -18.87 13.73 65.28
C ARG C 653 -20.10 13.14 64.60
N GLN C 654 -19.86 12.27 63.61
CA GLN C 654 -20.87 11.32 63.19
C GLN C 654 -21.27 10.49 64.42
N LEU C 655 -20.29 10.23 65.29
CA LEU C 655 -20.46 9.37 66.45
C LEU C 655 -21.55 9.93 67.37
N LEU C 656 -21.61 11.26 67.47
CA LEU C 656 -22.62 11.92 68.29
C LEU C 656 -24.00 11.60 67.75
N ASN C 657 -24.20 11.85 66.45
CA ASN C 657 -25.48 11.65 65.78
C ASN C 657 -25.97 10.23 66.02
N ILE C 658 -25.10 9.24 65.73
CA ILE C 658 -25.46 7.83 65.80
C ILE C 658 -25.74 7.43 67.25
N PHE C 659 -25.02 8.04 68.20
CA PHE C 659 -25.28 7.80 69.61
C PHE C 659 -26.69 8.29 69.96
N GLY C 660 -27.07 9.46 69.43
CA GLY C 660 -28.42 9.97 69.58
C GLY C 660 -29.45 8.99 69.02
N ILE C 661 -29.13 8.41 67.86
CA ILE C 661 -30.02 7.48 67.19
C ILE C 661 -30.21 6.24 68.06
N VAL C 662 -29.11 5.76 68.67
CA VAL C 662 -29.13 4.53 69.44
C VAL C 662 -29.87 4.76 70.76
N TYR C 663 -29.73 5.96 71.34
CA TYR C 663 -30.47 6.29 72.55
C TYR C 663 -31.96 6.21 72.24
N ARG C 664 -32.40 6.95 71.21
CA ARG C 664 -33.78 6.96 70.80
C ARG C 664 -34.29 5.54 70.57
N TYR C 665 -33.45 4.70 69.92
CA TYR C 665 -33.81 3.31 69.63
C TYR C 665 -34.06 2.55 70.93
N LYS C 666 -33.15 2.69 71.90
CA LYS C 666 -33.23 1.97 73.16
C LYS C 666 -34.54 2.35 73.85
N LYS C 667 -34.80 3.65 73.95
CA LYS C 667 -36.01 4.17 74.58
C LYS C 667 -37.24 3.60 73.87
N MET C 668 -37.20 3.55 72.54
CA MET C 668 -38.30 2.99 71.76
C MET C 668 -38.59 1.54 72.15
N LYS C 669 -37.54 0.73 72.30
CA LYS C 669 -37.69 -0.69 72.58
C LYS C 669 -38.34 -0.92 73.94
N GLU C 670 -37.90 -0.14 74.94
CA GLU C 670 -38.40 -0.22 76.30
C GLU C 670 -39.72 0.54 76.43
N MET C 671 -40.68 0.26 75.53
CA MET C 671 -41.92 1.04 75.45
C MET C 671 -42.97 0.24 74.70
N THR C 672 -44.24 0.64 74.86
CA THR C 672 -45.34 0.05 74.13
C THR C 672 -45.48 0.72 72.76
N ALA C 673 -46.14 -0.01 71.85
CA ALA C 673 -46.32 0.42 70.48
C ALA C 673 -46.95 1.81 70.44
N ALA C 674 -48.08 1.98 71.14
CA ALA C 674 -48.84 3.22 71.12
C ALA C 674 -47.97 4.39 71.58
N GLU C 675 -47.10 4.13 72.57
CA GLU C 675 -46.29 5.19 73.13
C GLU C 675 -45.20 5.61 72.14
N ARG C 676 -44.66 4.65 71.36
CA ARG C 676 -43.61 4.94 70.39
C ARG C 676 -44.08 6.01 69.40
N LYS C 677 -45.31 5.86 68.89
CA LYS C 677 -45.86 6.75 67.88
C LYS C 677 -46.11 8.14 68.48
N THR C 678 -46.42 8.20 69.77
CA THR C 678 -46.70 9.46 70.44
C THR C 678 -45.40 10.19 70.78
N ASN C 679 -44.30 9.43 70.97
CA ASN C 679 -43.06 9.98 71.52
C ASN C 679 -42.07 10.38 70.42
N PHE C 680 -42.02 9.58 69.35
CA PHE C 680 -41.04 9.82 68.30
C PHE C 680 -41.76 9.94 66.95
N VAL C 681 -41.32 10.90 66.13
CA VAL C 681 -41.82 11.04 64.78
C VAL C 681 -41.02 10.07 63.89
N PRO C 682 -41.61 9.57 62.78
CA PRO C 682 -40.89 8.70 61.86
C PRO C 682 -39.69 9.41 61.24
N ARG C 683 -38.57 8.69 61.16
CA ARG C 683 -37.33 9.26 60.66
C ARG C 683 -36.60 8.27 59.76
N VAL C 684 -36.02 8.81 58.68
CA VAL C 684 -34.97 8.13 57.95
C VAL C 684 -33.68 8.91 58.20
N CYS C 685 -32.76 8.30 58.94
CA CYS C 685 -31.50 8.93 59.28
C CYS C 685 -30.43 8.50 58.28
N ILE C 686 -29.95 9.44 57.46
CA ILE C 686 -29.07 9.13 56.35
C ILE C 686 -27.66 9.66 56.65
N PHE C 687 -26.69 8.74 56.66
CA PHE C 687 -25.28 9.09 56.77
C PHE C 687 -24.61 8.96 55.41
N GLY C 688 -23.58 9.79 55.19
CA GLY C 688 -22.74 9.70 54.00
C GLY C 688 -21.39 10.34 54.24
N GLY C 689 -20.39 9.91 53.46
CA GLY C 689 -19.04 10.46 53.53
C GLY C 689 -17.99 9.34 53.51
N LYS C 690 -16.73 9.75 53.33
CA LYS C 690 -15.62 8.83 53.14
C LYS C 690 -14.64 8.96 54.31
N ALA C 691 -14.10 7.81 54.74
CA ALA C 691 -13.09 7.75 55.77
C ALA C 691 -11.71 7.53 55.13
N PHE C 692 -10.71 8.30 55.61
CA PHE C 692 -9.32 8.05 55.29
C PHE C 692 -9.06 6.56 55.53
N ALA C 693 -8.39 5.92 54.57
CA ALA C 693 -8.29 4.46 54.56
C ALA C 693 -7.55 3.93 55.78
N THR C 694 -6.56 4.70 56.27
CA THR C 694 -5.69 4.26 57.36
C THR C 694 -6.17 4.80 58.71
N TYR C 695 -7.29 5.53 58.73
CA TYR C 695 -7.87 6.06 59.95
C TYR C 695 -8.74 4.98 60.60
N VAL C 696 -8.17 4.28 61.57
CA VAL C 696 -8.73 3.03 62.08
C VAL C 696 -10.11 3.32 62.66
N GLN C 697 -10.23 4.44 63.37
CA GLN C 697 -11.44 4.77 64.11
C GLN C 697 -12.55 5.18 63.15
N ALA C 698 -12.23 6.10 62.23
CA ALA C 698 -13.15 6.56 61.21
C ALA C 698 -13.85 5.37 60.54
N LYS C 699 -13.06 4.36 60.14
CA LYS C 699 -13.60 3.18 59.47
C LYS C 699 -14.48 2.39 60.45
N ARG C 700 -14.04 2.29 61.71
CA ARG C 700 -14.80 1.61 62.73
C ARG C 700 -16.19 2.24 62.86
N ILE C 701 -16.23 3.58 62.79
CA ILE C 701 -17.46 4.33 62.92
C ILE C 701 -18.41 3.98 61.78
N VAL C 702 -17.90 3.97 60.54
CA VAL C 702 -18.72 3.63 59.38
C VAL C 702 -19.33 2.24 59.60
N LYS C 703 -18.50 1.31 60.10
CA LYS C 703 -18.92 -0.05 60.37
C LYS C 703 -20.04 -0.06 61.40
N PHE C 704 -19.87 0.75 62.45
CA PHE C 704 -20.85 0.85 63.51
C PHE C 704 -22.19 1.27 62.92
N ILE C 705 -22.17 2.38 62.16
CA ILE C 705 -23.39 2.96 61.61
C ILE C 705 -24.13 1.90 60.80
N THR C 706 -23.40 1.18 59.95
CA THR C 706 -24.02 0.19 59.07
C THR C 706 -24.63 -0.94 59.90
N ASP C 707 -23.97 -1.29 61.02
CA ASP C 707 -24.46 -2.33 61.91
C ASP C 707 -25.72 -1.87 62.64
N VAL C 708 -25.71 -0.64 63.15
CA VAL C 708 -26.88 -0.07 63.80
C VAL C 708 -28.06 -0.19 62.83
N GLY C 709 -27.88 0.31 61.61
CA GLY C 709 -28.89 0.22 60.57
C GLY C 709 -29.37 -1.22 60.37
N ALA C 710 -28.43 -2.17 60.36
CA ALA C 710 -28.72 -3.57 60.09
C ALA C 710 -29.78 -4.10 61.06
N THR C 711 -29.63 -3.78 62.36
CA THR C 711 -30.55 -4.24 63.38
C THR C 711 -31.86 -3.45 63.29
N ILE C 712 -31.76 -2.12 63.38
CA ILE C 712 -32.93 -1.25 63.44
C ILE C 712 -33.85 -1.53 62.26
N ASN C 713 -33.28 -1.57 61.05
CA ASN C 713 -34.05 -1.62 59.82
C ASN C 713 -34.78 -2.95 59.68
N HIS C 714 -34.33 -3.98 60.41
CA HIS C 714 -34.93 -5.30 60.35
C HIS C 714 -35.67 -5.64 61.64
N ASP C 715 -35.70 -4.72 62.62
CA ASP C 715 -36.42 -4.94 63.86
C ASP C 715 -37.91 -4.68 63.64
N PRO C 716 -38.79 -5.70 63.74
CA PRO C 716 -40.20 -5.55 63.35
C PRO C 716 -41.03 -4.66 64.29
N GLU C 717 -40.51 -4.41 65.50
CA GLU C 717 -41.19 -3.54 66.45
C GLU C 717 -40.90 -2.07 66.13
N ILE C 718 -39.95 -1.81 65.23
CA ILE C 718 -39.59 -0.46 64.84
C ILE C 718 -40.30 -0.09 63.54
N GLY C 719 -40.38 -1.04 62.60
CA GLY C 719 -41.03 -0.80 61.32
C GLY C 719 -40.50 0.46 60.64
N ASP C 720 -41.42 1.28 60.11
CA ASP C 720 -41.08 2.51 59.42
C ASP C 720 -41.13 3.71 60.37
N LEU C 721 -40.71 3.51 61.61
CA LEU C 721 -40.64 4.58 62.58
C LEU C 721 -39.21 5.13 62.59
N LEU C 722 -38.25 4.23 62.35
CA LEU C 722 -36.85 4.61 62.30
C LEU C 722 -36.14 3.72 61.28
N LYS C 723 -35.38 4.37 60.38
CA LYS C 723 -34.44 3.71 59.49
C LYS C 723 -33.09 4.44 59.56
N VAL C 724 -32.00 3.67 59.54
CA VAL C 724 -30.66 4.21 59.52
C VAL C 724 -29.92 3.61 58.32
N VAL C 725 -29.52 4.47 57.37
CA VAL C 725 -28.82 4.03 56.18
C VAL C 725 -27.51 4.80 56.04
N PHE C 726 -26.49 4.13 55.50
CA PHE C 726 -25.24 4.78 55.13
C PHE C 726 -25.10 4.72 53.61
N VAL C 727 -25.33 5.85 52.94
CA VAL C 727 -25.26 5.92 51.49
C VAL C 727 -23.79 5.81 51.07
N PRO C 728 -23.46 4.84 50.20
CA PRO C 728 -22.07 4.67 49.74
C PRO C 728 -21.69 5.69 48.66
N ASP C 729 -20.43 6.11 48.70
CA ASP C 729 -19.81 6.86 47.62
C ASP C 729 -20.43 8.24 47.50
N TYR C 730 -20.51 8.94 48.64
CA TYR C 730 -21.03 10.29 48.67
C TYR C 730 -20.19 11.15 47.72
N ASN C 731 -20.86 11.84 46.80
CA ASN C 731 -20.23 12.72 45.83
C ASN C 731 -21.25 13.77 45.41
N VAL C 732 -20.88 14.63 44.44
CA VAL C 732 -21.71 15.76 44.05
C VAL C 732 -23.08 15.26 43.62
N SER C 733 -23.11 14.17 42.83
CA SER C 733 -24.37 13.64 42.32
C SER C 733 -25.27 13.19 43.48
N VAL C 734 -24.71 12.46 44.45
CA VAL C 734 -25.43 12.03 45.62
C VAL C 734 -26.01 13.25 46.34
N ALA C 735 -25.19 14.29 46.51
CA ALA C 735 -25.62 15.51 47.17
C ALA C 735 -26.78 16.15 46.42
N GLU C 736 -26.70 16.15 45.08
CA GLU C 736 -27.74 16.75 44.26
C GLU C 736 -29.07 16.01 44.45
N LEU C 737 -28.99 14.76 44.91
CA LEU C 737 -30.17 13.94 45.11
C LEU C 737 -30.72 14.11 46.52
N LEU C 738 -29.82 14.08 47.52
CA LEU C 738 -30.22 14.02 48.92
C LEU C 738 -30.66 15.39 49.42
N ILE C 739 -29.94 16.46 49.01
CA ILE C 739 -30.15 17.78 49.57
C ILE C 739 -31.58 18.25 49.28
N PRO C 740 -32.08 18.21 48.03
CA PRO C 740 -33.48 18.57 47.75
C PRO C 740 -34.53 17.84 48.58
N ALA C 741 -34.19 16.62 49.04
CA ALA C 741 -35.12 15.77 49.76
C ALA C 741 -34.92 15.84 51.26
N SER C 742 -34.03 16.72 51.71
CA SER C 742 -33.64 16.75 53.12
C SER C 742 -34.64 17.59 53.92
N ASP C 743 -34.99 17.10 55.12
CA ASP C 743 -35.85 17.84 56.04
C ASP C 743 -34.98 18.49 57.11
N LEU C 744 -34.09 17.70 57.71
CA LEU C 744 -33.13 18.17 58.70
C LEU C 744 -31.73 17.76 58.27
N SER C 745 -30.75 18.64 58.47
CA SER C 745 -29.35 18.34 58.14
C SER C 745 -28.47 18.65 59.34
N GLU C 746 -27.50 17.76 59.61
CA GLU C 746 -26.70 17.83 60.82
C GLU C 746 -25.30 18.35 60.51
N HIS C 747 -24.91 19.40 61.25
CA HIS C 747 -23.61 20.04 61.11
C HIS C 747 -23.02 20.24 62.50
N ILE C 748 -22.57 19.14 63.11
CA ILE C 748 -22.45 19.03 64.55
C ILE C 748 -21.00 18.82 64.98
N SER C 749 -20.06 19.45 64.27
CA SER C 749 -18.65 19.37 64.61
C SER C 749 -18.42 20.07 65.96
N THR C 750 -17.40 19.61 66.70
CA THR C 750 -16.97 20.27 67.93
C THR C 750 -16.77 21.75 67.62
N ALA C 751 -17.36 22.61 68.46
CA ALA C 751 -17.44 24.04 68.19
C ALA C 751 -16.03 24.63 68.03
N GLY C 752 -15.92 25.61 67.12
CA GLY C 752 -14.68 26.33 66.90
C GLY C 752 -13.82 25.72 65.78
N MET C 753 -14.04 24.44 65.45
CA MET C 753 -13.12 23.71 64.60
C MET C 753 -13.27 24.11 63.12
N GLU C 754 -14.52 24.24 62.65
CA GLU C 754 -14.80 24.47 61.24
C GLU C 754 -14.58 25.94 60.89
N ALA C 755 -14.03 26.19 59.70
CA ALA C 755 -13.84 27.55 59.20
C ALA C 755 -15.15 28.08 58.63
N SER C 756 -15.78 27.30 57.74
CA SER C 756 -17.02 27.70 57.08
C SER C 756 -17.94 26.49 56.92
N GLY C 757 -17.70 25.67 55.89
CA GLY C 757 -18.66 24.66 55.45
C GLY C 757 -19.56 25.23 54.36
N THR C 758 -19.92 24.39 53.38
CA THR C 758 -20.72 24.86 52.25
C THR C 758 -21.98 24.02 52.09
N SER C 759 -21.94 22.74 52.49
CA SER C 759 -23.10 21.87 52.34
C SER C 759 -24.29 22.47 53.08
N ASN C 760 -24.03 23.04 54.26
CA ASN C 760 -25.05 23.70 55.06
C ASN C 760 -25.74 24.80 54.24
N MET C 761 -24.98 25.53 53.42
CA MET C 761 -25.55 26.61 52.62
C MET C 761 -26.48 26.03 51.55
N PHE C 763 -28.06 23.00 51.84
CA PHE C 763 -29.26 22.54 52.60
C PHE C 763 -30.24 23.70 52.78
N ALA C 764 -29.75 24.83 53.29
CA ALA C 764 -30.59 25.98 53.58
C ALA C 764 -31.34 26.42 52.32
N MET C 765 -30.63 26.48 51.20
CA MET C 765 -31.20 26.90 49.93
C MET C 765 -32.38 26.01 49.51
N ASN C 766 -32.32 24.71 49.87
CA ASN C 766 -33.35 23.77 49.49
C ASN C 766 -34.44 23.64 50.57
N GLY C 767 -34.42 24.53 51.57
CA GLY C 767 -35.46 24.56 52.59
C GLY C 767 -35.24 23.51 53.67
N CYS C 768 -34.01 23.00 53.76
CA CYS C 768 -33.66 22.11 54.86
C CYS C 768 -33.49 22.97 56.12
N ILE C 769 -33.87 22.38 57.26
CA ILE C 769 -33.64 23.00 58.56
C ILE C 769 -32.38 22.34 59.14
N GLN C 770 -31.50 23.16 59.73
CA GLN C 770 -30.20 22.69 60.18
C GLN C 770 -30.21 22.53 61.71
N ILE C 771 -29.72 21.38 62.19
CA ILE C 771 -29.29 21.21 63.57
C ILE C 771 -27.76 21.20 63.57
N GLY C 772 -27.15 22.07 64.39
CA GLY C 772 -25.70 22.15 64.44
C GLY C 772 -25.20 22.97 65.62
N THR C 773 -23.87 22.96 65.80
CA THR C 773 -23.21 23.74 66.83
C THR C 773 -22.99 25.15 66.30
N LEU C 774 -22.71 26.07 67.23
CA LEU C 774 -22.32 27.42 66.89
C LEU C 774 -20.90 27.39 66.35
N ASP C 775 -20.75 27.10 65.05
CA ASP C 775 -19.43 26.92 64.47
C ASP C 775 -19.47 27.11 62.95
N GLY C 776 -18.40 27.72 62.43
CA GLY C 776 -18.27 27.96 61.00
C GLY C 776 -19.44 28.77 60.46
N ALA C 777 -19.95 28.33 59.30
CA ALA C 777 -21.00 29.06 58.59
C ALA C 777 -22.35 28.93 59.29
N ASN C 778 -22.50 27.92 60.16
CA ASN C 778 -23.70 27.76 60.97
C ASN C 778 -24.12 29.11 61.56
N VAL C 779 -23.13 29.91 61.98
CA VAL C 779 -23.38 31.19 62.64
C VAL C 779 -24.07 32.12 61.65
N GLU C 780 -23.45 32.35 60.49
CA GLU C 780 -23.95 33.32 59.52
C GLU C 780 -25.29 32.86 58.95
N ILE C 781 -25.45 31.54 58.76
CA ILE C 781 -26.70 30.97 58.27
C ILE C 781 -27.80 31.25 59.29
N ARG C 782 -27.58 30.77 60.52
CA ARG C 782 -28.51 30.93 61.63
C ARG C 782 -28.99 32.38 61.72
N GLU C 783 -28.05 33.32 61.61
CA GLU C 783 -28.36 34.74 61.61
C GLU C 783 -29.34 35.07 60.48
N GLU C 784 -29.00 34.68 59.25
CA GLU C 784 -29.70 35.15 58.07
C GLU C 784 -31.08 34.52 57.95
N VAL C 785 -31.21 33.25 58.35
CA VAL C 785 -32.48 32.53 58.23
C VAL C 785 -33.37 32.88 59.42
N GLY C 786 -32.75 33.17 60.57
CA GLY C 786 -33.48 33.42 61.80
C GLY C 786 -33.23 32.32 62.83
N GLU C 787 -32.93 32.74 64.07
CA GLU C 787 -32.56 31.84 65.15
C GLU C 787 -33.67 30.84 65.44
N GLU C 788 -34.93 31.23 65.17
CA GLU C 788 -36.07 30.38 65.43
C GLU C 788 -36.18 29.28 64.36
N ASN C 789 -35.45 29.40 63.25
CA ASN C 789 -35.47 28.42 62.17
C ASN C 789 -34.13 27.70 62.06
N PHE C 790 -33.50 27.47 63.22
CA PHE C 790 -32.27 26.70 63.32
C PHE C 790 -32.25 26.03 64.70
N PHE C 791 -31.72 24.81 64.76
CA PHE C 791 -31.60 24.09 66.01
C PHE C 791 -30.15 24.14 66.50
N LEU C 792 -29.88 25.01 67.49
CA LEU C 792 -28.56 25.15 68.08
C LEU C 792 -28.47 24.26 69.32
N PHE C 793 -27.27 23.71 69.59
CA PHE C 793 -27.00 22.99 70.82
C PHE C 793 -25.50 22.98 71.11
N GLY C 794 -25.14 22.46 72.29
CA GLY C 794 -23.77 22.11 72.63
C GLY C 794 -22.91 23.33 72.99
N ALA C 795 -21.70 23.04 73.50
CA ALA C 795 -20.74 24.02 73.96
C ALA C 795 -20.30 24.94 72.82
N GLN C 796 -19.47 25.95 73.15
CA GLN C 796 -19.10 26.97 72.20
C GLN C 796 -17.57 27.15 72.16
N ALA C 797 -17.13 27.98 71.21
CA ALA C 797 -15.72 28.16 70.88
C ALA C 797 -14.92 28.61 72.11
N HIS C 798 -15.49 29.54 72.88
CA HIS C 798 -14.81 30.08 74.05
C HIS C 798 -14.63 28.99 75.11
N GLU C 799 -15.63 28.09 75.23
CA GLU C 799 -15.69 27.13 76.31
C GLU C 799 -14.60 26.06 76.18
N ILE C 800 -14.34 25.59 74.95
CA ILE C 800 -13.65 24.34 74.70
C ILE C 800 -12.45 24.12 75.64
N ALA C 801 -11.51 25.08 75.67
CA ALA C 801 -10.23 24.88 76.34
C ALA C 801 -10.47 24.52 77.81
N GLY C 802 -11.42 25.23 78.43
CA GLY C 802 -11.84 24.97 79.81
C GLY C 802 -12.34 23.54 79.99
N LEU C 803 -13.12 23.03 79.02
CA LEU C 803 -13.78 21.73 79.15
C LEU C 803 -12.78 20.59 78.95
N ARG C 804 -11.70 20.87 78.20
CA ARG C 804 -10.60 19.92 78.07
C ARG C 804 -9.79 19.93 79.36
N LYS C 805 -9.66 21.11 79.97
CA LYS C 805 -9.01 21.26 81.26
C LYS C 805 -9.86 20.63 82.37
N GLU C 806 -11.16 20.46 82.12
CA GLU C 806 -12.04 19.72 83.01
C GLU C 806 -11.77 18.22 83.00
N ARG C 807 -11.69 17.63 81.81
CA ARG C 807 -11.52 16.18 81.69
C ARG C 807 -10.18 15.78 82.32
N ALA C 808 -9.11 16.44 81.84
CA ALA C 808 -7.85 16.49 82.56
C ALA C 808 -8.12 17.16 83.91
N ASP C 809 -7.32 16.82 84.92
CA ASP C 809 -7.60 17.17 86.31
C ASP C 809 -8.58 16.15 86.90
N GLY C 810 -9.57 15.74 86.08
CA GLY C 810 -10.38 14.57 86.37
C GLY C 810 -11.73 14.96 86.99
N LYS C 811 -12.34 16.01 86.44
CA LYS C 811 -13.54 16.60 87.01
C LYS C 811 -14.79 16.20 86.23
N PHE C 812 -14.67 16.05 84.90
CA PHE C 812 -15.84 15.82 84.06
C PHE C 812 -16.65 14.63 84.58
N VAL C 813 -17.97 14.83 84.67
CA VAL C 813 -18.91 13.78 85.02
C VAL C 813 -19.79 13.50 83.82
N PRO C 814 -19.87 12.24 83.33
CA PRO C 814 -20.79 11.89 82.23
C PRO C 814 -22.25 11.80 82.68
N ASP C 815 -23.15 12.14 81.75
CA ASP C 815 -24.57 11.94 81.90
C ASP C 815 -24.86 10.44 81.92
N GLU C 816 -25.94 10.04 82.59
CA GLU C 816 -26.26 8.63 82.80
C GLU C 816 -26.80 8.02 81.51
N ARG C 817 -27.44 8.83 80.66
CA ARG C 817 -27.99 8.35 79.41
C ARG C 817 -26.86 8.00 78.44
N PHE C 818 -25.77 8.76 78.49
CA PHE C 818 -24.59 8.51 77.67
C PHE C 818 -23.97 7.17 78.06
N GLU C 819 -23.83 6.94 79.37
CA GLU C 819 -23.31 5.69 79.89
C GLU C 819 -24.24 4.54 79.50
N GLU C 820 -25.54 4.83 79.43
CA GLU C 820 -26.56 3.87 79.06
C GLU C 820 -26.35 3.40 77.62
N VAL C 821 -25.97 4.33 76.72
CA VAL C 821 -25.71 4.00 75.33
C VAL C 821 -24.50 3.08 75.26
N LYS C 822 -23.41 3.49 75.91
CA LYS C 822 -22.16 2.75 75.89
C LYS C 822 -22.37 1.31 76.36
N GLU C 823 -23.13 1.14 77.45
CA GLU C 823 -23.38 -0.17 78.01
C GLU C 823 -24.28 -0.99 77.08
N PHE C 824 -25.20 -0.32 76.38
CA PHE C 824 -26.10 -0.97 75.45
C PHE C 824 -25.32 -1.53 74.26
N VAL C 825 -24.27 -0.79 73.83
CA VAL C 825 -23.37 -1.23 72.79
C VAL C 825 -22.63 -2.49 73.27
N ARG C 826 -21.97 -2.39 74.42
CA ARG C 826 -21.16 -3.47 74.98
C ARG C 826 -21.99 -4.74 75.15
N SER C 827 -23.31 -4.59 75.34
CA SER C 827 -24.21 -5.72 75.52
C SER C 827 -24.15 -6.67 74.32
N GLY C 828 -23.74 -6.15 73.15
CA GLY C 828 -23.71 -6.92 71.92
C GLY C 828 -24.92 -6.63 71.04
N ALA C 829 -25.71 -5.63 71.44
CA ALA C 829 -27.02 -5.34 70.86
C ALA C 829 -26.99 -5.35 69.34
N PHE C 830 -25.96 -4.72 68.75
CA PHE C 830 -25.94 -4.49 67.32
C PHE C 830 -25.01 -5.47 66.61
N GLY C 831 -24.10 -6.09 67.37
CA GLY C 831 -22.89 -6.60 66.74
C GLY C 831 -22.31 -7.81 67.45
N SER C 832 -22.09 -8.87 66.66
CA SER C 832 -20.97 -9.78 66.88
C SER C 832 -19.68 -8.97 66.92
N TYR C 833 -19.59 -7.96 66.05
CA TYR C 833 -18.44 -7.08 65.96
C TYR C 833 -18.21 -6.44 67.32
N ASN C 834 -16.92 -6.29 67.66
CA ASN C 834 -16.49 -5.74 68.92
C ASN C 834 -16.26 -4.26 68.72
N TYR C 835 -16.80 -3.44 69.63
CA TYR C 835 -16.65 -1.99 69.56
C TYR C 835 -16.00 -1.47 70.84
N ASP C 836 -15.20 -2.31 71.50
CA ASP C 836 -14.56 -1.93 72.76
C ASP C 836 -13.54 -0.82 72.49
N ASP C 837 -12.80 -0.93 71.38
CA ASP C 837 -11.78 0.05 71.06
C ASP C 837 -12.42 1.34 70.57
N LEU C 838 -13.69 1.27 70.15
CA LEU C 838 -14.47 2.44 69.75
C LEU C 838 -14.86 3.24 70.99
N ILE C 839 -15.57 2.57 71.92
CA ILE C 839 -15.96 3.17 73.18
C ILE C 839 -14.71 3.63 73.93
N GLY C 840 -13.62 2.86 73.79
CA GLY C 840 -12.34 3.17 74.43
C GLY C 840 -11.90 4.62 74.20
N SER C 841 -12.13 5.15 72.99
CA SER C 841 -11.71 6.49 72.63
C SER C 841 -12.41 7.54 73.49
N LEU C 842 -13.58 7.17 74.05
CA LEU C 842 -14.41 8.09 74.81
C LEU C 842 -14.05 8.09 76.30
N GLU C 843 -13.25 7.11 76.74
CA GLU C 843 -12.96 6.92 78.16
C GLU C 843 -11.56 7.42 78.49
N GLY C 844 -11.25 7.49 79.79
CA GLY C 844 -9.97 8.01 80.28
C GLY C 844 -9.97 9.53 80.36
N ASN C 845 -8.85 10.11 80.81
CA ASN C 845 -8.72 11.56 80.93
C ASN C 845 -7.44 12.07 80.25
N GLU C 846 -6.61 11.15 79.73
CA GLU C 846 -5.38 11.49 79.02
C GLU C 846 -5.11 10.43 77.97
N GLY C 847 -4.18 10.73 77.04
CA GLY C 847 -3.74 9.78 76.04
C GLY C 847 -4.23 10.17 74.64
N PHE C 848 -3.44 9.82 73.63
CA PHE C 848 -3.55 10.40 72.29
C PHE C 848 -4.87 10.01 71.61
N GLY C 849 -5.25 8.73 71.68
CA GLY C 849 -6.43 8.27 70.98
C GLY C 849 -7.61 8.07 71.93
N ARG C 850 -7.70 8.91 72.97
CA ARG C 850 -8.54 8.59 74.12
C ARG C 850 -8.96 9.88 74.83
N ALA C 851 -9.87 9.72 75.80
CA ALA C 851 -10.38 10.79 76.64
C ALA C 851 -11.28 11.73 75.86
N ASP C 852 -12.15 11.17 75.02
CA ASP C 852 -13.24 11.87 74.35
C ASP C 852 -12.85 13.32 74.04
N TYR C 853 -11.80 13.47 73.22
CA TYR C 853 -11.22 14.78 72.96
C TYR C 853 -12.27 15.72 72.36
N PHE C 854 -13.21 15.16 71.58
CA PHE C 854 -14.14 15.97 70.80
C PHE C 854 -15.48 16.13 71.52
N LEU C 855 -15.54 15.74 72.79
CA LEU C 855 -16.62 16.12 73.69
C LEU C 855 -17.96 15.60 73.18
N VAL C 856 -17.98 14.34 72.74
CA VAL C 856 -19.23 13.67 72.39
C VAL C 856 -20.06 13.51 73.65
N GLY C 857 -19.41 13.10 74.74
CA GLY C 857 -20.05 12.91 76.03
C GLY C 857 -20.65 14.21 76.56
N LYS C 858 -19.85 15.28 76.56
CA LYS C 858 -20.26 16.55 77.13
C LYS C 858 -21.48 17.09 76.39
N ASP C 859 -21.47 17.03 75.05
CA ASP C 859 -22.52 17.65 74.26
C ASP C 859 -23.71 16.71 74.08
N PHE C 860 -23.53 15.43 74.45
CA PHE C 860 -24.57 14.42 74.27
C PHE C 860 -25.90 14.91 74.86
N PRO C 861 -25.94 15.41 76.12
CA PRO C 861 -27.19 15.88 76.71
C PRO C 861 -27.92 16.93 75.87
N SER C 862 -27.27 18.08 75.63
CA SER C 862 -27.90 19.17 74.89
C SER C 862 -28.36 18.67 73.53
N TYR C 863 -27.62 17.72 72.95
CA TYR C 863 -27.92 17.19 71.63
C TYR C 863 -29.27 16.46 71.66
N ILE C 864 -29.41 15.41 72.49
CA ILE C 864 -30.62 14.59 72.43
C ILE C 864 -31.82 15.43 72.87
N GLU C 865 -31.56 16.41 73.75
CA GLU C 865 -32.57 17.36 74.19
C GLU C 865 -33.05 18.15 72.97
N CYS C 866 -32.07 18.66 72.19
CA CYS C 866 -32.35 19.45 71.01
C CYS C 866 -33.16 18.65 69.99
N GLN C 867 -32.87 17.35 69.89
CA GLN C 867 -33.55 16.48 68.94
C GLN C 867 -35.01 16.27 69.34
N GLU C 868 -35.28 16.25 70.65
CA GLU C 868 -36.65 16.20 71.15
C GLU C 868 -37.41 17.43 70.65
N LYS C 869 -36.74 18.58 70.62
CA LYS C 869 -37.34 19.81 70.12
C LYS C 869 -37.64 19.67 68.63
N VAL C 870 -36.73 19.05 67.89
CA VAL C 870 -36.93 18.77 66.47
C VAL C 870 -38.22 17.96 66.31
N ASP C 871 -38.32 16.87 67.10
CA ASP C 871 -39.52 16.05 67.13
C ASP C 871 -40.77 16.92 67.24
N GLU C 872 -40.77 17.83 68.22
CA GLU C 872 -41.93 18.68 68.48
C GLU C 872 -42.26 19.52 67.24
N ALA C 873 -41.25 20.20 66.70
CA ALA C 873 -41.43 21.10 65.57
C ALA C 873 -41.99 20.37 64.36
N TYR C 874 -41.53 19.13 64.16
CA TYR C 874 -41.92 18.34 63.01
C TYR C 874 -43.40 17.97 63.09
N ARG C 875 -43.91 17.80 64.32
CA ARG C 875 -45.30 17.46 64.57
C ARG C 875 -46.21 18.61 64.17
N ASP C 876 -45.70 19.85 64.28
CA ASP C 876 -46.45 21.04 63.90
C ASP C 876 -46.09 21.43 62.45
N GLN C 877 -46.76 20.80 61.47
CA GLN C 877 -46.36 20.91 60.08
C GLN C 877 -46.48 22.35 59.57
N LYS C 878 -47.39 23.15 60.15
CA LYS C 878 -47.51 24.54 59.76
C LYS C 878 -46.26 25.29 60.18
N ARG C 879 -45.82 25.06 61.43
CA ARG C 879 -44.61 25.67 61.96
C ARG C 879 -43.41 25.21 61.14
N TRP C 880 -43.27 23.89 61.00
CA TRP C 880 -42.13 23.27 60.34
C TRP C 880 -41.95 23.81 58.92
N THR C 881 -43.05 23.92 58.17
CA THR C 881 -43.00 24.37 56.79
C THR C 881 -42.57 25.84 56.75
N THR C 882 -43.06 26.65 57.69
CA THR C 882 -42.67 28.05 57.74
C THR C 882 -41.15 28.15 57.90
N MET C 883 -40.59 27.29 58.76
CA MET C 883 -39.15 27.29 59.03
C MET C 883 -38.40 26.95 57.75
N SER C 884 -38.83 25.87 57.08
CA SER C 884 -38.30 25.47 55.80
C SER C 884 -38.28 26.64 54.82
N ILE C 885 -39.42 27.34 54.69
CA ILE C 885 -39.55 28.42 53.71
C ILE C 885 -38.59 29.55 54.07
N LEU C 886 -38.39 29.80 55.36
CA LEU C 886 -37.57 30.91 55.81
C LEU C 886 -36.09 30.59 55.60
N ASN C 887 -35.73 29.29 55.61
CA ASN C 887 -34.37 28.86 55.34
C ASN C 887 -33.99 29.19 53.89
N THR C 888 -34.91 28.93 52.95
CA THR C 888 -34.68 29.23 51.54
C THR C 888 -34.68 30.74 51.34
N ALA C 889 -35.55 31.44 52.07
CA ALA C 889 -35.74 32.88 51.91
C ALA C 889 -34.52 33.65 52.42
N GLY C 890 -33.77 33.06 53.37
CA GLY C 890 -32.64 33.72 54.00
C GLY C 890 -31.30 33.17 53.54
N SER C 891 -31.28 32.46 52.41
CA SER C 891 -30.08 31.78 51.94
C SER C 891 -29.32 32.62 50.92
N TYR C 892 -29.97 33.67 50.39
CA TYR C 892 -29.57 34.29 49.14
C TYR C 892 -28.15 34.85 49.19
N LYS C 893 -27.65 35.23 50.37
CA LYS C 893 -26.33 35.82 50.47
C LYS C 893 -25.22 34.77 50.36
N PHE C 894 -25.60 33.49 50.41
CA PHE C 894 -24.62 32.42 50.24
C PHE C 894 -24.53 31.97 48.78
N SER C 895 -25.05 32.79 47.85
CA SER C 895 -24.78 32.62 46.44
C SER C 895 -23.29 32.88 46.18
N SER C 896 -22.66 31.99 45.42
CA SER C 896 -21.26 32.15 45.05
C SER C 896 -21.08 33.36 44.13
N ASP C 897 -22.17 33.86 43.54
CA ASP C 897 -22.12 35.07 42.75
C ASP C 897 -21.71 36.26 43.62
N ARG C 898 -22.24 36.30 44.85
CA ARG C 898 -21.90 37.34 45.79
C ARG C 898 -20.40 37.23 46.13
N THR C 899 -19.95 36.01 46.43
CA THR C 899 -18.56 35.78 46.82
C THR C 899 -17.62 36.24 45.71
N ILE C 900 -17.97 35.94 44.45
CA ILE C 900 -17.07 36.16 43.33
C ILE C 900 -17.08 37.64 42.93
N HIS C 901 -18.24 38.30 43.02
CA HIS C 901 -18.30 39.75 42.86
C HIS C 901 -17.28 40.40 43.79
N GLU C 902 -17.19 39.87 45.01
CA GLU C 902 -16.30 40.40 46.03
C GLU C 902 -14.84 40.16 45.63
N TYR C 903 -14.48 38.91 45.33
CA TYR C 903 -13.13 38.58 44.90
C TYR C 903 -12.76 39.44 43.69
N ALA C 904 -13.69 39.57 42.75
CA ALA C 904 -13.45 40.24 41.48
C ALA C 904 -13.06 41.71 41.69
N LYS C 905 -13.73 42.37 42.64
CA LYS C 905 -13.60 43.80 42.81
C LYS C 905 -12.51 44.13 43.83
N ASP C 906 -12.36 43.30 44.86
CA ASP C 906 -11.60 43.66 46.05
C ASP C 906 -10.24 42.96 46.10
N ILE C 907 -9.99 41.96 45.24
CA ILE C 907 -8.68 41.32 45.21
C ILE C 907 -8.11 41.37 43.79
N TRP C 908 -8.82 40.78 42.81
CA TRP C 908 -8.26 40.57 41.49
C TRP C 908 -8.34 41.85 40.66
N ASN C 909 -9.38 42.65 40.90
CA ASN C 909 -9.60 43.88 40.13
C ASN C 909 -9.79 43.51 38.66
N ILE C 910 -10.84 42.74 38.37
CA ILE C 910 -11.20 42.40 37.01
C ILE C 910 -12.63 42.86 36.76
N GLU C 911 -12.94 43.12 35.49
CA GLU C 911 -14.22 43.69 35.10
C GLU C 911 -14.92 42.72 34.15
N ALA C 912 -16.25 42.63 34.25
CA ALA C 912 -17.05 41.82 33.36
C ALA C 912 -16.73 42.11 31.90
N VAL C 913 -16.90 41.10 31.03
CA VAL C 913 -16.67 41.23 29.60
C VAL C 913 -17.85 40.57 28.88
N GLU C 914 -18.50 41.33 27.99
CA GLU C 914 -19.64 40.84 27.25
C GLU C 914 -19.16 40.06 26.04
N ILE C 915 -19.80 38.89 25.79
CA ILE C 915 -19.61 38.10 24.58
C ILE C 915 -20.94 38.12 23.82
N ALA C 916 -21.08 39.06 22.88
CA ALA C 916 -22.30 39.19 22.09
C ALA C 916 -22.57 37.91 21.30
#